data_7U4P
# 
_entry.id   7U4P 
# 
_audit_conform.dict_name       mmcif_pdbx.dic 
_audit_conform.dict_version    5.388 
_audit_conform.dict_location   http://mmcif.pdb.org/dictionaries/ascii/mmcif_pdbx.dic 
# 
loop_
_database_2.database_id 
_database_2.database_code 
_database_2.pdbx_database_accession 
_database_2.pdbx_DOI 
PDB   7U4P         pdb_00007u4p 10.2210/pdb7u4p/pdb 
WWPDB D_1000263523 ?            ?                   
# 
loop_
_pdbx_audit_revision_history.ordinal 
_pdbx_audit_revision_history.data_content_type 
_pdbx_audit_revision_history.major_revision 
_pdbx_audit_revision_history.minor_revision 
_pdbx_audit_revision_history.revision_date 
1 'Structure model' 1 0 2023-03-15 
2 'Structure model' 1 1 2023-10-25 
3 'Structure model' 1 2 2024-03-27 
# 
_pdbx_audit_revision_details.ordinal             1 
_pdbx_audit_revision_details.revision_ordinal    1 
_pdbx_audit_revision_details.data_content_type   'Structure model' 
_pdbx_audit_revision_details.provider            repository 
_pdbx_audit_revision_details.type                'Initial release' 
_pdbx_audit_revision_details.description         ? 
_pdbx_audit_revision_details.details             ? 
# 
loop_
_pdbx_audit_revision_group.ordinal 
_pdbx_audit_revision_group.revision_ordinal 
_pdbx_audit_revision_group.data_content_type 
_pdbx_audit_revision_group.group 
1 2 'Structure model' 'Data collection'        
2 2 'Structure model' 'Refinement description' 
3 3 'Structure model' 'Database references'    
# 
loop_
_pdbx_audit_revision_category.ordinal 
_pdbx_audit_revision_category.revision_ordinal 
_pdbx_audit_revision_category.data_content_type 
_pdbx_audit_revision_category.category 
1 2 'Structure model' chem_comp_atom                
2 2 'Structure model' chem_comp_bond                
3 2 'Structure model' pdbx_initial_refinement_model 
4 3 'Structure model' citation                      
5 3 'Structure model' citation_author               
# 
loop_
_pdbx_audit_revision_item.ordinal 
_pdbx_audit_revision_item.revision_ordinal 
_pdbx_audit_revision_item.data_content_type 
_pdbx_audit_revision_item.item 
1  3 'Structure model' '_citation.country'                 
2  3 'Structure model' '_citation.journal_abbrev'          
3  3 'Structure model' '_citation.journal_id_CSD'          
4  3 'Structure model' '_citation.journal_id_ISSN'         
5  3 'Structure model' '_citation.journal_volume'          
6  3 'Structure model' '_citation.page_first'              
7  3 'Structure model' '_citation.page_last'               
8  3 'Structure model' '_citation.pdbx_database_id_DOI'    
9  3 'Structure model' '_citation.pdbx_database_id_PubMed' 
10 3 'Structure model' '_citation.title'                   
11 3 'Structure model' '_citation.year'                    
# 
_pdbx_database_status.status_code                     REL 
_pdbx_database_status.status_code_sf                  REL 
_pdbx_database_status.status_code_mr                  ? 
_pdbx_database_status.entry_id                        7U4P 
_pdbx_database_status.recvd_initial_deposition_date   2022-02-28 
_pdbx_database_status.SG_entry                        N 
_pdbx_database_status.deposit_site                    RCSB 
_pdbx_database_status.process_site                    RCSB 
_pdbx_database_status.status_code_cs                  ? 
_pdbx_database_status.status_code_nmr_data            ? 
_pdbx_database_status.methods_development_category    ? 
_pdbx_database_status.pdb_format_compatible           N 
# 
_pdbx_contact_author.id                 3 
_pdbx_contact_author.email              jsnowick@uci.edu 
_pdbx_contact_author.name_first         James 
_pdbx_contact_author.name_last          Nowick 
_pdbx_contact_author.name_mi            S 
_pdbx_contact_author.role               'principal investigator/group leader' 
_pdbx_contact_author.identifier_ORCID   0000-0002-2273-1029 
# 
loop_
_audit_author.name 
_audit_author.pdbx_ordinal 
_audit_author.identifier_ORCID 
'Kreutzer, A.G.'      1 0000-0002-9724-6298 
'Haerianardakani, S.' 2 0000-0003-1539-2345 
'Nowick, J.S.'        3 0000-0002-2273-1029 
# 
_citation.abstract                  ? 
_citation.abstract_id_CAS           ? 
_citation.book_id_ISBN              ? 
_citation.book_publisher            ? 
_citation.book_publisher_city       ? 
_citation.book_title                ? 
_citation.coordinate_linkage        ? 
_citation.country                   US 
_citation.database_id_Medline       ? 
_citation.details                   ? 
_citation.id                        primary 
_citation.journal_abbrev            'Acs Cent.Sci.' 
_citation.journal_id_ASTM           ? 
_citation.journal_id_CSD            ? 
_citation.journal_id_ISSN           2374-7951 
_citation.journal_full              ? 
_citation.journal_issue             ? 
_citation.journal_volume            10 
_citation.language                  ? 
_citation.page_first                104 
_citation.page_last                 121 
_citation.title                     
;Antibodies Raised Against an A beta Oligomer Mimic Recognize Pathological Features in Alzheimer's Disease and Associated Amyloid-Disease Brain Tissue.
;
_citation.year                      2024 
_citation.database_id_CSD           ? 
_citation.pdbx_database_id_DOI      10.1021/acscentsci.3c00592 
_citation.pdbx_database_id_PubMed   38292607 
_citation.pdbx_database_id_patent   ? 
_citation.unpublished_flag          ? 
# 
loop_
_citation_author.citation_id 
_citation_author.name 
_citation_author.ordinal 
_citation_author.identifier_ORCID 
primary 'Kreutzer, A.G.'      1  0000-0002-9724-6298 
primary 'Parrocha, C.M.T.'    2  0000-0002-6502-1297 
primary 'Haerianardakani, S.' 3  0000-0003-1539-2345 
primary 'Guaglianone, G.'     4  0000-0002-5189-2550 
primary 'Nguyen, J.T.'        5  ?                   
primary 'Diab, M.N.'          6  ?                   
primary 'Yong, W.'            7  ?                   
primary 'Perez-Rosendahl, M.' 8  ?                   
primary 'Head, E.'            9  ?                   
primary 'Nowick, J.S.'        10 0000-0002-2273-1029 
# 
loop_
_entity.id 
_entity.type 
_entity.src_method 
_entity.pdbx_description 
_entity.formula_weight 
_entity.pdbx_number_of_molecules 
_entity.pdbx_ec 
_entity.pdbx_mutation 
_entity.pdbx_fragment 
_entity.details 
1 polymer syn 'Amyloid-beta 17-36 peptide' 2214.628 3  ? ? ? ? 
2 water   nat water                        18.015   25 ? ? ? ? 
# 
_entity_name_com.entity_id   1 
_entity_name_com.name        'Amyloid-beta protein 40,Abeta40,Beta-APP40' 
# 
_entity_poly.entity_id                      1 
_entity_poly.type                           'polypeptide(L)' 
_entity_poly.nstd_linkage                   no 
_entity_poly.nstd_monomer                   yes 
_entity_poly.pdbx_seq_one_letter_code       '(ORN)CVF(MEA)CEDVGSNKGAIIGL(ORN)V' 
_entity_poly.pdbx_seq_one_letter_code_can   ACVFFCEDVGSNKGAIIGLAV 
_entity_poly.pdbx_strand_id                 A,B,C 
_entity_poly.pdbx_target_identifier         ? 
# 
_pdbx_entity_nonpoly.entity_id   2 
_pdbx_entity_nonpoly.name        water 
_pdbx_entity_nonpoly.comp_id     HOH 
# 
loop_
_entity_poly_seq.entity_id 
_entity_poly_seq.num 
_entity_poly_seq.mon_id 
_entity_poly_seq.hetero 
1 1  ORN n 
1 2  CYS n 
1 3  VAL n 
1 4  PHE n 
1 5  MEA n 
1 6  CYS n 
1 7  GLU n 
1 8  ASP n 
1 9  VAL n 
1 10 GLY n 
1 11 SER n 
1 12 ASN n 
1 13 LYS n 
1 14 GLY n 
1 15 ALA n 
1 16 ILE n 
1 17 ILE n 
1 18 GLY n 
1 19 LEU n 
1 20 ORN n 
1 21 VAL n 
# 
_pdbx_entity_src_syn.entity_id              1 
_pdbx_entity_src_syn.pdbx_src_id            1 
_pdbx_entity_src_syn.pdbx_alt_source_flag   sample 
_pdbx_entity_src_syn.pdbx_beg_seq_num       1 
_pdbx_entity_src_syn.pdbx_end_seq_num       21 
_pdbx_entity_src_syn.organism_scientific    'Homo sapiens' 
_pdbx_entity_src_syn.organism_common_name   human 
_pdbx_entity_src_syn.ncbi_taxonomy_id       9606 
_pdbx_entity_src_syn.details                ? 
# 
loop_
_chem_comp.id 
_chem_comp.type 
_chem_comp.mon_nstd_flag 
_chem_comp.name 
_chem_comp.pdbx_synonyms 
_chem_comp.formula 
_chem_comp.formula_weight 
ALA 'L-peptide linking' y ALANINE               ? 'C3 H7 N O2'     89.093  
ASN 'L-peptide linking' y ASPARAGINE            ? 'C4 H8 N2 O3'    132.118 
ASP 'L-peptide linking' y 'ASPARTIC ACID'       ? 'C4 H7 N O4'     133.103 
CYS 'L-peptide linking' y CYSTEINE              ? 'C3 H7 N O2 S'   121.158 
GLU 'L-peptide linking' y 'GLUTAMIC ACID'       ? 'C5 H9 N O4'     147.129 
GLY 'peptide linking'   y GLYCINE               ? 'C2 H5 N O2'     75.067  
HOH non-polymer         . WATER                 ? 'H2 O'           18.015  
ILE 'L-peptide linking' y ISOLEUCINE            ? 'C6 H13 N O2'    131.173 
LEU 'L-peptide linking' y LEUCINE               ? 'C6 H13 N O2'    131.173 
LYS 'L-peptide linking' y LYSINE                ? 'C6 H15 N2 O2 1' 147.195 
MEA 'L-peptide linking' n N-METHYLPHENYLALANINE ? 'C10 H13 N O2'   179.216 
MET 'L-peptide linking' y METHIONINE            ? 'C5 H11 N O2 S'  149.211 
ORN 'L-peptide linking' n L-ornithine           ? 'C5 H12 N2 O2'   132.161 
PHE 'L-peptide linking' y PHENYLALANINE         ? 'C9 H11 N O2'    165.189 
SER 'L-peptide linking' y SERINE                ? 'C3 H7 N O3'     105.093 
VAL 'L-peptide linking' y VALINE                ? 'C5 H11 N O2'    117.146 
# 
loop_
_pdbx_poly_seq_scheme.asym_id 
_pdbx_poly_seq_scheme.entity_id 
_pdbx_poly_seq_scheme.seq_id 
_pdbx_poly_seq_scheme.mon_id 
_pdbx_poly_seq_scheme.ndb_seq_num 
_pdbx_poly_seq_scheme.pdb_seq_num 
_pdbx_poly_seq_scheme.auth_seq_num 
_pdbx_poly_seq_scheme.pdb_mon_id 
_pdbx_poly_seq_scheme.auth_mon_id 
_pdbx_poly_seq_scheme.pdb_strand_id 
_pdbx_poly_seq_scheme.pdb_ins_code 
_pdbx_poly_seq_scheme.hetero 
A 1 1  ORN 1  1  1  ORN ORN A . n 
A 1 2  CYS 2  2  2  CYS CYS A . n 
A 1 3  VAL 3  3  3  VAL VAL A . n 
A 1 4  PHE 4  4  4  PHE PHE A . n 
A 1 5  MEA 5  5  5  MEA MEA A . n 
A 1 6  CYS 6  6  6  CYS CYS A . n 
A 1 7  GLU 7  7  7  GLU GLU A . n 
A 1 8  ASP 8  8  8  ASP ASP A . n 
A 1 9  VAL 9  9  9  VAL VAL A . n 
A 1 10 GLY 10 10 10 GLY GLY A . n 
A 1 11 SER 11 11 11 SER SER A . n 
A 1 12 ASN 12 12 12 ASN ASN A . n 
A 1 13 LYS 13 13 13 LYS LYS A . n 
A 1 14 GLY 14 14 14 GLY GLY A . n 
A 1 15 ALA 15 15 15 ALA ALA A . n 
A 1 16 ILE 16 16 16 ILE ILE A . n 
A 1 17 ILE 17 17 17 ILE ILE A . n 
A 1 18 GLY 18 18 18 GLY GLY A . n 
A 1 19 LEU 19 19 19 LEU LEU A . n 
A 1 20 ORN 20 20 20 ORN ORN A . n 
A 1 21 VAL 21 21 21 VAL VAL A . n 
B 1 1  ORN 1  1  1  ORN ORN B . n 
B 1 2  CYS 2  2  2  CYS CYS B . n 
B 1 3  VAL 3  3  3  VAL VAL B . n 
B 1 4  PHE 4  4  4  PHE PHE B . n 
B 1 5  MEA 5  5  5  MEA MEA B . n 
B 1 6  CYS 6  6  6  CYS CYS B . n 
B 1 7  GLU 7  7  7  GLU GLU B . n 
B 1 8  ASP 8  8  8  ASP ASP B . n 
B 1 9  VAL 9  9  9  VAL VAL B . n 
B 1 10 GLY 10 10 10 GLY GLY B . n 
B 1 11 SER 11 11 11 SER SER B . n 
B 1 12 ASN 12 12 12 ASN ASN B . n 
B 1 13 LYS 13 13 13 LYS LYS B . n 
B 1 14 GLY 14 14 14 GLY GLY B . n 
B 1 15 ALA 15 15 15 ALA ALA B . n 
B 1 16 ILE 16 16 16 ILE ILE B . n 
B 1 17 ILE 17 17 17 ILE ILE B . n 
B 1 18 GLY 18 18 18 GLY GLY B . n 
B 1 19 LEU 19 19 19 LEU LEU B . n 
B 1 20 ORN 20 20 20 ORN ORN B . n 
B 1 21 VAL 21 21 21 VAL VAL B . n 
C 1 1  ORN 1  1  1  ORN ORN C . n 
C 1 2  CYS 2  2  2  CYS CYS C . n 
C 1 3  VAL 3  3  3  VAL VAL C . n 
C 1 4  PHE 4  4  4  PHE PHE C . n 
C 1 5  MEA 5  5  5  MEA MEA C . n 
C 1 6  CYS 6  6  6  CYS CYS C . n 
C 1 7  GLU 7  7  7  GLU GLU C . n 
C 1 8  ASP 8  8  8  ASP ASP C . n 
C 1 9  VAL 9  9  9  VAL VAL C . n 
C 1 10 GLY 10 10 10 GLY GLY C . n 
C 1 11 SER 11 11 11 SER SER C . n 
C 1 12 ASN 12 12 12 ASN ASN C . n 
C 1 13 LYS 13 13 13 LYS LYS C . n 
C 1 14 GLY 14 14 14 GLY GLY C . n 
C 1 15 ALA 15 15 15 ALA ALA C . n 
C 1 16 ILE 16 16 16 ILE ILE C . n 
C 1 17 ILE 17 17 17 ILE ILE C . n 
C 1 18 GLY 18 18 18 GLY GLY C . n 
C 1 19 LEU 19 19 19 LEU LEU C . n 
C 1 20 ORN 20 20 20 ORN ORN C . n 
C 1 21 VAL 21 21 21 VAL VAL C . n 
# 
loop_
_pdbx_nonpoly_scheme.asym_id 
_pdbx_nonpoly_scheme.entity_id 
_pdbx_nonpoly_scheme.mon_id 
_pdbx_nonpoly_scheme.ndb_seq_num 
_pdbx_nonpoly_scheme.pdb_seq_num 
_pdbx_nonpoly_scheme.auth_seq_num 
_pdbx_nonpoly_scheme.pdb_mon_id 
_pdbx_nonpoly_scheme.auth_mon_id 
_pdbx_nonpoly_scheme.pdb_strand_id 
_pdbx_nonpoly_scheme.pdb_ins_code 
D 2 HOH 1  101 2  HOH HOH A . 
D 2 HOH 2  102 10 HOH HOH A . 
D 2 HOH 3  103 30 HOH HOH A . 
D 2 HOH 4  104 13 HOH HOH A . 
D 2 HOH 5  105 27 HOH HOH A . 
D 2 HOH 6  106 15 HOH HOH A . 
E 2 HOH 1  101 11 HOH HOH B . 
E 2 HOH 2  102 18 HOH HOH B . 
E 2 HOH 3  103 6  HOH HOH B . 
E 2 HOH 4  104 16 HOH HOH B . 
E 2 HOH 5  105 23 HOH HOH B . 
E 2 HOH 6  106 25 HOH HOH B . 
E 2 HOH 7  107 4  HOH HOH B . 
E 2 HOH 8  108 9  HOH HOH B . 
E 2 HOH 9  109 28 HOH HOH B . 
F 2 HOH 1  101 14 HOH HOH C . 
F 2 HOH 2  102 5  HOH HOH C . 
F 2 HOH 3  103 17 HOH HOH C . 
F 2 HOH 4  104 21 HOH HOH C . 
F 2 HOH 5  105 22 HOH HOH C . 
F 2 HOH 6  106 12 HOH HOH C . 
F 2 HOH 7  107 19 HOH HOH C . 
F 2 HOH 8  108 26 HOH HOH C . 
F 2 HOH 9  109 3  HOH HOH C . 
F 2 HOH 10 110 29 HOH HOH C . 
# 
loop_
_software.citation_id 
_software.classification 
_software.compiler_name 
_software.compiler_version 
_software.contact_author 
_software.contact_author_email 
_software.date 
_software.description 
_software.dependencies 
_software.hardware 
_software.language 
_software.location 
_software.mods 
_software.name 
_software.os 
_software.os_version 
_software.type 
_software.version 
_software.pdbx_ordinal 
? refinement        ? ? ? ? ? ? ? ? ? ? ? PHENIX      ? ? ? 1.20.1_4487 1 
? 'data extraction' ? ? ? ? ? ? ? ? ? ? ? PDB_EXTRACT ? ? ? 3.27        2 
? 'data reduction'  ? ? ? ? ? ? ? ? ? ? ? XDS         ? ? ? .           3 
? 'data scaling'    ? ? ? ? ? ? ? ? ? ? ? pointless   ? ? ? .           4 
? phasing           ? ? ? ? ? ? ? ? ? ? ? PHASER      ? ? ? .           5 
# 
_cell.angle_alpha                  90.000 
_cell.angle_alpha_esd              ? 
_cell.angle_beta                   90.000 
_cell.angle_beta_esd               ? 
_cell.angle_gamma                  120.000 
_cell.angle_gamma_esd              ? 
_cell.entry_id                     7U4P 
_cell.details                      ? 
_cell.formula_units_Z              ? 
_cell.length_a                     62.054 
_cell.length_a_esd                 ? 
_cell.length_b                     62.054 
_cell.length_b_esd                 ? 
_cell.length_c                     47.839 
_cell.length_c_esd                 ? 
_cell.volume                       ? 
_cell.volume_esd                   ? 
_cell.Z_PDB                        36 
_cell.reciprocal_angle_alpha       ? 
_cell.reciprocal_angle_beta        ? 
_cell.reciprocal_angle_gamma       ? 
_cell.reciprocal_angle_alpha_esd   ? 
_cell.reciprocal_angle_beta_esd    ? 
_cell.reciprocal_angle_gamma_esd   ? 
_cell.reciprocal_length_a          ? 
_cell.reciprocal_length_b          ? 
_cell.reciprocal_length_c          ? 
_cell.reciprocal_length_a_esd      ? 
_cell.reciprocal_length_b_esd      ? 
_cell.reciprocal_length_c_esd      ? 
_cell.pdbx_unique_axis             ? 
# 
_symmetry.entry_id                         7U4P 
_symmetry.cell_setting                     ? 
_symmetry.Int_Tables_number                180 
_symmetry.space_group_name_Hall            ? 
_symmetry.space_group_name_H-M             'P 62 2 2' 
_symmetry.pdbx_full_space_group_name_H-M   ? 
# 
_exptl.absorpt_coefficient_mu     ? 
_exptl.absorpt_correction_T_max   ? 
_exptl.absorpt_correction_T_min   ? 
_exptl.absorpt_correction_type    ? 
_exptl.absorpt_process_details    ? 
_exptl.entry_id                   7U4P 
_exptl.crystals_number            1 
_exptl.details                    ? 
_exptl.method                     'X-RAY DIFFRACTION' 
_exptl.method_details             ? 
# 
_exptl_crystal.colour                      ? 
_exptl_crystal.density_diffrn              ? 
_exptl_crystal.density_Matthews            2.00 
_exptl_crystal.density_method              ? 
_exptl_crystal.density_percent_sol         38.53 
_exptl_crystal.description                 ? 
_exptl_crystal.F_000                       ? 
_exptl_crystal.id                          1 
_exptl_crystal.preparation                 ? 
_exptl_crystal.size_max                    ? 
_exptl_crystal.size_mid                    ? 
_exptl_crystal.size_min                    ? 
_exptl_crystal.size_rad                    ? 
_exptl_crystal.colour_lustre               ? 
_exptl_crystal.colour_modifier             ? 
_exptl_crystal.colour_primary              ? 
_exptl_crystal.density_meas                ? 
_exptl_crystal.density_meas_esd            ? 
_exptl_crystal.density_meas_gt             ? 
_exptl_crystal.density_meas_lt             ? 
_exptl_crystal.density_meas_temp           ? 
_exptl_crystal.density_meas_temp_esd       ? 
_exptl_crystal.density_meas_temp_gt        ? 
_exptl_crystal.density_meas_temp_lt        ? 
_exptl_crystal.pdbx_crystal_image_url      ? 
_exptl_crystal.pdbx_crystal_image_format   ? 
_exptl_crystal.pdbx_mosaicity              ? 
_exptl_crystal.pdbx_mosaicity_esd          ? 
# 
_exptl_crystal_grow.apparatus       ? 
_exptl_crystal_grow.atmosphere      ? 
_exptl_crystal_grow.crystal_id      1 
_exptl_crystal_grow.details         ? 
_exptl_crystal_grow.method          'VAPOR DIFFUSION, HANGING DROP' 
_exptl_crystal_grow.method_ref      ? 
_exptl_crystal_grow.pH              ? 
_exptl_crystal_grow.pressure        ? 
_exptl_crystal_grow.pressure_esd    ? 
_exptl_crystal_grow.seeding         ? 
_exptl_crystal_grow.seeding_ref     ? 
_exptl_crystal_grow.temp            298.15 
_exptl_crystal_grow.temp_details    ? 
_exptl_crystal_grow.temp_esd        ? 
_exptl_crystal_grow.time            ? 
_exptl_crystal_grow.pdbx_details    '0.1 M Tris at pH 8.3, 0.2 M MgCl2, 2.8 M 1,6-hexanediol' 
_exptl_crystal_grow.pdbx_pH_range   ? 
# 
_diffrn.ambient_environment              ? 
_diffrn.ambient_temp                     113 
_diffrn.ambient_temp_details             ? 
_diffrn.ambient_temp_esd                 ? 
_diffrn.crystal_id                       1 
_diffrn.crystal_support                  ? 
_diffrn.crystal_treatment                ? 
_diffrn.details                          ? 
_diffrn.id                               1 
_diffrn.ambient_pressure                 ? 
_diffrn.ambient_pressure_esd             ? 
_diffrn.ambient_pressure_gt              ? 
_diffrn.ambient_pressure_lt              ? 
_diffrn.ambient_temp_gt                  ? 
_diffrn.ambient_temp_lt                  ? 
_diffrn.pdbx_serial_crystal_experiment   N 
# 
_diffrn_detector.details                      ? 
_diffrn_detector.detector                     PIXEL 
_diffrn_detector.diffrn_id                    1 
_diffrn_detector.type                         'DECTRIS PILATUS3 2M' 
_diffrn_detector.area_resol_mean              ? 
_diffrn_detector.dtime                        ? 
_diffrn_detector.pdbx_frames_total            ? 
_diffrn_detector.pdbx_collection_time_total   ? 
_diffrn_detector.pdbx_collection_date         2019-12-21 
_diffrn_detector.pdbx_frequency               ? 
# 
_diffrn_radiation.collimation                      ? 
_diffrn_radiation.diffrn_id                        1 
_diffrn_radiation.filter_edge                      ? 
_diffrn_radiation.inhomogeneity                    ? 
_diffrn_radiation.monochromator                    'Single crystal, cylindrically bent, Si(220)' 
_diffrn_radiation.polarisn_norm                    ? 
_diffrn_radiation.polarisn_ratio                   ? 
_diffrn_radiation.probe                            ? 
_diffrn_radiation.type                             ? 
_diffrn_radiation.xray_symbol                      ? 
_diffrn_radiation.wavelength_id                    1 
_diffrn_radiation.pdbx_monochromatic_or_laue_m_l   M 
_diffrn_radiation.pdbx_wavelength_list             ? 
_diffrn_radiation.pdbx_wavelength                  ? 
_diffrn_radiation.pdbx_diffrn_protocol             'SINGLE WAVELENGTH' 
_diffrn_radiation.pdbx_analyzer                    ? 
_diffrn_radiation.pdbx_scattering_type             x-ray 
# 
_diffrn_radiation_wavelength.id           1 
_diffrn_radiation_wavelength.wavelength   0.97741 
_diffrn_radiation_wavelength.wt           1.0 
# 
_diffrn_source.current                     ? 
_diffrn_source.details                     ? 
_diffrn_source.diffrn_id                   1 
_diffrn_source.power                       ? 
_diffrn_source.size                        ? 
_diffrn_source.source                      SYNCHROTRON 
_diffrn_source.target                      ? 
_diffrn_source.type                        'ALS BEAMLINE 5.0.1' 
_diffrn_source.voltage                     ? 
_diffrn_source.take-off_angle              ? 
_diffrn_source.pdbx_wavelength_list        0.97741 
_diffrn_source.pdbx_wavelength             ? 
_diffrn_source.pdbx_synchrotron_beamline   5.0.1 
_diffrn_source.pdbx_synchrotron_site       ALS 
# 
_reflns.B_iso_Wilson_estimate                          ? 
_reflns.entry_id                                       7U4P 
_reflns.data_reduction_details                         ? 
_reflns.data_reduction_method                          ? 
_reflns.d_resolution_high                              1.803 
_reflns.d_resolution_low                               31.03 
_reflns.details                                        ? 
_reflns.limit_h_max                                    ? 
_reflns.limit_h_min                                    ? 
_reflns.limit_k_max                                    ? 
_reflns.limit_k_min                                    ? 
_reflns.limit_l_max                                    ? 
_reflns.limit_l_min                                    ? 
_reflns.number_all                                     ? 
_reflns.number_obs                                     5373 
_reflns.observed_criterion                             ? 
_reflns.observed_criterion_F_max                       ? 
_reflns.observed_criterion_F_min                       ? 
_reflns.observed_criterion_I_max                       ? 
_reflns.observed_criterion_I_min                       ? 
_reflns.observed_criterion_sigma_F                     ? 
_reflns.observed_criterion_sigma_I                     ? 
_reflns.percent_possible_obs                           99.74 
_reflns.R_free_details                                 ? 
_reflns.Rmerge_F_all                                   ? 
_reflns.Rmerge_F_obs                                   ? 
_reflns.Friedel_coverage                               ? 
_reflns.number_gt                                      ? 
_reflns.threshold_expression                           ? 
_reflns.pdbx_redundancy                                36.2 
_reflns.pdbx_Rmerge_I_obs                              0.0643 
_reflns.pdbx_Rmerge_I_all                              ? 
_reflns.pdbx_Rsym_value                                ? 
_reflns.pdbx_netI_over_av_sigmaI                       ? 
_reflns.pdbx_netI_over_sigmaI                          39.93 
_reflns.pdbx_res_netI_over_av_sigmaI_2                 ? 
_reflns.pdbx_res_netI_over_sigmaI_2                    ? 
_reflns.pdbx_chi_squared                               ? 
_reflns.pdbx_scaling_rejects                           ? 
_reflns.pdbx_d_res_high_opt                            ? 
_reflns.pdbx_d_res_low_opt                             ? 
_reflns.pdbx_d_res_opt_method                          ? 
_reflns.phase_calculation_details                      ? 
_reflns.pdbx_Rrim_I_all                                ? 
_reflns.pdbx_Rpim_I_all                                ? 
_reflns.pdbx_d_opt                                     ? 
_reflns.pdbx_number_measured_all                       ? 
_reflns.pdbx_diffrn_id                                 1 
_reflns.pdbx_ordinal                                   1 
_reflns.pdbx_CC_half                                   1 
_reflns.pdbx_CC_star                                   ? 
_reflns.pdbx_R_split                                   ? 
_reflns.pdbx_aniso_diffraction_limit_axis_1_ortho[1]   ? 
_reflns.pdbx_aniso_diffraction_limit_axis_1_ortho[2]   ? 
_reflns.pdbx_aniso_diffraction_limit_axis_1_ortho[3]   ? 
_reflns.pdbx_aniso_diffraction_limit_axis_2_ortho[1]   ? 
_reflns.pdbx_aniso_diffraction_limit_axis_2_ortho[2]   ? 
_reflns.pdbx_aniso_diffraction_limit_axis_2_ortho[3]   ? 
_reflns.pdbx_aniso_diffraction_limit_axis_3_ortho[1]   ? 
_reflns.pdbx_aniso_diffraction_limit_axis_3_ortho[2]   ? 
_reflns.pdbx_aniso_diffraction_limit_axis_3_ortho[3]   ? 
_reflns.pdbx_aniso_diffraction_limit_1                 ? 
_reflns.pdbx_aniso_diffraction_limit_2                 ? 
_reflns.pdbx_aniso_diffraction_limit_3                 ? 
_reflns.pdbx_aniso_B_tensor_eigenvector_1_ortho[1]     ? 
_reflns.pdbx_aniso_B_tensor_eigenvector_1_ortho[2]     ? 
_reflns.pdbx_aniso_B_tensor_eigenvector_1_ortho[3]     ? 
_reflns.pdbx_aniso_B_tensor_eigenvector_2_ortho[1]     ? 
_reflns.pdbx_aniso_B_tensor_eigenvector_2_ortho[2]     ? 
_reflns.pdbx_aniso_B_tensor_eigenvector_2_ortho[3]     ? 
_reflns.pdbx_aniso_B_tensor_eigenvector_3_ortho[1]     ? 
_reflns.pdbx_aniso_B_tensor_eigenvector_3_ortho[2]     ? 
_reflns.pdbx_aniso_B_tensor_eigenvector_3_ortho[3]     ? 
_reflns.pdbx_aniso_B_tensor_eigenvalue_1               ? 
_reflns.pdbx_aniso_B_tensor_eigenvalue_2               ? 
_reflns.pdbx_aniso_B_tensor_eigenvalue_3               ? 
_reflns.pdbx_orthogonalization_convention              ? 
_reflns.pdbx_percent_possible_ellipsoidal              ? 
_reflns.pdbx_percent_possible_spherical                ? 
_reflns.pdbx_percent_possible_ellipsoidal_anomalous    ? 
_reflns.pdbx_percent_possible_spherical_anomalous      ? 
_reflns.pdbx_redundancy_anomalous                      ? 
_reflns.pdbx_CC_half_anomalous                         ? 
_reflns.pdbx_absDiff_over_sigma_anomalous              ? 
_reflns.pdbx_percent_possible_anomalous                ? 
_reflns.pdbx_observed_signal_threshold                 ? 
_reflns.pdbx_signal_type                               ? 
_reflns.pdbx_signal_details                            ? 
_reflns.pdbx_signal_software_id                        ? 
# 
_reflns_shell.d_res_high                                    1.803 
_reflns_shell.d_res_low                                     1.868 
_reflns_shell.meanI_over_sigI_all                           ? 
_reflns_shell.meanI_over_sigI_obs                           ? 
_reflns_shell.number_measured_all                           ? 
_reflns_shell.number_measured_obs                           ? 
_reflns_shell.number_possible                               ? 
_reflns_shell.number_unique_all                             ? 
_reflns_shell.number_unique_obs                             522 
_reflns_shell.percent_possible_all                          ? 
_reflns_shell.percent_possible_obs                          ? 
_reflns_shell.Rmerge_F_all                                  ? 
_reflns_shell.Rmerge_F_obs                                  ? 
_reflns_shell.Rmerge_I_all                                  ? 
_reflns_shell.Rmerge_I_obs                                  0.9299 
_reflns_shell.meanI_over_sigI_gt                            ? 
_reflns_shell.meanI_over_uI_all                             ? 
_reflns_shell.meanI_over_uI_gt                              ? 
_reflns_shell.number_measured_gt                            ? 
_reflns_shell.number_unique_gt                              ? 
_reflns_shell.percent_possible_gt                           ? 
_reflns_shell.Rmerge_F_gt                                   ? 
_reflns_shell.Rmerge_I_gt                                   ? 
_reflns_shell.pdbx_redundancy                               ? 
_reflns_shell.pdbx_Rsym_value                               ? 
_reflns_shell.pdbx_chi_squared                              ? 
_reflns_shell.pdbx_netI_over_sigmaI_all                     ? 
_reflns_shell.pdbx_netI_over_sigmaI_obs                     ? 
_reflns_shell.pdbx_Rrim_I_all                               ? 
_reflns_shell.pdbx_Rpim_I_all                               ? 
_reflns_shell.pdbx_rejects                                  ? 
_reflns_shell.pdbx_ordinal                                  1 
_reflns_shell.pdbx_diffrn_id                                1 
_reflns_shell.pdbx_CC_half                                  0.958 
_reflns_shell.pdbx_CC_star                                  ? 
_reflns_shell.pdbx_R_split                                  ? 
_reflns_shell.pdbx_percent_possible_ellipsoidal             ? 
_reflns_shell.pdbx_percent_possible_spherical               ? 
_reflns_shell.pdbx_percent_possible_ellipsoidal_anomalous   ? 
_reflns_shell.pdbx_percent_possible_spherical_anomalous     ? 
_reflns_shell.pdbx_redundancy_anomalous                     ? 
_reflns_shell.pdbx_CC_half_anomalous                        ? 
_reflns_shell.pdbx_absDiff_over_sigma_anomalous             ? 
_reflns_shell.pdbx_percent_possible_anomalous               ? 
# 
_refine.aniso_B[1][1]                            ? 
_refine.aniso_B[1][2]                            ? 
_refine.aniso_B[1][3]                            ? 
_refine.aniso_B[2][2]                            ? 
_refine.aniso_B[2][3]                            ? 
_refine.aniso_B[3][3]                            ? 
_refine.B_iso_max                                207.390 
_refine.B_iso_mean                               62.0242 
_refine.B_iso_min                                23.610 
_refine.correlation_coeff_Fo_to_Fc               ? 
_refine.correlation_coeff_Fo_to_Fc_free          ? 
_refine.details                                  ? 
_refine.diff_density_max                         ? 
_refine.diff_density_max_esd                     ? 
_refine.diff_density_min                         ? 
_refine.diff_density_min_esd                     ? 
_refine.diff_density_rms                         ? 
_refine.diff_density_rms_esd                     ? 
_refine.entry_id                                 7U4P 
_refine.pdbx_refine_id                           'X-RAY DIFFRACTION' 
_refine.ls_abs_structure_details                 ? 
_refine.ls_abs_structure_Flack                   ? 
_refine.ls_abs_structure_Flack_esd               ? 
_refine.ls_abs_structure_Rogers                  ? 
_refine.ls_abs_structure_Rogers_esd              ? 
_refine.ls_d_res_high                            1.803 
_refine.ls_d_res_low                             31.0300 
_refine.ls_extinction_coef                       ? 
_refine.ls_extinction_coef_esd                   ? 
_refine.ls_extinction_expression                 ? 
_refine.ls_extinction_method                     ? 
_refine.ls_goodness_of_fit_all                   ? 
_refine.ls_goodness_of_fit_all_esd               ? 
_refine.ls_goodness_of_fit_obs                   ? 
_refine.ls_goodness_of_fit_obs_esd               ? 
_refine.ls_hydrogen_treatment                    ? 
_refine.ls_matrix_type                           ? 
_refine.ls_number_constraints                    ? 
_refine.ls_number_parameters                     ? 
_refine.ls_number_reflns_all                     ? 
_refine.ls_number_reflns_obs                     5373 
_refine.ls_number_reflns_R_free                  960 
_refine.ls_number_reflns_R_work                  8545 
_refine.ls_number_restraints                     ? 
_refine.ls_percent_reflns_obs                    99.8400 
_refine.ls_percent_reflns_R_free                 10.1000 
_refine.ls_R_factor_all                          ? 
_refine.ls_R_factor_obs                          0.2092 
_refine.ls_R_factor_R_free                       0.2473 
_refine.ls_R_factor_R_free_error                 ? 
_refine.ls_R_factor_R_free_error_details         ? 
_refine.ls_R_factor_R_work                       0.2051 
_refine.ls_R_Fsqd_factor_obs                     ? 
_refine.ls_R_I_factor_obs                        ? 
_refine.ls_redundancy_reflns_all                 ? 
_refine.ls_redundancy_reflns_obs                 ? 
_refine.ls_restrained_S_all                      ? 
_refine.ls_restrained_S_obs                      ? 
_refine.ls_shift_over_esd_max                    ? 
_refine.ls_shift_over_esd_mean                   ? 
_refine.ls_structure_factor_coef                 ? 
_refine.ls_weighting_details                     ? 
_refine.ls_weighting_scheme                      ? 
_refine.ls_wR_factor_all                         ? 
_refine.ls_wR_factor_obs                         ? 
_refine.ls_wR_factor_R_free                      ? 
_refine.ls_wR_factor_R_work                      ? 
_refine.occupancy_max                            ? 
_refine.occupancy_min                            ? 
_refine.solvent_model_details                    'FLAT BULK SOLVENT MODEL' 
_refine.solvent_model_param_bsol                 ? 
_refine.solvent_model_param_ksol                 ? 
_refine.pdbx_R_complete                          ? 
_refine.ls_R_factor_gt                           ? 
_refine.ls_goodness_of_fit_gt                    ? 
_refine.ls_goodness_of_fit_ref                   ? 
_refine.ls_shift_over_su_max                     ? 
_refine.ls_shift_over_su_max_lt                  ? 
_refine.ls_shift_over_su_mean                    ? 
_refine.ls_shift_over_su_mean_lt                 ? 
_refine.pdbx_ls_sigma_I                          ? 
_refine.pdbx_ls_sigma_F                          1.340 
_refine.pdbx_ls_sigma_Fsqd                       ? 
_refine.pdbx_data_cutoff_high_absF               ? 
_refine.pdbx_data_cutoff_high_rms_absF           ? 
_refine.pdbx_data_cutoff_low_absF                ? 
_refine.pdbx_isotropic_thermal_model             ? 
_refine.pdbx_ls_cross_valid_method               THROUGHOUT 
_refine.pdbx_method_to_determine_struct          'MOLECULAR REPLACEMENT' 
_refine.pdbx_starting_model                      7JXO 
_refine.pdbx_stereochemistry_target_values       ML 
_refine.pdbx_R_Free_selection_details            ? 
_refine.pdbx_stereochem_target_val_spec_case     ? 
_refine.pdbx_overall_ESU_R                       ? 
_refine.pdbx_overall_ESU_R_Free                  ? 
_refine.pdbx_solvent_vdw_probe_radii             1.1100 
_refine.pdbx_solvent_ion_probe_radii             ? 
_refine.pdbx_solvent_shrinkage_radii             0.9000 
_refine.pdbx_real_space_R                        ? 
_refine.pdbx_density_correlation                 ? 
_refine.pdbx_pd_number_of_powder_patterns        ? 
_refine.pdbx_pd_number_of_points                 ? 
_refine.pdbx_pd_meas_number_of_points            ? 
_refine.pdbx_pd_proc_ls_prof_R_factor            ? 
_refine.pdbx_pd_proc_ls_prof_wR_factor           ? 
_refine.pdbx_pd_Marquardt_correlation_coeff      ? 
_refine.pdbx_pd_Fsqrd_R_factor                   ? 
_refine.pdbx_pd_ls_matrix_band_width             ? 
_refine.pdbx_overall_phase_error                 29.1600 
_refine.pdbx_overall_SU_R_free_Cruickshank_DPI   ? 
_refine.pdbx_overall_SU_R_free_Blow_DPI          ? 
_refine.pdbx_overall_SU_R_Blow_DPI               ? 
_refine.pdbx_TLS_residual_ADP_flag               ? 
_refine.pdbx_diffrn_id                           1 
_refine.overall_SU_B                             ? 
_refine.overall_SU_ML                            0.0800 
_refine.overall_SU_R_Cruickshank_DPI             ? 
_refine.overall_SU_R_free                        ? 
_refine.overall_FOM_free_R_set                   ? 
_refine.overall_FOM_work_R_set                   ? 
_refine.pdbx_average_fsc_overall                 ? 
_refine.pdbx_average_fsc_work                    ? 
_refine.pdbx_average_fsc_free                    ? 
# 
_refine_hist.pdbx_refine_id                   'X-RAY DIFFRACTION' 
_refine_hist.cycle_id                         final 
_refine_hist.details                          ? 
_refine_hist.d_res_high                       1.803 
_refine_hist.d_res_low                        31.0300 
_refine_hist.number_atoms_solvent             25 
_refine_hist.number_atoms_total               484 
_refine_hist.number_reflns_all                ? 
_refine_hist.number_reflns_obs                ? 
_refine_hist.number_reflns_R_free             ? 
_refine_hist.number_reflns_R_work             ? 
_refine_hist.R_factor_all                     ? 
_refine_hist.R_factor_obs                     ? 
_refine_hist.R_factor_R_free                  ? 
_refine_hist.R_factor_R_work                  ? 
_refine_hist.pdbx_number_residues_total       63 
_refine_hist.pdbx_B_iso_mean_ligand           ? 
_refine_hist.pdbx_B_iso_mean_solvent          59.71 
_refine_hist.pdbx_number_atoms_protein        459 
_refine_hist.pdbx_number_atoms_nucleic_acid   0 
_refine_hist.pdbx_number_atoms_ligand         0 
_refine_hist.pdbx_number_atoms_lipid          ? 
_refine_hist.pdbx_number_atoms_carb           ? 
_refine_hist.pdbx_pseudo_atom_details         ? 
# 
loop_
_refine_ls_shell.pdbx_refine_id 
_refine_ls_shell.d_res_high 
_refine_ls_shell.d_res_low 
_refine_ls_shell.number_reflns_all 
_refine_ls_shell.number_reflns_obs 
_refine_ls_shell.number_reflns_R_free 
_refine_ls_shell.number_reflns_R_work 
_refine_ls_shell.percent_reflns_obs 
_refine_ls_shell.percent_reflns_R_free 
_refine_ls_shell.R_factor_all 
_refine_ls_shell.R_factor_obs 
_refine_ls_shell.R_factor_R_free 
_refine_ls_shell.R_factor_R_free_error 
_refine_ls_shell.R_factor_R_work 
_refine_ls_shell.redundancy_reflns_all 
_refine_ls_shell.redundancy_reflns_obs 
_refine_ls_shell.wR_factor_all 
_refine_ls_shell.wR_factor_obs 
_refine_ls_shell.wR_factor_R_free 
_refine_ls_shell.wR_factor_R_work 
_refine_ls_shell.pdbx_R_complete 
_refine_ls_shell.pdbx_total_number_of_bins_used 
_refine_ls_shell.pdbx_phase_error 
_refine_ls_shell.pdbx_fsc_work 
_refine_ls_shell.pdbx_fsc_free 
'X-RAY DIFFRACTION' 1.803  1.9000  . . 133 1230 100.0000 . . . 0.3085 0.0000 0.2807 . . . . . . . . . . . 
'X-RAY DIFFRACTION' 1.9000 2.0200  . . 138 1212 100.0000 . . . 0.2753 0.0000 0.2326 . . . . . . . . . . . 
'X-RAY DIFFRACTION' 2.0200 2.1700  . . 131 1228 100.0000 . . . 0.2636 0.0000 0.2273 . . . . . . . . . . . 
'X-RAY DIFFRACTION' 2.1700 2.3900  . . 144 1210 100.0000 . . . 0.2618 0.0000 0.2422 . . . . . . . . . . . 
'X-RAY DIFFRACTION' 2.3900 2.7400  . . 132 1208 100.0000 . . . 0.2987 0.0000 0.2475 . . . . . . . . . . . 
'X-RAY DIFFRACTION' 2.7400 3.4500  . . 145 1228 100.0000 . . . 0.2152 0.0000 0.1986 . . . . . . . . . . . 
'X-RAY DIFFRACTION' 3.4500 31.0300 . . 137 1229 100.0000 . . . 0.2356 0.0000 0.1784 . . . . . . . . . . . 
# 
_struct.entry_id                     7U4P 
_struct.title                        'Covalently stabilized triangular trimer composed of Abeta17-36 beta-hairpins' 
_struct.pdbx_model_details           ? 
_struct.pdbx_formula_weight          ? 
_struct.pdbx_formula_weight_method   ? 
_struct.pdbx_model_type_details      ? 
_struct.pdbx_CASP_flag               N 
# 
_struct_keywords.entry_id        7U4P 
_struct_keywords.text            
;Abeta oligomer, beta-hairpin, trimer, dodecamer, Alzheimer's disease, DE NOVO PROTEIN
;
_struct_keywords.pdbx_keywords   'DE NOVO PROTEIN' 
# 
loop_
_struct_asym.id 
_struct_asym.pdbx_blank_PDB_chainid_flag 
_struct_asym.pdbx_modified 
_struct_asym.entity_id 
_struct_asym.details 
A N N 1 ? 
B N N 1 ? 
C N N 1 ? 
D N N 2 ? 
E N N 2 ? 
F N N 2 ? 
# 
_struct_ref.id                         1 
_struct_ref.db_name                    UNP 
_struct_ref.db_code                    A4_HUMAN 
_struct_ref.pdbx_db_accession          P05067 
_struct_ref.pdbx_db_isoform            ? 
_struct_ref.entity_id                  1 
_struct_ref.pdbx_seq_one_letter_code   KLVFFAEDVGSNKGAIIGLMV 
_struct_ref.pdbx_align_begin           687 
# 
loop_
_struct_ref_seq.align_id 
_struct_ref_seq.ref_id 
_struct_ref_seq.pdbx_PDB_id_code 
_struct_ref_seq.pdbx_strand_id 
_struct_ref_seq.seq_align_beg 
_struct_ref_seq.pdbx_seq_align_beg_ins_code 
_struct_ref_seq.seq_align_end 
_struct_ref_seq.pdbx_seq_align_end_ins_code 
_struct_ref_seq.pdbx_db_accession 
_struct_ref_seq.db_align_beg 
_struct_ref_seq.pdbx_db_align_beg_ins_code 
_struct_ref_seq.db_align_end 
_struct_ref_seq.pdbx_db_align_end_ins_code 
_struct_ref_seq.pdbx_auth_seq_align_beg 
_struct_ref_seq.pdbx_auth_seq_align_end 
1 1 7U4P A 1 ? 21 ? P05067 687 ? 707 ? 1 21 
2 1 7U4P B 1 ? 21 ? P05067 687 ? 707 ? 1 21 
3 1 7U4P C 1 ? 21 ? P05067 687 ? 707 ? 1 21 
# 
loop_
_struct_ref_seq_dif.align_id 
_struct_ref_seq_dif.pdbx_pdb_id_code 
_struct_ref_seq_dif.mon_id 
_struct_ref_seq_dif.pdbx_pdb_strand_id 
_struct_ref_seq_dif.seq_num 
_struct_ref_seq_dif.pdbx_pdb_ins_code 
_struct_ref_seq_dif.pdbx_seq_db_name 
_struct_ref_seq_dif.pdbx_seq_db_accession_code 
_struct_ref_seq_dif.db_mon_id 
_struct_ref_seq_dif.pdbx_seq_db_seq_num 
_struct_ref_seq_dif.details 
_struct_ref_seq_dif.pdbx_auth_seq_num 
_struct_ref_seq_dif.pdbx_ordinal 
1 7U4P ORN A 1  ? UNP P05067 LYS 687 conflict 1  1  
1 7U4P CYS A 2  ? UNP P05067 LEU 688 conflict 2  2  
1 7U4P CYS A 6  ? UNP P05067 ALA 692 conflict 6  3  
1 7U4P ORN A 20 ? UNP P05067 MET 706 conflict 20 4  
2 7U4P ORN B 1  ? UNP P05067 LYS 687 conflict 1  5  
2 7U4P CYS B 2  ? UNP P05067 LEU 688 conflict 2  6  
2 7U4P CYS B 6  ? UNP P05067 ALA 692 conflict 6  7  
2 7U4P ORN B 20 ? UNP P05067 MET 706 conflict 20 8  
3 7U4P ORN C 1  ? UNP P05067 LYS 687 conflict 1  9  
3 7U4P CYS C 2  ? UNP P05067 LEU 688 conflict 2  10 
3 7U4P CYS C 6  ? UNP P05067 ALA 692 conflict 6  11 
3 7U4P ORN C 20 ? UNP P05067 MET 706 conflict 20 12 
# 
_pdbx_struct_assembly.id                   1 
_pdbx_struct_assembly.details              author_and_software_defined_assembly 
_pdbx_struct_assembly.method_details       PISA 
_pdbx_struct_assembly.oligomeric_details   dodecameric 
_pdbx_struct_assembly.oligomeric_count     12 
# 
loop_
_pdbx_struct_assembly_prop.biol_id 
_pdbx_struct_assembly_prop.type 
_pdbx_struct_assembly_prop.value 
_pdbx_struct_assembly_prop.details 
1 'ABSA (A^2)' 10630 ? 
1 MORE         -48   ? 
1 'SSA (A^2)'  13570 ? 
# 
_pdbx_struct_assembly_gen.assembly_id       1 
_pdbx_struct_assembly_gen.oper_expression   1,2,3,4 
_pdbx_struct_assembly_gen.asym_id_list      A,B,C,D,E,F 
# 
_pdbx_struct_assembly_auth_evidence.id                     1 
_pdbx_struct_assembly_auth_evidence.assembly_id            1 
_pdbx_struct_assembly_auth_evidence.experimental_support   'assay for oligomerization' 
_pdbx_struct_assembly_auth_evidence.details                SDS-PAGE 
# 
loop_
_pdbx_struct_oper_list.id 
_pdbx_struct_oper_list.type 
_pdbx_struct_oper_list.name 
_pdbx_struct_oper_list.symmetry_operation 
_pdbx_struct_oper_list.matrix[1][1] 
_pdbx_struct_oper_list.matrix[1][2] 
_pdbx_struct_oper_list.matrix[1][3] 
_pdbx_struct_oper_list.vector[1] 
_pdbx_struct_oper_list.matrix[2][1] 
_pdbx_struct_oper_list.matrix[2][2] 
_pdbx_struct_oper_list.matrix[2][3] 
_pdbx_struct_oper_list.vector[2] 
_pdbx_struct_oper_list.matrix[3][1] 
_pdbx_struct_oper_list.matrix[3][2] 
_pdbx_struct_oper_list.matrix[3][3] 
_pdbx_struct_oper_list.vector[3] 
1 'identity operation'         1_555  x,y,z            1.0000000000  0.0000000000  0.0000000000  0.0000000000  0.0000000000  1.0000000000  0.0000000000  0.0000000000   0.0000000000  0.0000000000  1.0000000000  0.0000000000  
2 'crystal symmetry operation' 4_665  -x+1,-y+1,z      -0.7757810905 -0.5494134232 -0.3103362530 -9.3845973189 -0.5494134232 0.3462517963  0.7604305254  -10.2756160479 -0.3103362530 0.7604305254  -0.5704707058 11.4113551918 
3 'crystal symmetry operation' 7_556  y,x,-z+5/3       -0.9616878406 -0.1228096645 0.2451005580  -7.0794517968 -0.1228096645 -0.6063335000 -0.7856700791 -14.5272273271 0.2451005580  -0.7856700791 0.5680213406  -6.1723842693 
4 'crystal symmetry operation' 10_666 -y+1,-x+1,-z+5/3 0.7374689312  0.6722230877  0.0652356950  6.0044758186  0.6722230877  -0.7399182963 0.0252395537  -16.1098181715 0.0652356950  0.0252395537  -0.9975506348 6.0825830373 
# 
loop_
_struct_conn.id 
_struct_conn.conn_type_id 
_struct_conn.pdbx_leaving_atom_flag 
_struct_conn.pdbx_PDB_id 
_struct_conn.ptnr1_label_asym_id 
_struct_conn.ptnr1_label_comp_id 
_struct_conn.ptnr1_label_seq_id 
_struct_conn.ptnr1_label_atom_id 
_struct_conn.pdbx_ptnr1_label_alt_id 
_struct_conn.pdbx_ptnr1_PDB_ins_code 
_struct_conn.pdbx_ptnr1_standard_comp_id 
_struct_conn.ptnr1_symmetry 
_struct_conn.ptnr2_label_asym_id 
_struct_conn.ptnr2_label_comp_id 
_struct_conn.ptnr2_label_seq_id 
_struct_conn.ptnr2_label_atom_id 
_struct_conn.pdbx_ptnr2_label_alt_id 
_struct_conn.pdbx_ptnr2_PDB_ins_code 
_struct_conn.ptnr1_auth_asym_id 
_struct_conn.ptnr1_auth_comp_id 
_struct_conn.ptnr1_auth_seq_id 
_struct_conn.ptnr2_auth_asym_id 
_struct_conn.ptnr2_auth_comp_id 
_struct_conn.ptnr2_auth_seq_id 
_struct_conn.ptnr2_symmetry 
_struct_conn.pdbx_ptnr3_label_atom_id 
_struct_conn.pdbx_ptnr3_label_seq_id 
_struct_conn.pdbx_ptnr3_label_comp_id 
_struct_conn.pdbx_ptnr3_label_asym_id 
_struct_conn.pdbx_ptnr3_label_alt_id 
_struct_conn.pdbx_ptnr3_PDB_ins_code 
_struct_conn.details 
_struct_conn.pdbx_dist_value 
_struct_conn.pdbx_value_order 
_struct_conn.pdbx_role 
disulf1  disulf ?    ? A CYS 2  SG ? ? ? 1_555 C CYS 6  SG ? ? A CYS 2  C CYS 6  1_555 ? ? ? ? ? ? ? 2.032 ? ? 
disulf2  disulf ?    ? A CYS 6  SG ? ? ? 1_555 B CYS 2  SG ? ? A CYS 6  B CYS 2  1_555 ? ? ? ? ? ? ? 2.031 ? ? 
disulf3  disulf ?    ? B CYS 6  SG ? ? ? 1_555 C CYS 2  SG ? ? B CYS 6  C CYS 2  1_555 ? ? ? ? ? ? ? 2.019 ? ? 
covale1  covale both ? A ORN 1  C  ? ? ? 1_555 A CYS 2  N  ? ? A ORN 1  A CYS 2  1_555 ? ? ? ? ? ? ? 1.373 ? ? 
covale2  covale both ? A ORN 1  NE ? ? ? 1_555 A VAL 21 C  ? ? A ORN 1  A VAL 21 1_555 ? ? ? ? ? ? ? 1.376 ? ? 
covale3  covale both ? A PHE 4  C  ? ? ? 1_555 A MEA 5  N  ? ? A PHE 4  A MEA 5  1_555 ? ? ? ? ? ? ? 1.332 ? ? 
covale4  covale both ? A MEA 5  C  ? ? ? 1_555 A CYS 6  N  ? ? A MEA 5  A CYS 6  1_555 ? ? ? ? ? ? ? 1.326 ? ? 
covale5  covale both ? A LEU 19 C  ? ? ? 1_555 A ORN 20 N  ? ? A LEU 19 A ORN 20 1_555 ? ? ? ? ? ? ? 1.333 ? ? 
covale6  covale both ? A ORN 20 C  ? ? ? 1_555 A VAL 21 N  ? ? A ORN 20 A VAL 21 1_555 ? ? ? ? ? ? ? 1.327 ? ? 
covale7  covale both ? B ORN 1  C  ? ? ? 1_555 B CYS 2  N  ? ? B ORN 1  B CYS 2  1_555 ? ? ? ? ? ? ? 1.370 ? ? 
covale8  covale both ? B ORN 1  NE ? ? ? 1_555 B VAL 21 C  ? ? B ORN 1  B VAL 21 1_555 ? ? ? ? ? ? ? 1.375 ? ? 
covale9  covale both ? B PHE 4  C  ? ? ? 1_555 B MEA 5  N  ? ? B PHE 4  B MEA 5  1_555 ? ? ? ? ? ? ? 1.329 ? ? 
covale10 covale both ? B MEA 5  C  ? ? ? 1_555 B CYS 6  N  ? ? B MEA 5  B CYS 6  1_555 ? ? ? ? ? ? ? 1.329 ? ? 
covale11 covale both ? B LEU 19 C  ? ? ? 1_555 B ORN 20 N  ? ? B LEU 19 B ORN 20 1_555 ? ? ? ? ? ? ? 1.329 ? ? 
covale12 covale both ? B ORN 20 C  ? ? ? 1_555 B VAL 21 N  ? ? B ORN 20 B VAL 21 1_555 ? ? ? ? ? ? ? 1.327 ? ? 
covale13 covale both ? C ORN 1  C  ? ? ? 1_555 C CYS 2  N  ? ? C ORN 1  C CYS 2  1_555 ? ? ? ? ? ? ? 1.376 ? ? 
covale14 covale both ? C ORN 1  NE ? ? ? 1_555 C VAL 21 C  ? ? C ORN 1  C VAL 21 1_555 ? ? ? ? ? ? ? 1.378 ? ? 
covale15 covale both ? C PHE 4  C  ? ? ? 1_555 C MEA 5  N  ? ? C PHE 4  C MEA 5  1_555 ? ? ? ? ? ? ? 1.331 ? ? 
covale16 covale both ? C MEA 5  C  ? ? ? 1_555 C CYS 6  N  ? ? C MEA 5  C CYS 6  1_555 ? ? ? ? ? ? ? 1.331 ? ? 
covale17 covale both ? C LEU 19 C  ? ? ? 1_555 C ORN 20 N  ? ? C LEU 19 C ORN 20 1_555 ? ? ? ? ? ? ? 1.329 ? ? 
covale18 covale both ? C ORN 20 C  ? ? ? 1_555 C VAL 21 N  ? ? C ORN 20 C VAL 21 1_555 ? ? ? ? ? ? ? 1.327 ? ? 
# 
loop_
_struct_conn_type.id 
_struct_conn_type.criteria 
_struct_conn_type.reference 
disulf ? ? 
covale ? ? 
# 
_struct_sheet.id               AA1 
_struct_sheet.type             ? 
_struct_sheet.number_strands   6 
_struct_sheet.details          ? 
# 
loop_
_struct_sheet_order.sheet_id 
_struct_sheet_order.range_id_1 
_struct_sheet_order.range_id_2 
_struct_sheet_order.offset 
_struct_sheet_order.sense 
AA1 1 2 ? anti-parallel 
AA1 1 3 ? anti-parallel 
AA1 1 5 ? anti-parallel 
AA1 3 4 ? anti-parallel 
AA1 3 5 ? anti-parallel 
AA1 5 6 ? anti-parallel 
# 
loop_
_struct_sheet_range.sheet_id 
_struct_sheet_range.id 
_struct_sheet_range.beg_label_comp_id 
_struct_sheet_range.beg_label_asym_id 
_struct_sheet_range.beg_label_seq_id 
_struct_sheet_range.pdbx_beg_PDB_ins_code 
_struct_sheet_range.end_label_comp_id 
_struct_sheet_range.end_label_asym_id 
_struct_sheet_range.end_label_seq_id 
_struct_sheet_range.pdbx_end_PDB_ins_code 
_struct_sheet_range.beg_auth_comp_id 
_struct_sheet_range.beg_auth_asym_id 
_struct_sheet_range.beg_auth_seq_id 
_struct_sheet_range.end_auth_comp_id 
_struct_sheet_range.end_auth_asym_id 
_struct_sheet_range.end_auth_seq_id 
AA1 1 CYS A 2  ? GLU A 7  ? CYS A 2  GLU A 7  
AA1 2 ILE A 16 ? VAL A 21 ? ILE A 16 VAL A 21 
AA1 3 CYS B 2  ? GLU B 7  ? CYS B 2  GLU B 7  
AA1 4 ILE B 16 ? VAL B 21 ? ILE B 16 VAL B 21 
AA1 5 CYS C 2  ? GLU C 7  ? CYS C 2  GLU C 7  
AA1 6 ILE C 16 ? VAL C 21 ? ILE C 16 VAL C 21 
# 
loop_
_pdbx_struct_sheet_hbond.sheet_id 
_pdbx_struct_sheet_hbond.range_id_1 
_pdbx_struct_sheet_hbond.range_id_2 
_pdbx_struct_sheet_hbond.range_1_label_atom_id 
_pdbx_struct_sheet_hbond.range_1_label_comp_id 
_pdbx_struct_sheet_hbond.range_1_label_asym_id 
_pdbx_struct_sheet_hbond.range_1_label_seq_id 
_pdbx_struct_sheet_hbond.range_1_PDB_ins_code 
_pdbx_struct_sheet_hbond.range_1_auth_atom_id 
_pdbx_struct_sheet_hbond.range_1_auth_comp_id 
_pdbx_struct_sheet_hbond.range_1_auth_asym_id 
_pdbx_struct_sheet_hbond.range_1_auth_seq_id 
_pdbx_struct_sheet_hbond.range_2_label_atom_id 
_pdbx_struct_sheet_hbond.range_2_label_comp_id 
_pdbx_struct_sheet_hbond.range_2_label_asym_id 
_pdbx_struct_sheet_hbond.range_2_label_seq_id 
_pdbx_struct_sheet_hbond.range_2_PDB_ins_code 
_pdbx_struct_sheet_hbond.range_2_auth_atom_id 
_pdbx_struct_sheet_hbond.range_2_auth_comp_id 
_pdbx_struct_sheet_hbond.range_2_auth_asym_id 
_pdbx_struct_sheet_hbond.range_2_auth_seq_id 
AA1 1 2 N CYS A 2 ? N CYS A 2 O VAL A 21 ? O VAL A 21 
AA1 1 3 N MEA A 5 ? N MEA A 5 O VAL B 3  ? O VAL B 3  
AA1 1 5 N VAL A 3 ? N VAL A 3 O MEA C 5  ? O MEA C 5  
AA1 3 4 N CYS B 2 ? N CYS B 2 O VAL B 21 ? O VAL B 21 
AA1 3 5 N MEA B 5 ? N MEA B 5 O VAL C 3  ? O VAL C 3  
AA1 5 6 N PHE C 4 ? N PHE C 4 O LEU C 19 ? O LEU C 19 
# 
loop_
_pdbx_validate_close_contact.id 
_pdbx_validate_close_contact.PDB_model_num 
_pdbx_validate_close_contact.auth_atom_id_1 
_pdbx_validate_close_contact.auth_asym_id_1 
_pdbx_validate_close_contact.auth_comp_id_1 
_pdbx_validate_close_contact.auth_seq_id_1 
_pdbx_validate_close_contact.PDB_ins_code_1 
_pdbx_validate_close_contact.label_alt_id_1 
_pdbx_validate_close_contact.auth_atom_id_2 
_pdbx_validate_close_contact.auth_asym_id_2 
_pdbx_validate_close_contact.auth_comp_id_2 
_pdbx_validate_close_contact.auth_seq_id_2 
_pdbx_validate_close_contact.PDB_ins_code_2 
_pdbx_validate_close_contact.label_alt_id_2 
_pdbx_validate_close_contact.dist 
1 1 O B HOH 104 ? ? O B HOH 107 ? ? 1.94 
2 1 O B HOH 108 ? ? O C HOH 110 ? ? 2.09 
# 
loop_
_pdbx_validate_symm_contact.id 
_pdbx_validate_symm_contact.PDB_model_num 
_pdbx_validate_symm_contact.auth_atom_id_1 
_pdbx_validate_symm_contact.auth_asym_id_1 
_pdbx_validate_symm_contact.auth_comp_id_1 
_pdbx_validate_symm_contact.auth_seq_id_1 
_pdbx_validate_symm_contact.PDB_ins_code_1 
_pdbx_validate_symm_contact.label_alt_id_1 
_pdbx_validate_symm_contact.site_symmetry_1 
_pdbx_validate_symm_contact.auth_atom_id_2 
_pdbx_validate_symm_contact.auth_asym_id_2 
_pdbx_validate_symm_contact.auth_comp_id_2 
_pdbx_validate_symm_contact.auth_seq_id_2 
_pdbx_validate_symm_contact.PDB_ins_code_2 
_pdbx_validate_symm_contact.label_alt_id_2 
_pdbx_validate_symm_contact.site_symmetry_2 
_pdbx_validate_symm_contact.dist 
1 1 HZ1 B LYS 13 ? ? 1_555 OD1 C ASP 8  ? ? 7_556 1.58 
2 1 OG  A SER 11 ? ? 1_555 O   C ASN 12 ? ? 9_667 1.91 
# 
loop_
_pdbx_struct_mod_residue.id 
_pdbx_struct_mod_residue.label_asym_id 
_pdbx_struct_mod_residue.label_comp_id 
_pdbx_struct_mod_residue.label_seq_id 
_pdbx_struct_mod_residue.auth_asym_id 
_pdbx_struct_mod_residue.auth_comp_id 
_pdbx_struct_mod_residue.auth_seq_id 
_pdbx_struct_mod_residue.PDB_ins_code 
_pdbx_struct_mod_residue.parent_comp_id 
_pdbx_struct_mod_residue.details 
1 A MEA 5 A MEA 5 ? PHE 'modified residue' 
2 B MEA 5 B MEA 5 ? PHE 'modified residue' 
3 C MEA 5 C MEA 5 ? PHE 'modified residue' 
# 
loop_
_pdbx_struct_special_symmetry.id 
_pdbx_struct_special_symmetry.PDB_model_num 
_pdbx_struct_special_symmetry.auth_asym_id 
_pdbx_struct_special_symmetry.auth_comp_id 
_pdbx_struct_special_symmetry.auth_seq_id 
_pdbx_struct_special_symmetry.PDB_ins_code 
_pdbx_struct_special_symmetry.label_asym_id 
_pdbx_struct_special_symmetry.label_comp_id 
_pdbx_struct_special_symmetry.label_seq_id 
1 1 B HOH 103 ? E HOH . 
2 1 B HOH 109 ? E HOH . 
3 1 C HOH 101 ? F HOH . 
# 
loop_
_pdbx_refine_tls.pdbx_refine_id 
_pdbx_refine_tls.id 
_pdbx_refine_tls.details 
_pdbx_refine_tls.method 
_pdbx_refine_tls.origin_x 
_pdbx_refine_tls.origin_y 
_pdbx_refine_tls.origin_z 
_pdbx_refine_tls.T[1][1] 
_pdbx_refine_tls.T[2][2] 
_pdbx_refine_tls.T[3][3] 
_pdbx_refine_tls.T[1][2] 
_pdbx_refine_tls.T[1][3] 
_pdbx_refine_tls.T[2][3] 
_pdbx_refine_tls.L[1][1] 
_pdbx_refine_tls.L[2][2] 
_pdbx_refine_tls.L[3][3] 
_pdbx_refine_tls.L[1][2] 
_pdbx_refine_tls.L[1][3] 
_pdbx_refine_tls.L[2][3] 
_pdbx_refine_tls.S[1][1] 
_pdbx_refine_tls.S[2][2] 
_pdbx_refine_tls.S[3][3] 
_pdbx_refine_tls.S[1][2] 
_pdbx_refine_tls.S[1][3] 
_pdbx_refine_tls.S[2][3] 
_pdbx_refine_tls.S[2][1] 
_pdbx_refine_tls.S[3][1] 
_pdbx_refine_tls.S[3][2] 
'X-RAY DIFFRACTION' 1 ? refined 0.6967   2.1740  5.7904   0.2970 0.2466 0.4558 -0.0192 -0.0203 0.0006  17.0100 4.0403 0.0308 -7.8839 -1.0196 0.3423  -0.0637 -0.3166 0.2707  -0.0969 0.6402 0.0653  0.1542  0.0218  0.2598  
'X-RAY DIFFRACTION' 2 ? refined 8.9057   -1.0697 12.8526  0.4516 0.4136 0.3742 -0.0084 -0.0516 -0.0567 13.3680 4.5396 0.5114 -3.3423 -0.3951 -1.2951 -0.6237 0.2187  0.1842  -0.7219 0.4635 -0.6888 0.9712  -0.3629 0.0399  
'X-RAY DIFFRACTION' 3 ? refined 4.4571   -0.9508 -3.0356  0.2822 0.3292 0.2988 0.0201  -0.0325 0.0330  6.0175  7.7881 8.5590 4.6291  -0.0150 6.0645  -0.0732 -0.1874 0.2834  0.7052  0.2460 0.3958  -0.2742 -0.6441 -0.1461 
'X-RAY DIFFRACTION' 4 ? refined 4.7824   -6.2711 -13.7883 0.4712 0.6545 0.4272 -0.0479 0.0288  -0.0017 3.7864  6.6609 4.3729 4.1241  0.5781  2.0933  -0.2444 1.2834  -0.8748 2.3130  0.6342 -0.5734 -1.2917 0.0479  -0.1515 
'X-RAY DIFFRACTION' 5 ? refined -4.6484  2.4806  -1.2167  0.3931 0.3694 0.4583 0.0198  0.0844  0.0773  3.8526  1.1120 6.7923 -1.8916 1.1151  -1.1117 -1.0089 1.0649  -0.0710 -0.8566 1.0177 0.3396  0.6197  1.3031  0.8141  
'X-RAY DIFFRACTION' 6 ? refined -13.7104 3.8115  0.5589   0.3654 0.5500 0.7624 0.2215  0.0850  0.1516  6.3815  5.8074 2.6822 0.4230  4.0823  0.8105  0.3417  0.1309  -0.4227 0.5177  1.5221 1.6698  -0.2465 -1.2188 -2.2694  
# 
loop_
_pdbx_refine_tls_group.pdbx_refine_id 
_pdbx_refine_tls_group.id 
_pdbx_refine_tls_group.refine_tls_id 
_pdbx_refine_tls_group.beg_auth_asym_id 
_pdbx_refine_tls_group.beg_auth_seq_id 
_pdbx_refine_tls_group.end_auth_asym_id 
_pdbx_refine_tls_group.end_auth_seq_id 
_pdbx_refine_tls_group.selection_details 
_pdbx_refine_tls_group.beg_label_asym_id 
_pdbx_refine_tls_group.beg_label_seq_id 
_pdbx_refine_tls_group.end_label_asym_id 
_pdbx_refine_tls_group.end_label_seq_id 
_pdbx_refine_tls_group.selection 
'X-RAY DIFFRACTION' 1 1 A 1  A 8  '( CHAIN A AND RESID 1:8 )'                       ? ? ? ? ? 
'X-RAY DIFFRACTION' 2 2 A 9  A 19 '( CHAIN A AND  ( RESID 9:19 OR RESID 20:20 )  )' ? ? ? ? ? 
'X-RAY DIFFRACTION' 3 2 A 20 A 20 '( CHAIN A AND  ( RESID 9:19 OR RESID 20:20 )  )' ? ? ? ? ? 
'X-RAY DIFFRACTION' 4 3 B 1  B 8  '( CHAIN B AND RESID 1:8 )'                       ? ? ? ? ? 
'X-RAY DIFFRACTION' 5 4 B 9  B 19 '( CHAIN B AND  ( RESID 9:19 OR RESID 20:20 )  )' ? ? ? ? ? 
'X-RAY DIFFRACTION' 6 4 B 20 B 20 '( CHAIN B AND  ( RESID 9:19 OR RESID 20:20 )  )' ? ? ? ? ? 
'X-RAY DIFFRACTION' 7 5 C 3  C 8  '( CHAIN C AND RESID 3:8 )'                       ? ? ? ? ? 
'X-RAY DIFFRACTION' 8 6 C 9  C 21 '( CHAIN C AND RESID 9:21 )'                      ? ? ? ? ? 
# 
_pdbx_entry_details.entry_id                 7U4P 
_pdbx_entry_details.has_ligand_of_interest   N 
_pdbx_entry_details.compound_details         ? 
_pdbx_entry_details.source_details           ? 
_pdbx_entry_details.nonpolymer_details       ? 
_pdbx_entry_details.sequence_details         ? 
# 
loop_
_chem_comp_atom.comp_id 
_chem_comp_atom.atom_id 
_chem_comp_atom.type_symbol 
_chem_comp_atom.pdbx_aromatic_flag 
_chem_comp_atom.pdbx_stereo_config 
_chem_comp_atom.pdbx_ordinal 
ALA N    N N N 1   
ALA CA   C N S 2   
ALA C    C N N 3   
ALA O    O N N 4   
ALA CB   C N N 5   
ALA OXT  O N N 6   
ALA H    H N N 7   
ALA H2   H N N 8   
ALA HA   H N N 9   
ALA HB1  H N N 10  
ALA HB2  H N N 11  
ALA HB3  H N N 12  
ALA HXT  H N N 13  
ASN N    N N N 14  
ASN CA   C N S 15  
ASN C    C N N 16  
ASN O    O N N 17  
ASN CB   C N N 18  
ASN CG   C N N 19  
ASN OD1  O N N 20  
ASN ND2  N N N 21  
ASN OXT  O N N 22  
ASN H    H N N 23  
ASN H2   H N N 24  
ASN HA   H N N 25  
ASN HB2  H N N 26  
ASN HB3  H N N 27  
ASN HD21 H N N 28  
ASN HD22 H N N 29  
ASN HXT  H N N 30  
ASP N    N N N 31  
ASP CA   C N S 32  
ASP C    C N N 33  
ASP O    O N N 34  
ASP CB   C N N 35  
ASP CG   C N N 36  
ASP OD1  O N N 37  
ASP OD2  O N N 38  
ASP OXT  O N N 39  
ASP H    H N N 40  
ASP H2   H N N 41  
ASP HA   H N N 42  
ASP HB2  H N N 43  
ASP HB3  H N N 44  
ASP HD2  H N N 45  
ASP HXT  H N N 46  
CYS N    N N N 47  
CYS CA   C N R 48  
CYS C    C N N 49  
CYS O    O N N 50  
CYS CB   C N N 51  
CYS SG   S N N 52  
CYS OXT  O N N 53  
CYS H    H N N 54  
CYS H2   H N N 55  
CYS HA   H N N 56  
CYS HB2  H N N 57  
CYS HB3  H N N 58  
CYS HG   H N N 59  
CYS HXT  H N N 60  
GLU N    N N N 61  
GLU CA   C N S 62  
GLU C    C N N 63  
GLU O    O N N 64  
GLU CB   C N N 65  
GLU CG   C N N 66  
GLU CD   C N N 67  
GLU OE1  O N N 68  
GLU OE2  O N N 69  
GLU OXT  O N N 70  
GLU H    H N N 71  
GLU H2   H N N 72  
GLU HA   H N N 73  
GLU HB2  H N N 74  
GLU HB3  H N N 75  
GLU HG2  H N N 76  
GLU HG3  H N N 77  
GLU HE2  H N N 78  
GLU HXT  H N N 79  
GLY N    N N N 80  
GLY CA   C N N 81  
GLY C    C N N 82  
GLY O    O N N 83  
GLY OXT  O N N 84  
GLY H    H N N 85  
GLY H2   H N N 86  
GLY HA2  H N N 87  
GLY HA3  H N N 88  
GLY HXT  H N N 89  
HOH O    O N N 90  
HOH H1   H N N 91  
HOH H2   H N N 92  
ILE N    N N N 93  
ILE CA   C N S 94  
ILE C    C N N 95  
ILE O    O N N 96  
ILE CB   C N S 97  
ILE CG1  C N N 98  
ILE CG2  C N N 99  
ILE CD1  C N N 100 
ILE OXT  O N N 101 
ILE H    H N N 102 
ILE H2   H N N 103 
ILE HA   H N N 104 
ILE HB   H N N 105 
ILE HG12 H N N 106 
ILE HG13 H N N 107 
ILE HG21 H N N 108 
ILE HG22 H N N 109 
ILE HG23 H N N 110 
ILE HD11 H N N 111 
ILE HD12 H N N 112 
ILE HD13 H N N 113 
ILE HXT  H N N 114 
LEU N    N N N 115 
LEU CA   C N S 116 
LEU C    C N N 117 
LEU O    O N N 118 
LEU CB   C N N 119 
LEU CG   C N N 120 
LEU CD1  C N N 121 
LEU CD2  C N N 122 
LEU OXT  O N N 123 
LEU H    H N N 124 
LEU H2   H N N 125 
LEU HA   H N N 126 
LEU HB2  H N N 127 
LEU HB3  H N N 128 
LEU HG   H N N 129 
LEU HD11 H N N 130 
LEU HD12 H N N 131 
LEU HD13 H N N 132 
LEU HD21 H N N 133 
LEU HD22 H N N 134 
LEU HD23 H N N 135 
LEU HXT  H N N 136 
LYS N    N N N 137 
LYS CA   C N S 138 
LYS C    C N N 139 
LYS O    O N N 140 
LYS CB   C N N 141 
LYS CG   C N N 142 
LYS CD   C N N 143 
LYS CE   C N N 144 
LYS NZ   N N N 145 
LYS OXT  O N N 146 
LYS H    H N N 147 
LYS H2   H N N 148 
LYS HA   H N N 149 
LYS HB2  H N N 150 
LYS HB3  H N N 151 
LYS HG2  H N N 152 
LYS HG3  H N N 153 
LYS HD2  H N N 154 
LYS HD3  H N N 155 
LYS HE2  H N N 156 
LYS HE3  H N N 157 
LYS HZ1  H N N 158 
LYS HZ2  H N N 159 
LYS HZ3  H N N 160 
LYS HXT  H N N 161 
MEA C1   C N N 162 
MEA N    N N N 163 
MEA CA   C N S 164 
MEA C    C N N 165 
MEA O    O N N 166 
MEA CB   C N N 167 
MEA CG   C Y N 168 
MEA CD1  C Y N 169 
MEA CE1  C Y N 170 
MEA CZ   C Y N 171 
MEA CE2  C Y N 172 
MEA CD2  C Y N 173 
MEA OXT  O N N 174 
MEA HC1  H N N 175 
MEA HC2  H N N 176 
MEA HC3  H N N 177 
MEA H    H N N 178 
MEA HA   H N N 179 
MEA HB1  H N N 180 
MEA HB2  H N N 181 
MEA HD1  H N N 182 
MEA HE1  H N N 183 
MEA HZ   H N N 184 
MEA HE2  H N N 185 
MEA HD2  H N N 186 
MEA HXT  H N N 187 
MET N    N N N 188 
MET CA   C N S 189 
MET C    C N N 190 
MET O    O N N 191 
MET CB   C N N 192 
MET CG   C N N 193 
MET SD   S N N 194 
MET CE   C N N 195 
MET OXT  O N N 196 
MET H    H N N 197 
MET H2   H N N 198 
MET HA   H N N 199 
MET HB2  H N N 200 
MET HB3  H N N 201 
MET HG2  H N N 202 
MET HG3  H N N 203 
MET HE1  H N N 204 
MET HE2  H N N 205 
MET HE3  H N N 206 
MET HXT  H N N 207 
ORN N    N N N 208 
ORN CA   C N S 209 
ORN CB   C N N 210 
ORN CG   C N N 211 
ORN CD   C N N 212 
ORN NE   N N N 213 
ORN C    C N N 214 
ORN O    O N N 215 
ORN OXT  O N N 216 
ORN H    H N N 217 
ORN H2   H N N 218 
ORN HA   H N N 219 
ORN HB2  H N N 220 
ORN HB3  H N N 221 
ORN HG2  H N N 222 
ORN HG3  H N N 223 
ORN HD2  H N N 224 
ORN HD3  H N N 225 
ORN HE1  H N N 226 
ORN HE2  H N N 227 
ORN HXT  H N N 228 
PHE N    N N N 229 
PHE CA   C N S 230 
PHE C    C N N 231 
PHE O    O N N 232 
PHE CB   C N N 233 
PHE CG   C Y N 234 
PHE CD1  C Y N 235 
PHE CD2  C Y N 236 
PHE CE1  C Y N 237 
PHE CE2  C Y N 238 
PHE CZ   C Y N 239 
PHE OXT  O N N 240 
PHE H    H N N 241 
PHE H2   H N N 242 
PHE HA   H N N 243 
PHE HB2  H N N 244 
PHE HB3  H N N 245 
PHE HD1  H N N 246 
PHE HD2  H N N 247 
PHE HE1  H N N 248 
PHE HE2  H N N 249 
PHE HZ   H N N 250 
PHE HXT  H N N 251 
SER N    N N N 252 
SER CA   C N S 253 
SER C    C N N 254 
SER O    O N N 255 
SER CB   C N N 256 
SER OG   O N N 257 
SER OXT  O N N 258 
SER H    H N N 259 
SER H2   H N N 260 
SER HA   H N N 261 
SER HB2  H N N 262 
SER HB3  H N N 263 
SER HG   H N N 264 
SER HXT  H N N 265 
VAL N    N N N 266 
VAL CA   C N S 267 
VAL C    C N N 268 
VAL O    O N N 269 
VAL CB   C N N 270 
VAL CG1  C N N 271 
VAL CG2  C N N 272 
VAL OXT  O N N 273 
VAL H    H N N 274 
VAL H2   H N N 275 
VAL HA   H N N 276 
VAL HB   H N N 277 
VAL HG11 H N N 278 
VAL HG12 H N N 279 
VAL HG13 H N N 280 
VAL HG21 H N N 281 
VAL HG22 H N N 282 
VAL HG23 H N N 283 
VAL HXT  H N N 284 
# 
loop_
_chem_comp_bond.comp_id 
_chem_comp_bond.atom_id_1 
_chem_comp_bond.atom_id_2 
_chem_comp_bond.value_order 
_chem_comp_bond.pdbx_aromatic_flag 
_chem_comp_bond.pdbx_stereo_config 
_chem_comp_bond.pdbx_ordinal 
ALA N   CA   sing N N 1   
ALA N   H    sing N N 2   
ALA N   H2   sing N N 3   
ALA CA  C    sing N N 4   
ALA CA  CB   sing N N 5   
ALA CA  HA   sing N N 6   
ALA C   O    doub N N 7   
ALA C   OXT  sing N N 8   
ALA CB  HB1  sing N N 9   
ALA CB  HB2  sing N N 10  
ALA CB  HB3  sing N N 11  
ALA OXT HXT  sing N N 12  
ASN N   CA   sing N N 13  
ASN N   H    sing N N 14  
ASN N   H2   sing N N 15  
ASN CA  C    sing N N 16  
ASN CA  CB   sing N N 17  
ASN CA  HA   sing N N 18  
ASN C   O    doub N N 19  
ASN C   OXT  sing N N 20  
ASN CB  CG   sing N N 21  
ASN CB  HB2  sing N N 22  
ASN CB  HB3  sing N N 23  
ASN CG  OD1  doub N N 24  
ASN CG  ND2  sing N N 25  
ASN ND2 HD21 sing N N 26  
ASN ND2 HD22 sing N N 27  
ASN OXT HXT  sing N N 28  
ASP N   CA   sing N N 29  
ASP N   H    sing N N 30  
ASP N   H2   sing N N 31  
ASP CA  C    sing N N 32  
ASP CA  CB   sing N N 33  
ASP CA  HA   sing N N 34  
ASP C   O    doub N N 35  
ASP C   OXT  sing N N 36  
ASP CB  CG   sing N N 37  
ASP CB  HB2  sing N N 38  
ASP CB  HB3  sing N N 39  
ASP CG  OD1  doub N N 40  
ASP CG  OD2  sing N N 41  
ASP OD2 HD2  sing N N 42  
ASP OXT HXT  sing N N 43  
CYS N   CA   sing N N 44  
CYS N   H    sing N N 45  
CYS N   H2   sing N N 46  
CYS CA  C    sing N N 47  
CYS CA  CB   sing N N 48  
CYS CA  HA   sing N N 49  
CYS C   O    doub N N 50  
CYS C   OXT  sing N N 51  
CYS CB  SG   sing N N 52  
CYS CB  HB2  sing N N 53  
CYS CB  HB3  sing N N 54  
CYS SG  HG   sing N N 55  
CYS OXT HXT  sing N N 56  
GLU N   CA   sing N N 57  
GLU N   H    sing N N 58  
GLU N   H2   sing N N 59  
GLU CA  C    sing N N 60  
GLU CA  CB   sing N N 61  
GLU CA  HA   sing N N 62  
GLU C   O    doub N N 63  
GLU C   OXT  sing N N 64  
GLU CB  CG   sing N N 65  
GLU CB  HB2  sing N N 66  
GLU CB  HB3  sing N N 67  
GLU CG  CD   sing N N 68  
GLU CG  HG2  sing N N 69  
GLU CG  HG3  sing N N 70  
GLU CD  OE1  doub N N 71  
GLU CD  OE2  sing N N 72  
GLU OE2 HE2  sing N N 73  
GLU OXT HXT  sing N N 74  
GLY N   CA   sing N N 75  
GLY N   H    sing N N 76  
GLY N   H2   sing N N 77  
GLY CA  C    sing N N 78  
GLY CA  HA2  sing N N 79  
GLY CA  HA3  sing N N 80  
GLY C   O    doub N N 81  
GLY C   OXT  sing N N 82  
GLY OXT HXT  sing N N 83  
HOH O   H1   sing N N 84  
HOH O   H2   sing N N 85  
ILE N   CA   sing N N 86  
ILE N   H    sing N N 87  
ILE N   H2   sing N N 88  
ILE CA  C    sing N N 89  
ILE CA  CB   sing N N 90  
ILE CA  HA   sing N N 91  
ILE C   O    doub N N 92  
ILE C   OXT  sing N N 93  
ILE CB  CG1  sing N N 94  
ILE CB  CG2  sing N N 95  
ILE CB  HB   sing N N 96  
ILE CG1 CD1  sing N N 97  
ILE CG1 HG12 sing N N 98  
ILE CG1 HG13 sing N N 99  
ILE CG2 HG21 sing N N 100 
ILE CG2 HG22 sing N N 101 
ILE CG2 HG23 sing N N 102 
ILE CD1 HD11 sing N N 103 
ILE CD1 HD12 sing N N 104 
ILE CD1 HD13 sing N N 105 
ILE OXT HXT  sing N N 106 
LEU N   CA   sing N N 107 
LEU N   H    sing N N 108 
LEU N   H2   sing N N 109 
LEU CA  C    sing N N 110 
LEU CA  CB   sing N N 111 
LEU CA  HA   sing N N 112 
LEU C   O    doub N N 113 
LEU C   OXT  sing N N 114 
LEU CB  CG   sing N N 115 
LEU CB  HB2  sing N N 116 
LEU CB  HB3  sing N N 117 
LEU CG  CD1  sing N N 118 
LEU CG  CD2  sing N N 119 
LEU CG  HG   sing N N 120 
LEU CD1 HD11 sing N N 121 
LEU CD1 HD12 sing N N 122 
LEU CD1 HD13 sing N N 123 
LEU CD2 HD21 sing N N 124 
LEU CD2 HD22 sing N N 125 
LEU CD2 HD23 sing N N 126 
LEU OXT HXT  sing N N 127 
LYS N   CA   sing N N 128 
LYS N   H    sing N N 129 
LYS N   H2   sing N N 130 
LYS CA  C    sing N N 131 
LYS CA  CB   sing N N 132 
LYS CA  HA   sing N N 133 
LYS C   O    doub N N 134 
LYS C   OXT  sing N N 135 
LYS CB  CG   sing N N 136 
LYS CB  HB2  sing N N 137 
LYS CB  HB3  sing N N 138 
LYS CG  CD   sing N N 139 
LYS CG  HG2  sing N N 140 
LYS CG  HG3  sing N N 141 
LYS CD  CE   sing N N 142 
LYS CD  HD2  sing N N 143 
LYS CD  HD3  sing N N 144 
LYS CE  NZ   sing N N 145 
LYS CE  HE2  sing N N 146 
LYS CE  HE3  sing N N 147 
LYS NZ  HZ1  sing N N 148 
LYS NZ  HZ2  sing N N 149 
LYS NZ  HZ3  sing N N 150 
LYS OXT HXT  sing N N 151 
MEA C1  N    sing N N 152 
MEA C1  HC1  sing N N 153 
MEA C1  HC2  sing N N 154 
MEA C1  HC3  sing N N 155 
MEA N   CA   sing N N 156 
MEA N   H    sing N N 157 
MEA CA  C    sing N N 158 
MEA CA  CB   sing N N 159 
MEA CA  HA   sing N N 160 
MEA C   O    doub N N 161 
MEA C   OXT  sing N N 162 
MEA CB  CG   sing N N 163 
MEA CB  HB1  sing N N 164 
MEA CB  HB2  sing N N 165 
MEA CG  CD1  doub Y N 166 
MEA CG  CD2  sing Y N 167 
MEA CD1 CE1  sing Y N 168 
MEA CD1 HD1  sing N N 169 
MEA CE1 CZ   doub Y N 170 
MEA CE1 HE1  sing N N 171 
MEA CZ  CE2  sing Y N 172 
MEA CZ  HZ   sing N N 173 
MEA CE2 CD2  doub Y N 174 
MEA CE2 HE2  sing N N 175 
MEA CD2 HD2  sing N N 176 
MEA OXT HXT  sing N N 177 
MET N   CA   sing N N 178 
MET N   H    sing N N 179 
MET N   H2   sing N N 180 
MET CA  C    sing N N 181 
MET CA  CB   sing N N 182 
MET CA  HA   sing N N 183 
MET C   O    doub N N 184 
MET C   OXT  sing N N 185 
MET CB  CG   sing N N 186 
MET CB  HB2  sing N N 187 
MET CB  HB3  sing N N 188 
MET CG  SD   sing N N 189 
MET CG  HG2  sing N N 190 
MET CG  HG3  sing N N 191 
MET SD  CE   sing N N 192 
MET CE  HE1  sing N N 193 
MET CE  HE2  sing N N 194 
MET CE  HE3  sing N N 195 
MET OXT HXT  sing N N 196 
ORN N   CA   sing N N 197 
ORN N   H    sing N N 198 
ORN N   H2   sing N N 199 
ORN CA  CB   sing N N 200 
ORN CA  C    sing N N 201 
ORN CA  HA   sing N N 202 
ORN CB  CG   sing N N 203 
ORN CB  HB2  sing N N 204 
ORN CB  HB3  sing N N 205 
ORN CG  CD   sing N N 206 
ORN CG  HG2  sing N N 207 
ORN CG  HG3  sing N N 208 
ORN CD  NE   sing N N 209 
ORN CD  HD2  sing N N 210 
ORN CD  HD3  sing N N 211 
ORN NE  HE1  sing N N 212 
ORN NE  HE2  sing N N 213 
ORN C   O    doub N N 214 
ORN C   OXT  sing N N 215 
ORN OXT HXT  sing N N 216 
PHE N   CA   sing N N 217 
PHE N   H    sing N N 218 
PHE N   H2   sing N N 219 
PHE CA  C    sing N N 220 
PHE CA  CB   sing N N 221 
PHE CA  HA   sing N N 222 
PHE C   O    doub N N 223 
PHE C   OXT  sing N N 224 
PHE CB  CG   sing N N 225 
PHE CB  HB2  sing N N 226 
PHE CB  HB3  sing N N 227 
PHE CG  CD1  doub Y N 228 
PHE CG  CD2  sing Y N 229 
PHE CD1 CE1  sing Y N 230 
PHE CD1 HD1  sing N N 231 
PHE CD2 CE2  doub Y N 232 
PHE CD2 HD2  sing N N 233 
PHE CE1 CZ   doub Y N 234 
PHE CE1 HE1  sing N N 235 
PHE CE2 CZ   sing Y N 236 
PHE CE2 HE2  sing N N 237 
PHE CZ  HZ   sing N N 238 
PHE OXT HXT  sing N N 239 
SER N   CA   sing N N 240 
SER N   H    sing N N 241 
SER N   H2   sing N N 242 
SER CA  C    sing N N 243 
SER CA  CB   sing N N 244 
SER CA  HA   sing N N 245 
SER C   O    doub N N 246 
SER C   OXT  sing N N 247 
SER CB  OG   sing N N 248 
SER CB  HB2  sing N N 249 
SER CB  HB3  sing N N 250 
SER OG  HG   sing N N 251 
SER OXT HXT  sing N N 252 
VAL N   CA   sing N N 253 
VAL N   H    sing N N 254 
VAL N   H2   sing N N 255 
VAL CA  C    sing N N 256 
VAL CA  CB   sing N N 257 
VAL CA  HA   sing N N 258 
VAL C   O    doub N N 259 
VAL C   OXT  sing N N 260 
VAL CB  CG1  sing N N 261 
VAL CB  CG2  sing N N 262 
VAL CB  HB   sing N N 263 
VAL CG1 HG11 sing N N 264 
VAL CG1 HG12 sing N N 265 
VAL CG1 HG13 sing N N 266 
VAL CG2 HG21 sing N N 267 
VAL CG2 HG22 sing N N 268 
VAL CG2 HG23 sing N N 269 
VAL OXT HXT  sing N N 270 
# 
loop_
_pdbx_audit_support.funding_organization 
_pdbx_audit_support.country 
_pdbx_audit_support.grant_number 
_pdbx_audit_support.ordinal 
'National Institutes of Health/National Institute on Aging (NIH/NIA)' 'United States' 1RF1AG062296-01 1 
'National Institutes of Health/National Institute on Aging (NIH/NIA)' 'United States' 1RF1AG072587-01 2 
# 
_pdbx_initial_refinement_model.id               1 
_pdbx_initial_refinement_model.entity_id_list   ? 
_pdbx_initial_refinement_model.type             'experimental model' 
_pdbx_initial_refinement_model.source_name      PDB 
_pdbx_initial_refinement_model.accession_code   7JXO 
_pdbx_initial_refinement_model.details          ? 
# 
_atom_sites.entry_id                    7U4P 
_atom_sites.Cartn_transf_matrix[1][1]   ? 
_atom_sites.Cartn_transf_matrix[1][2]   ? 
_atom_sites.Cartn_transf_matrix[1][3]   ? 
_atom_sites.Cartn_transf_matrix[2][1]   ? 
_atom_sites.Cartn_transf_matrix[2][2]   ? 
_atom_sites.Cartn_transf_matrix[2][3]   ? 
_atom_sites.Cartn_transf_matrix[3][1]   ? 
_atom_sites.Cartn_transf_matrix[3][2]   ? 
_atom_sites.Cartn_transf_matrix[3][3]   ? 
_atom_sites.Cartn_transf_vector[1]      ? 
_atom_sites.Cartn_transf_vector[2]      ? 
_atom_sites.Cartn_transf_vector[3]      ? 
_atom_sites.fract_transf_matrix[1][1]   -0.00644147 
_atom_sites.fract_transf_matrix[1][2]   -0.01050470 
_atom_sites.fract_transf_matrix[1][3]   0.01394333 
_atom_sites.fract_transf_matrix[2][1]   0.01090228 
_atom_sites.fract_transf_matrix[2][2]   -0.00379443 
_atom_sites.fract_transf_matrix[2][3]   0.01459452 
_atom_sites.fract_transf_matrix[3][1]   -0.00699890 
_atom_sites.fract_transf_matrix[3][2]   0.01714971 
_atom_sites.fract_transf_matrix[3][3]   0.00968702 
_atom_sites.fract_transf_vector[1]      0.336248 
_atom_sites.fract_transf_vector[2]      0.448390 
_atom_sites.fract_transf_vector[3]      0.963006 
_atom_sites.solution_primary            ? 
_atom_sites.solution_secondary          ? 
_atom_sites.solution_hydrogens          ? 
_atom_sites.special_details             ? 
# 
loop_
_atom_type.symbol 
C 
H 
N 
O 
S 
# 
loop_
_atom_site.group_PDB 
_atom_site.id 
_atom_site.type_symbol 
_atom_site.label_atom_id 
_atom_site.label_alt_id 
_atom_site.label_comp_id 
_atom_site.label_asym_id 
_atom_site.label_entity_id 
_atom_site.label_seq_id 
_atom_site.pdbx_PDB_ins_code 
_atom_site.Cartn_x 
_atom_site.Cartn_y 
_atom_site.Cartn_z 
_atom_site.occupancy 
_atom_site.B_iso_or_equiv 
_atom_site.pdbx_formal_charge 
_atom_site.auth_seq_id 
_atom_site.auth_comp_id 
_atom_site.auth_asym_id 
_atom_site.auth_atom_id 
_atom_site.pdbx_PDB_model_num 
HETATM 1   N N    . ORN A 1 1  ? -8.321  8.499   5.025   1.00 49.97  ? 1   ORN A N    1 
HETATM 2   C CA   . ORN A 1 1  ? -6.891  8.085   5.234   1.00 46.89  ? 1   ORN A CA   1 
HETATM 3   C CB   . ORN A 1 1  ? -6.545  8.091   6.729   1.00 45.11  ? 1   ORN A CB   1 
HETATM 4   C CG   . ORN A 1 1  ? -6.389  9.495   7.303   1.00 49.60  ? 1   ORN A CG   1 
HETATM 5   C CD   . ORN A 1 1  ? -5.070  10.160  6.863   1.00 56.39  ? 1   ORN A CD   1 
HETATM 6   N NE   . ORN A 1 1  ? -3.907  9.415   7.323   1.00 45.95  ? 1   ORN A NE   1 
HETATM 7   C C    . ORN A 1 1  ? -6.583  6.704   4.659   1.00 32.09  ? 1   ORN A C    1 
HETATM 8   O O    . ORN A 1 1  ? -7.469  5.929   4.308   1.00 40.88  ? 1   ORN A O    1 
HETATM 9   H H1   . ORN A 1 1  ? -8.494  9.493   5.190   1.00 60.11  ? 1   ORN A H1   1 
HETATM 10  H H2   . ORN A 1 1  ? -8.669  8.330   4.079   1.00 60.11  ? 1   ORN A H2   1 
HETATM 11  H H3   . ORN A 1 1  ? -8.987  8.017   5.635   1.00 60.11  ? 1   ORN A H3   1 
HETATM 12  H HA   . ORN A 1 1  ? -6.315  8.809   4.650   1.00 56.41  ? 1   ORN A HA   1 
HETATM 13  H HB2  . ORN A 1 1  ? -7.353  7.590   7.282   1.00 54.27  ? 1   ORN A HB2  1 
HETATM 14  H HB3  . ORN A 1 1  ? -5.594  7.560   6.875   1.00 54.27  ? 1   ORN A HB3  1 
HETATM 15  H HG2  . ORN A 1 1  ? -7.230  10.114  6.972   1.00 59.67  ? 1   ORN A HG2  1 
HETATM 16  H HG3  . ORN A 1 1  ? -6.418  9.442   8.397   1.00 59.67  ? 1   ORN A HG3  1 
HETATM 17  H HD2  . ORN A 1 1  ? -5.029  11.169  7.283   1.00 67.81  ? 1   ORN A HD2  1 
HETATM 18  H HD3  . ORN A 1 1  ? -5.048  10.208  5.771   1.00 67.81  ? 1   ORN A HD3  1 
HETATM 19  H HE1  . ORN A 1 1  ? -3.685  9.512   8.278   1.00 55.29  ? 1   ORN A HE1  1 
ATOM   20  N N    . CYS A 1 2  ? -5.248  6.394   4.572   1.00 38.10  ? 2   CYS A N    1 
ATOM   21  C CA   . CYS A 1 2  ? -4.797  5.116   4.061   1.00 42.49  ? 2   CYS A CA   1 
ATOM   22  C C    . CYS A 1 2  ? -4.031  4.330   5.119   1.00 40.49  ? 2   CYS A C    1 
ATOM   23  O O    . CYS A 1 2  ? -3.493  4.895   6.078   1.00 40.15  ? 2   CYS A O    1 
ATOM   24  C CB   . CYS A 1 2  ? -3.927  5.302   2.814   1.00 46.13  ? 2   CYS A CB   1 
ATOM   25  S SG   . CYS A 1 2  ? -4.585  6.460   1.623   1.00 41.44  ? 2   CYS A SG   1 
ATOM   26  H H    . CYS A 1 2  ? -4.611  6.922   4.807   1.00 45.86  ? 2   CYS A H    1 
ATOM   27  H HA   . CYS A 1 2  ? -5.576  4.595   3.809   1.00 51.14  ? 2   CYS A HA   1 
ATOM   28  H HB2  . CYS A 1 2  ? -3.057  5.627   3.090   1.00 55.50  ? 2   CYS A HB2  1 
ATOM   29  H HB3  . CYS A 1 2  ? -3.835  4.444   2.370   1.00 55.50  ? 2   CYS A HB3  1 
ATOM   30  N N    . VAL A 1 3  ? -4.029  3.014   4.941   1.00 36.92  ? 3   VAL A N    1 
ATOM   31  C CA   . VAL A 1 3  ? -3.241  2.095   5.754   1.00 33.69  ? 3   VAL A CA   1 
ATOM   32  C C    . VAL A 1 3  ? -2.152  1.507   4.872   1.00 28.57  ? 3   VAL A C    1 
ATOM   33  O O    . VAL A 1 3  ? -2.440  0.817   3.885   1.00 33.77  ? 3   VAL A O    1 
ATOM   34  C CB   . VAL A 1 3  ? -4.101  0.980   6.362   1.00 33.50  ? 3   VAL A CB   1 
ATOM   35  C CG1  . VAL A 1 3  ? -3.212  0.011   7.149   1.00 33.06  ? 3   VAL A CG1  1 
ATOM   36  C CG2  . VAL A 1 3  ? -5.185  1.548   7.239   1.00 43.48  ? 3   VAL A CG2  1 
ATOM   37  H H    . VAL A 1 3  ? -4.491  2.617   4.334   1.00 44.45  ? 3   VAL A H    1 
ATOM   38  H HA   . VAL A 1 3  ? -2.829  2.594   6.477   1.00 40.57  ? 3   VAL A HA   1 
ATOM   39  H HB   . VAL A 1 3  ? -4.536  0.491   5.646   1.00 40.34  ? 3   VAL A HB   1 
ATOM   40  H HG11 . VAL A 1 3  ? -3.776  -0.614  7.629   1.00 39.81  ? 3   VAL A HG11 1 
ATOM   41  H HG12 . VAL A 1 3  ? -2.641  -0.468  6.528   1.00 39.81  ? 3   VAL A HG12 1 
ATOM   42  H HG13 . VAL A 1 3  ? -2.671  0.518   7.774   1.00 39.81  ? 3   VAL A HG13 1 
ATOM   43  H HG21 . VAL A 1 3  ? -5.678  0.817   7.646   1.00 52.32  ? 3   VAL A HG21 1 
ATOM   44  H HG22 . VAL A 1 3  ? -4.780  2.096   7.929   1.00 52.32  ? 3   VAL A HG22 1 
ATOM   45  H HG23 . VAL A 1 3  ? -5.781  2.086   6.696   1.00 52.32  ? 3   VAL A HG23 1 
ATOM   46  N N    . PHE A 1 4  ? -0.904  1.727   5.261   1.00 29.62  ? 4   PHE A N    1 
ATOM   47  C CA   . PHE A 1 4  ? 0.227   1.179   4.530   1.00 31.63  ? 4   PHE A CA   1 
ATOM   48  C C    . PHE A 1 4  ? 0.935   0.123   5.369   1.00 30.34  ? 4   PHE A C    1 
ATOM   49  O O    . PHE A 1 4  ? 0.923   0.205   6.600   1.00 34.68  ? 4   PHE A O    1 
ATOM   50  C CB   . PHE A 1 4  ? 1.198   2.295   4.157   1.00 37.36  ? 4   PHE A CB   1 
ATOM   51  C CG   . PHE A 1 4  ? 0.621   3.311   3.220   1.00 32.21  ? 4   PHE A CG   1 
ATOM   52  C CD1  . PHE A 1 4  ? 0.448   3.015   1.880   1.00 43.61  ? 4   PHE A CD1  1 
ATOM   53  C CD2  . PHE A 1 4  ? 0.267   4.567   3.675   1.00 38.75  ? 4   PHE A CD2  1 
ATOM   54  C CE1  . PHE A 1 4  ? -0.075  3.954   1.012   1.00 37.23  ? 4   PHE A CE1  1 
ATOM   55  C CE2  . PHE A 1 4  ? -0.260  5.508   2.811   1.00 46.65  ? 4   PHE A CE2  1 
ATOM   56  C CZ   . PHE A 1 4  ? -0.431  5.198   1.480   1.00 49.14  ? 4   PHE A CZ   1 
ATOM   57  H H    . PHE A 1 4  ? -0.685  2.193   5.950   1.00 35.69  ? 4   PHE A H    1 
ATOM   58  H HA   . PHE A 1 4  ? -0.081  0.763   3.709   1.00 38.10  ? 4   PHE A HA   1 
ATOM   59  H HB2  . PHE A 1 4  ? 1.466   2.758   4.967   1.00 44.98  ? 4   PHE A HB2  1 
ATOM   60  H HB3  . PHE A 1 4  ? 1.974   1.902   3.728   1.00 44.98  ? 4   PHE A HB3  1 
ATOM   61  H HD1  . PHE A 1 4  ? 0.686   2.173   1.560   1.00 52.48  ? 4   PHE A HD1  1 
ATOM   62  H HD2  . PHE A 1 4  ? 0.384   4.781   4.572   1.00 46.64  ? 4   PHE A HD2  1 
ATOM   63  H HE1  . PHE A 1 4  ? -0.187  3.746   0.113   1.00 44.82  ? 4   PHE A HE1  1 
ATOM   64  H HE2  . PHE A 1 4  ? -0.498  6.348   3.127   1.00 56.12  ? 4   PHE A HE2  1 
ATOM   65  H HZ   . PHE A 1 4  ? -0.786  5.831   0.897   1.00 59.11  ? 4   PHE A HZ   1 
HETATM 66  C C1   . MEA A 1 5  ? 1.742   -1.025  3.321   1.00 34.75  ? 5   MEA A C1   1 
HETATM 67  N N    . MEA A 1 5  ? 1.578   -0.848  4.722   1.00 31.49  ? 5   MEA A N    1 
HETATM 68  C CA   . MEA A 1 5  ? 2.218   -1.920  5.463   1.00 28.71  ? 5   MEA A CA   1 
HETATM 69  C C    . MEA A 1 5  ? 3.738   -1.643  5.448   1.00 28.73  ? 5   MEA A C    1 
HETATM 70  O O    . MEA A 1 5  ? 4.428   -1.912  4.436   1.00 29.05  ? 5   MEA A O    1 
HETATM 71  C CB   . MEA A 1 5  ? 1.891   -3.232  4.903   1.00 33.81  ? 5   MEA A CB   1 
HETATM 72  C CG   . MEA A 1 5  ? 2.188   -4.378  5.892   1.00 39.38  ? 5   MEA A CG   1 
HETATM 73  C CD1  . MEA A 1 5  ? 1.524   -4.446  7.112   1.00 56.35  ? 5   MEA A CD1  1 
HETATM 74  C CE1  . MEA A 1 5  ? 1.791   -5.486  8.001   1.00 59.09  ? 5   MEA A CE1  1 
HETATM 75  C CZ   . MEA A 1 5  ? 2.720   -6.472  7.665   1.00 43.89  ? 5   MEA A CZ   1 
HETATM 76  C CE2  . MEA A 1 5  ? 3.386   -6.415  6.434   1.00 51.00  ? 5   MEA A CE2  1 
HETATM 77  C CD2  . MEA A 1 5  ? 3.126   -5.383  5.554   1.00 57.63  ? 5   MEA A CD2  1 
HETATM 78  H HC1  . MEA A 1 5  ? 1.015   -1.615  2.973   1.00 41.85  ? 5   MEA A HC1  1 
HETATM 79  H HC2  . MEA A 1 5  ? 2.627   -1.447  3.139   1.00 41.85  ? 5   MEA A HC2  1 
HETATM 80  H HC3  . MEA A 1 5  ? 1.696   -0.138  2.865   1.00 41.85  ? 5   MEA A HC3  1 
HETATM 81  H HA   . MEA A 1 5  ? 1.890   -1.944  6.396   1.00 34.60  ? 5   MEA A HA   1 
HETATM 82  H HB1  . MEA A 1 5  ? 2.424   -3.369  4.086   1.00 40.72  ? 5   MEA A HB1  1 
HETATM 83  H HB2  . MEA A 1 5  ? 0.932   -3.249  4.675   1.00 40.72  ? 5   MEA A HB2  1 
HETATM 84  H HD1  . MEA A 1 5  ? 0.871   -3.766  7.346   1.00 67.77  ? 5   MEA A HD1  1 
HETATM 85  H HE1  . MEA A 1 5  ? 1.324   -5.526  8.868   1.00 71.05  ? 5   MEA A HE1  1 
HETATM 86  H HZ   . MEA A 1 5  ? 2.909   -7.212  8.299   1.00 52.81  ? 5   MEA A HZ   1 
HETATM 87  H HE2  . MEA A 1 5  ? 4.023   -7.098  6.201   1.00 61.35  ? 5   MEA A HE2  1 
HETATM 88  H HD2  . MEA A 1 5  ? 3.693   -5.537  4.769   1.00 69.30  ? 5   MEA A HD2  1 
ATOM   89  N N    . CYS A 1 6  ? 4.247   -1.117  6.555   1.00 26.03  ? 6   CYS A N    1 
ATOM   90  C CA   . CYS A 1 6  ? 5.583   -0.552  6.580   1.00 26.10  ? 6   CYS A CA   1 
ATOM   91  C C    . CYS A 1 6  ? 6.380   -0.989  7.793   1.00 27.03  ? 6   CYS A C    1 
ATOM   92  O O    . CYS A 1 6  ? 5.829   -1.243  8.876   1.00 29.84  ? 6   CYS A O    1 
ATOM   93  C CB   . CYS A 1 6  ? 5.526   0.979   6.576   1.00 30.74  ? 6   CYS A CB   1 
ATOM   94  S SG   . CYS A 1 6  ? 4.355   1.726   5.442   1.00 30.56  ? 6   CYS A SG   1 
ATOM   95  H H    . CYS A 1 6  ? 3.834   -1.077  7.309   1.00 31.38  ? 6   CYS A H    1 
ATOM   96  H HA   . CYS A 1 6  ? 6.038   -0.869  5.784   1.00 30.59  ? 6   CYS A HA   1 
ATOM   97  H HB2  . CYS A 1 6  ? 5.288   1.275   7.468   1.00 37.04  ? 6   CYS A HB2  1 
ATOM   98  H HB3  . CYS A 1 6  ? 6.405   1.314   6.339   1.00 37.04  ? 6   CYS A HB3  1 
ATOM   99  N N    . GLU A 1 7  ? 7.692   -1.057  7.613   1.00 30.31  ? 7   GLU A N    1 
ATOM   100 C CA   . GLU A 1 7  ? 8.582   -1.288  8.741   1.00 35.47  ? 7   GLU A CA   1 
ATOM   101 C C    . GLU A 1 7  ? 8.632   -0.032  9.600   1.00 48.93  ? 7   GLU A C    1 
ATOM   102 O O    . GLU A 1 7  ? 8.790   1.080   9.085   1.00 40.05  ? 7   GLU A O    1 
ATOM   103 C CB   . GLU A 1 7  ? 9.981   -1.662  8.255   1.00 30.59  ? 7   GLU A CB   1 
ATOM   104 C CG   . GLU A 1 7  ? 10.961  -1.976  9.389   1.00 33.57  ? 7   GLU A CG   1 
ATOM   105 C CD   . GLU A 1 7  ? 12.248  -2.615  8.898   1.00 43.79  ? 7   GLU A CD   1 
ATOM   106 O OE1  . GLU A 1 7  ? 13.163  -2.801  9.722   1.00 41.52  ? 7   GLU A OE1  1 
ATOM   107 O OE2  . GLU A 1 7  ? 12.346  -2.921  7.693   1.00 39.64  ? 7   GLU A OE2  1 
ATOM   108 H H    . GLU A 1 7  ? 8.089   -0.972  6.854   1.00 36.51  ? 7   GLU A H    1 
ATOM   109 H HA   . GLU A 1 7  ? 8.253   -2.027  9.276   1.00 42.70  ? 7   GLU A HA   1 
ATOM   110 H HB2  . GLU A 1 7  ? 9.916   -2.452  7.693   1.00 36.85  ? 7   GLU A HB2  1 
ATOM   111 H HB3  . GLU A 1 7  ? 10.344  -0.922  7.745   1.00 36.85  ? 7   GLU A HB3  1 
ATOM   112 H HG2  . GLU A 1 7  ? 11.191  -1.151  9.844   1.00 40.43  ? 7   GLU A HG2  1 
ATOM   113 H HG3  . GLU A 1 7  ? 10.538  -2.591  10.010  1.00 40.43  ? 7   GLU A HG3  1 
ATOM   114 N N    . ASP A 1 8  ? 8.474   -0.200  10.906  1.00 31.34  ? 8   ASP A N    1 
ATOM   115 C CA   . ASP A 1 8  ? 8.477   0.947   11.799  1.00 34.53  ? 8   ASP A CA   1 
ATOM   116 C C    . ASP A 1 8  ? 9.915   1.369   12.051  1.00 47.25  ? 8   ASP A C    1 
ATOM   117 O O    . ASP A 1 8  ? 10.729  0.573   12.535  1.00 49.08  ? 8   ASP A O    1 
ATOM   118 C CB   . ASP A 1 8  ? 7.763   0.632   13.107  1.00 54.04  ? 8   ASP A CB   1 
ATOM   119 C CG   . ASP A 1 8  ? 7.280   1.888   13.815  1.00 88.72  ? 8   ASP A CG   1 
ATOM   120 O OD1  . ASP A 1 8  ? 7.240   2.963   13.180  1.00 96.52  ? 8   ASP A OD1  1 
ATOM   121 O OD2  . ASP A 1 8  ? 6.940   1.806   15.011  1.00 108.68 ? 8   ASP A OD2  1 
ATOM   122 H H    . ASP A 1 8  ? 8.364   -0.959  11.294  1.00 37.75  ? 8   ASP A H    1 
ATOM   123 H HA   . ASP A 1 8  ? 7.999   1.680   11.381  1.00 41.58  ? 8   ASP A HA   1 
ATOM   124 H HB2  . ASP A 1 8  ? 6.991   0.073   12.922  1.00 64.99  ? 8   ASP A HB2  1 
ATOM   125 H HB3  . ASP A 1 8  ? 8.375   0.167   13.699  1.00 64.99  ? 8   ASP A HB3  1 
ATOM   126 N N    . VAL A 1 9  ? 10.227  2.616   11.720  1.00 77.88  ? 9   VAL A N    1 
ATOM   127 C CA   . VAL A 1 9  ? 11.590  3.122   11.793  1.00 84.31  ? 9   VAL A CA   1 
ATOM   128 C C    . VAL A 1 9  ? 11.967  3.424   13.236  1.00 80.63  ? 9   VAL A C    1 
ATOM   129 O O    . VAL A 1 9  ? 11.154  3.271   14.155  1.00 74.43  ? 9   VAL A O    1 
ATOM   130 C CB   . VAL A 1 9  ? 11.750  4.370   10.901  1.00 99.95  ? 9   VAL A CB   1 
ATOM   131 C CG1  . VAL A 1 9  ? 11.302  4.056   9.482   1.00 96.19  ? 9   VAL A CG1  1 
ATOM   132 C CG2  . VAL A 1 9  ? 10.953  5.554   11.458  1.00 93.03  ? 9   VAL A CG2  1 
ATOM   133 H H    . VAL A 1 9  ? 9.656   3.199   11.448  1.00 93.60  ? 9   VAL A H    1 
ATOM   134 H HA   . VAL A 1 9  ? 12.195  2.432   11.480  1.00 101.31 ? 9   VAL A HA   1 
ATOM   135 H HB   . VAL A 1 9  ? 12.687  4.622   10.890  1.00 120.08 ? 9   VAL A HB   1 
ATOM   136 H HG11 . VAL A 1 9  ? 11.543  4.797   8.904   1.00 115.57 ? 9   VAL A HG11 1 
ATOM   137 H HG12 . VAL A 1 9  ? 11.743  3.246   9.183   1.00 115.57 ? 9   VAL A HG12 1 
ATOM   138 H HG13 . VAL A 1 9  ? 10.340  3.930   9.475   1.00 115.57 ? 9   VAL A HG13 1 
ATOM   139 H HG21 . VAL A 1 9  ? 10.550  5.295   12.301  1.00 111.78 ? 9   VAL A HG21 1 
ATOM   140 H HG22 . VAL A 1 9  ? 11.554  6.303   11.595  1.00 111.78 ? 9   VAL A HG22 1 
ATOM   141 H HG23 . VAL A 1 9  ? 10.262  5.796   10.822  1.00 111.78 ? 9   VAL A HG23 1 
ATOM   142 N N    . GLY A 1 10 ? 13.206  3.861   13.441  1.00 61.13  ? 10  GLY A N    1 
ATOM   143 C CA   . GLY A 1 10 ? 13.680  4.230   14.751  1.00 70.73  ? 10  GLY A CA   1 
ATOM   144 C C    . GLY A 1 10 ? 14.306  3.111   15.554  1.00 91.12  ? 10  GLY A C    1 
ATOM   145 O O    . GLY A 1 10 ? 14.917  3.392   16.593  1.00 105.69 ? 10  GLY A O    1 
ATOM   146 H H    . GLY A 1 10 ? 13.795  3.949   12.821  1.00 73.50  ? 10  GLY A H    1 
ATOM   147 H HA2  . GLY A 1 10 ? 14.347  4.928   14.652  1.00 85.03  ? 10  GLY A HA2  1 
ATOM   148 H HA3  . GLY A 1 10 ? 12.934  4.576   15.264  1.00 85.03  ? 10  GLY A HA3  1 
ATOM   149 N N    . SER A 1 11 ? 14.188  1.856   15.114  1.00 113.24 ? 11  SER A N    1 
ATOM   150 C CA   . SER A 1 11 ? 14.662  0.731   15.903  1.00 108.77 ? 11  SER A CA   1 
ATOM   151 C C    . SER A 1 11 ? 15.475  -0.247  15.070  1.00 111.76 ? 11  SER A C    1 
ATOM   152 O O    . SER A 1 11 ? 15.644  -0.107  13.853  1.00 123.92 ? 11  SER A O    1 
ATOM   153 C CB   . SER A 1 11 ? 13.519  -0.075  16.530  1.00 100.30 ? 11  SER A CB   1 
ATOM   154 O OG   . SER A 1 11 ? 12.468  0.746   16.941  1.00 108.70 ? 11  SER A OG   1 
ATOM   155 H H    . SER A 1 11 ? 13.833  1.638   14.361  1.00 136.04 ? 11  SER A H    1 
ATOM   156 H HA   . SER A 1 11 ? 15.226  1.130   16.583  1.00 130.67 ? 11  SER A HA   1 
ATOM   157 H HB2  . SER A 1 11 ? 13.182  -0.704  15.873  1.00 120.51 ? 11  SER A HB2  1 
ATOM   158 H HB3  . SER A 1 11 ? 13.861  -0.553  17.302  1.00 120.51 ? 11  SER A HB3  1 
ATOM   159 H HG   . SER A 1 11 ? 12.113  0.433   17.634  1.00 130.59 ? 11  SER A HG   1 
ATOM   160 N N    . ASN A 1 12 ? 15.957  -1.257  15.786  1.00 116.40 ? 12  ASN A N    1 
ATOM   161 C CA   . ASN A 1 12 ? 16.488  -2.493  15.245  1.00 110.83 ? 12  ASN A CA   1 
ATOM   162 C C    . ASN A 1 12 ? 15.400  -3.541  15.052  1.00 105.77 ? 12  ASN A C    1 
ATOM   163 O O    . ASN A 1 12 ? 15.616  -4.514  14.321  1.00 105.16 ? 12  ASN A O    1 
ATOM   164 C CB   . ASN A 1 12 ? 17.566  -3.036  16.200  1.00 120.60 ? 12  ASN A CB   1 
ATOM   165 C CG   . ASN A 1 12 ? 17.230  -2.779  17.671  1.00 122.95 ? 12  ASN A CG   1 
ATOM   166 O OD1  . ASN A 1 12 ? 16.061  -2.810  18.061  1.00 124.09 ? 12  ASN A OD1  1 
ATOM   167 N ND2  . ASN A 1 12 ? 18.248  -2.514  18.483  1.00 118.71 ? 12  ASN A ND2  1 
ATOM   168 H H    . ASN A 1 12 ? 15.986  -1.246  16.645  1.00 139.82 ? 12  ASN A H    1 
ATOM   169 H HA   . ASN A 1 12 ? 16.905  -2.329  14.384  1.00 133.14 ? 12  ASN A HA   1 
ATOM   170 H HB2  . ASN A 1 12 ? 17.647  -3.994  16.072  1.00 144.86 ? 12  ASN A HB2  1 
ATOM   171 H HB3  . ASN A 1 12 ? 18.411  -2.603  16.004  1.00 144.86 ? 12  ASN A HB3  1 
ATOM   172 H HD21 . ASN A 1 12 ? 19.050  -2.494  18.174  1.00 142.60 ? 12  ASN A HD21 1 
ATOM   173 H HD22 . ASN A 1 12 ? 18.105  -2.364  19.317  1.00 142.60 ? 12  ASN A HD22 1 
ATOM   174 N N    . LYS A 1 13 ? 14.221  -3.325  15.647  1.00 59.38  ? 13  LYS A N    1 
ATOM   175 C CA   . LYS A 1 13 ? 13.261  -4.403  15.867  1.00 52.26  ? 13  LYS A CA   1 
ATOM   176 C C    . LYS A 1 13 ? 12.807  -5.070  14.575  1.00 48.48  ? 13  LYS A C    1 
ATOM   177 O O    . LYS A 1 13 ? 12.459  -6.255  14.592  1.00 36.57  ? 13  LYS A O    1 
ATOM   178 C CB   . LYS A 1 13 ? 12.052  -3.857  16.627  1.00 62.31  ? 13  LYS A CB   1 
ATOM   179 C CG   . LYS A 1 13 ? 11.094  -4.919  17.138  1.00 55.36  ? 13  LYS A CG   1 
ATOM   180 C CD   . LYS A 1 13 ? 9.736   -4.315  17.465  1.00 84.05  ? 13  LYS A CD   1 
ATOM   181 C CE   . LYS A 1 13 ? 8.919   -5.204  18.391  1.00 83.43  ? 13  LYS A CE   1 
ATOM   182 N NZ   . LYS A 1 13 ? 8.720   -4.579  19.733  1.00 78.59  ? 13  LYS A NZ   1 
ATOM   183 H H    . LYS A 1 13 ? 13.954  -2.559  15.932  1.00 71.40  ? 13  LYS A H    1 
ATOM   184 H HA   . LYS A 1 13 ? 13.693  -5.087  16.402  1.00 62.86  ? 13  LYS A HA   1 
ATOM   185 H HB2  . LYS A 1 13 ? 12.368  -3.356  17.394  1.00 74.92  ? 13  LYS A HB2  1 
ATOM   186 H HB3  . LYS A 1 13 ? 11.551  -3.274  16.034  1.00 74.92  ? 13  LYS A HB3  1 
ATOM   187 H HG2  . LYS A 1 13 ? 10.972  -5.599  16.457  1.00 66.58  ? 13  LYS A HG2  1 
ATOM   188 H HG3  . LYS A 1 13 ? 11.455  -5.319  17.945  1.00 66.58  ? 13  LYS A HG3  1 
ATOM   189 H HD2  . LYS A 1 13 ? 9.865   -3.460  17.904  1.00 101.00 ? 13  LYS A HD2  1 
ATOM   190 H HD3  . LYS A 1 13 ? 9.235   -4.193  16.644  1.00 101.00 ? 13  LYS A HD3  1 
ATOM   191 H HE2  . LYS A 1 13 ? 8.046   -5.360  17.997  1.00 100.26 ? 13  LYS A HE2  1 
ATOM   192 H HE3  . LYS A 1 13 ? 9.381   -6.047  18.515  1.00 100.26 ? 13  LYS A HE3  1 
ATOM   193 H HZ1  . LYS A 1 13 ? 8.249   -5.124  20.254  1.00 94.45  ? 13  LYS A HZ1  1 
ATOM   194 H HZ2  . LYS A 1 13 ? 9.508   -4.422  20.114  1.00 94.45  ? 13  LYS A HZ2  1 
ATOM   195 H HZ3  . LYS A 1 13 ? 8.282   -3.809  19.647  1.00 94.45  ? 13  LYS A HZ3  1 
ATOM   196 N N    . GLY A 1 14 ? 12.774  -4.338  13.462  1.00 34.82  ? 14  GLY A N    1 
ATOM   197 C CA   . GLY A 1 14 ? 12.316  -4.915  12.207  1.00 32.64  ? 14  GLY A CA   1 
ATOM   198 C C    . GLY A 1 14 ? 10.823  -5.123  12.113  1.00 32.80  ? 14  GLY A C    1 
ATOM   199 O O    . GLY A 1 14 ? 10.359  -5.856  11.233  1.00 31.99  ? 14  GLY A O    1 
ATOM   200 H H    . GLY A 1 14 ? 13.011  -3.512  13.411  1.00 41.06  ? 14  GLY A H    1 
ATOM   201 H HA2  . GLY A 1 14 ? 12.580  -4.329  11.481  1.00 39.32  ? 14  GLY A HA2  1 
ATOM   202 H HA3  . GLY A 1 14 ? 12.743  -5.778  12.088  1.00 39.32  ? 14  GLY A HA3  1 
ATOM   203 N N    . ALA A 1 15 ? 10.051  -4.500  12.996  1.00 32.15  ? 15  ALA A N    1 
ATOM   204 C CA   . ALA A 1 15 ? 8.609   -4.694  13.003  1.00 31.42  ? 15  ALA A CA   1 
ATOM   205 C C    . ALA A 1 15 ? 7.978   -4.070  11.767  1.00 29.46  ? 15  ALA A C    1 
ATOM   206 O O    . ALA A 1 15 ? 8.305   -2.942  11.388  1.00 30.99  ? 15  ALA A O    1 
ATOM   207 C CB   . ALA A 1 15 ? 8.001   -4.085  14.261  1.00 37.22  ? 15  ALA A CB   1 
ATOM   208 H H    . ALA A 1 15 ? 10.338  -3.958  13.600  1.00 37.85  ? 15  ALA A H    1 
ATOM   209 H HA   . ALA A 1 15 ? 8.419   -5.645  12.995  1.00 36.97  ? 15  ALA A HA   1 
ATOM   210 H HB1  . ALA A 1 15 ? 7.071   -3.866  14.089  1.00 44.81  ? 15  ALA A HB1  1 
ATOM   211 H HB2  . ALA A 1 15 ? 8.059   -4.728  14.984  1.00 44.81  ? 15  ALA A HB2  1 
ATOM   212 H HB3  . ALA A 1 15 ? 8.492   -3.281  14.493  1.00 44.81  ? 15  ALA A HB3  1 
ATOM   213 N N    . ILE A 1 16 ? 7.075   -4.808  11.137  1.00 31.93  ? 16  ILE A N    1 
ATOM   214 C CA   . ILE A 1 16 ? 6.260   -4.304  10.038  1.00 33.97  ? 16  ILE A CA   1 
ATOM   215 C C    . ILE A 1 16 ? 4.820   -4.263  10.525  1.00 32.86  ? 16  ILE A C    1 
ATOM   216 O O    . ILE A 1 16 ? 4.295   -5.273  11.008  1.00 32.56  ? 16  ILE A O    1 
ATOM   217 C CB   . ILE A 1 16 ? 6.396   -5.174  8.778   1.00 29.25  ? 16  ILE A CB   1 
ATOM   218 C CG1  . ILE A 1 16 ? 7.865   -5.458  8.450   1.00 29.66  ? 16  ILE A CG1  1 
ATOM   219 C CG2  . ILE A 1 16 ? 5.713   -4.500  7.605   1.00 33.87  ? 16  ILE A CG2  1 
ATOM   220 C CD1  . ILE A 1 16 ? 8.045   -6.539  7.443   1.00 34.23  ? 16  ILE A CD1  1 
ATOM   221 H H    . ILE A 1 16 ? 6.911   -5.629  11.333  1.00 38.46  ? 16  ILE A H    1 
ATOM   222 H HA   . ILE A 1 16 ? 6.542   -3.405  9.805   1.00 40.91  ? 16  ILE A HA   1 
ATOM   223 H HB   . ILE A 1 16 ? 5.963   -6.024  8.956   1.00 35.25  ? 16  ILE A HB   1 
ATOM   224 H HG12 . ILE A 1 16 ? 8.269   -4.649  8.096   1.00 35.73  ? 16  ILE A HG12 1 
ATOM   225 H HG13 . ILE A 1 16 ? 8.322   -5.728  9.262   1.00 35.73  ? 16  ILE A HG13 1 
ATOM   226 H HG21 . ILE A 1 16 ? 5.937   -4.977  6.792   1.00 40.79  ? 16  ILE A HG21 1 
ATOM   227 H HG22 . ILE A 1 16 ? 4.753   -4.517  7.745   1.00 40.79  ? 16  ILE A HG22 1 
ATOM   228 H HG23 . ILE A 1 16 ? 6.021   -3.581  7.544   1.00 40.79  ? 16  ILE A HG23 1 
ATOM   229 H HD11 . ILE A 1 16 ? 8.672   -7.192  7.790   1.00 41.23  ? 16  ILE A HD11 1 
ATOM   230 H HD12 . ILE A 1 16 ? 7.188   -6.959  7.275   1.00 41.23  ? 16  ILE A HD12 1 
ATOM   231 H HD13 . ILE A 1 16 ? 8.391   -6.153  6.623   1.00 41.23  ? 16  ILE A HD13 1 
ATOM   232 N N    . ILE A 1 17 ? 4.183   -3.100  10.411  1.00 28.44  ? 17  ILE A N    1 
ATOM   233 C CA   . ILE A 1 17 ? 2.855   -2.877  10.969  1.00 32.30  ? 17  ILE A CA   1 
ATOM   234 C C    . ILE A 1 17 ? 2.029   -2.053  9.991   1.00 27.33  ? 17  ILE A C    1 
ATOM   235 O O    . ILE A 1 17 ? 2.527   -1.564  8.975   1.00 32.14  ? 17  ILE A O    1 
ATOM   236 C CB   . ILE A 1 17 ? 2.918   -2.192  12.354  1.00 37.49  ? 17  ILE A CB   1 
ATOM   237 C CG1  . ILE A 1 17 ? 3.834   -0.966  12.338  1.00 42.06  ? 17  ILE A CG1  1 
ATOM   238 C CG2  . ILE A 1 17 ? 3.435   -3.174  13.392  1.00 42.18  ? 17  ILE A CG2  1 
ATOM   239 C CD1  . ILE A 1 17 ? 3.217   0.251   11.738  1.00 55.06  ? 17  ILE A CD1  1 
ATOM   240 H H    . ILE A 1 17 ? 4.507   -2.414  10.006  1.00 34.28  ? 17  ILE A H    1 
ATOM   241 H HA   . ILE A 1 17 ? 2.407   -3.732  11.073  1.00 38.91  ? 17  ILE A HA   1 
ATOM   242 H HB   . ILE A 1 17 ? 2.019   -1.904  12.575  1.00 45.13  ? 17  ILE A HB   1 
ATOM   243 H HG12 . ILE A 1 17 ? 4.080   -0.750  13.251  1.00 50.61  ? 17  ILE A HG12 1 
ATOM   244 H HG13 . ILE A 1 17 ? 4.627   -1.178  11.822  1.00 50.61  ? 17  ILE A HG13 1 
ATOM   245 H HG21 . ILE A 1 17 ? 3.384   -2.763  14.269  1.00 50.76  ? 17  ILE A HG21 1 
ATOM   246 H HG22 . ILE A 1 17 ? 2.888   -3.975  13.370  1.00 50.76  ? 17  ILE A HG22 1 
ATOM   247 H HG23 . ILE A 1 17 ? 4.356   -3.398  13.184  1.00 50.76  ? 17  ILE A HG23 1 
ATOM   248 H HD11 . ILE A 1 17 ? 3.630   1.039   12.127  1.00 66.22  ? 17  ILE A HD11 1 
ATOM   249 H HD12 . ILE A 1 17 ? 3.363   0.239   10.780  1.00 66.22  ? 17  ILE A HD12 1 
ATOM   250 H HD13 . ILE A 1 17 ? 2.265   0.248   11.927  1.00 66.22  ? 17  ILE A HD13 1 
ATOM   251 N N    . GLY A 1 18 ? 0.741   -1.930  10.292  1.00 30.06  ? 18  GLY A N    1 
ATOM   252 C CA   . GLY A 1 18 ? -0.112  -1.072  9.497   1.00 30.12  ? 18  GLY A CA   1 
ATOM   253 C C    . GLY A 1 18 ? -0.034  0.360   9.985   1.00 31.95  ? 18  GLY A C    1 
ATOM   254 O O    . GLY A 1 18 ? -0.365  0.642   11.138  1.00 33.07  ? 18  GLY A O    1 
ATOM   255 H H    . GLY A 1 18 ? 0.347   -2.330  10.943  1.00 36.22  ? 18  GLY A H    1 
ATOM   256 H HA2  . GLY A 1 18 ? 0.167   -1.102  8.568   1.00 36.29  ? 18  GLY A HA2  1 
ATOM   257 H HA3  . GLY A 1 18 ? -1.031  -1.374  9.559   1.00 36.29  ? 18  GLY A HA3  1 
ATOM   258 N N    . LEU A 1 19 ? 0.434   1.265   9.131   1.00 34.62  ? 19  LEU A N    1 
ATOM   259 C CA   . LEU A 1 19 ? 0.464   2.686   9.466   1.00 38.07  ? 19  LEU A CA   1 
ATOM   260 C C    . LEU A 1 19 ? -0.722  3.416   8.847   1.00 33.65  ? 19  LEU A C    1 
ATOM   261 O O    . LEU A 1 19 ? -1.020  3.222   7.670   1.00 32.22  ? 19  LEU A O    1 
ATOM   262 C CB   . LEU A 1 19 ? 1.763   3.332   8.986   1.00 46.40  ? 19  LEU A CB   1 
ATOM   263 C CG   . LEU A 1 19 ? 2.952   3.183   9.926   1.00 66.07  ? 19  LEU A CG   1 
ATOM   264 C CD1  . LEU A 1 19 ? 4.205   3.143   9.112   1.00 45.18  ? 19  LEU A CD1  1 
ATOM   265 C CD2  . LEU A 1 19 ? 3.027   4.303   10.938  1.00 72.91  ? 19  LEU A CD2  1 
ATOM   266 H H    . LEU A 1 19 ? 0.742   1.081   8.350   1.00 41.69  ? 19  LEU A H    1 
ATOM   267 H HA   . LEU A 1 19 ? 0.418   2.775   10.430  1.00 45.82  ? 19  LEU A HA   1 
ATOM   268 H HB2  . LEU A 1 19 ? 2.010   2.928   8.140   1.00 55.83  ? 19  LEU A HB2  1 
ATOM   269 H HB3  . LEU A 1 19 ? 1.605   4.282   8.867   1.00 55.83  ? 19  LEU A HB3  1 
ATOM   270 H HG   . LEU A 1 19 ? 2.853   2.361   10.430  1.00 79.43  ? 19  LEU A HG   1 
ATOM   271 H HD11 . LEU A 1 19 ? 4.961   3.012   9.704   1.00 54.37  ? 19  LEU A HD11 1 
ATOM   272 H HD12 . LEU A 1 19 ? 4.147   2.410   8.480   1.00 54.37  ? 19  LEU A HD12 1 
ATOM   273 H HD13 . LEU A 1 19 ? 4.299   3.984   8.637   1.00 54.37  ? 19  LEU A HD13 1 
ATOM   274 H HD21 . LEU A 1 19 ? 3.802   4.165   11.505  1.00 87.64  ? 19  LEU A HD21 1 
ATOM   275 H HD22 . LEU A 1 19 ? 3.107   5.148   10.468  1.00 87.64  ? 19  LEU A HD22 1 
ATOM   276 H HD23 . LEU A 1 19 ? 2.218   4.298   11.474  1.00 87.64  ? 19  LEU A HD23 1 
HETATM 277 N N    . ORN A 1 20 ? -1.373  4.260   9.647   1.00 34.74  ? 20  ORN A N    1 
HETATM 278 C CA   . ORN A 1 20 ? -2.386  4.969   9.223   1.00 37.59  ? 20  ORN A CA   1 
HETATM 279 C CB   . ORN A 1 20 ? -3.521  4.987   10.225  1.00 50.26  ? 20  ORN A CB   1 
HETATM 280 C CG   . ORN A 1 20 ? -3.728  3.625   10.848  1.00 61.10  ? 20  ORN A CG   1 
HETATM 281 C CD   . ORN A 1 20 ? -4.961  3.649   11.729  1.00 62.97  ? 20  ORN A CD   1 
HETATM 282 N NE   . ORN A 1 20 ? -4.729  4.490   12.859  1.00 66.37  ? 20  ORN A NE   1 
HETATM 283 C C    . ORN A 1 20 ? -1.995  6.198   8.848   1.00 52.14  ? 20  ORN A C    1 
HETATM 284 O O    . ORN A 1 20 ? -1.366  6.883   9.631   1.00 39.45  ? 20  ORN A O    1 
HETATM 285 H H    . ORN A 1 20 ? -1.129  4.366   10.519  1.00 41.83  ? 20  ORN A H    1 
HETATM 286 H HA   . ORN A 1 20 ? -2.720  4.489   8.435   1.00 45.25  ? 20  ORN A HA   1 
HETATM 287 H HB2  . ORN A 1 20 ? -4.344  5.256   9.771   1.00 60.45  ? 20  ORN A HB2  1 
HETATM 288 H HB3  . ORN A 1 20 ? -3.313  5.631   10.930  1.00 60.45  ? 20  ORN A HB3  1 
HETATM 289 H HG2  . ORN A 1 20 ? -2.947  3.392   11.389  1.00 73.46  ? 20  ORN A HG2  1 
HETATM 290 H HG3  . ORN A 1 20 ? -3.846  2.958   10.142  1.00 73.46  ? 20  ORN A HG3  1 
HETATM 291 H HD2  . ORN A 1 20 ? -5.160  2.739   12.036  1.00 75.71  ? 20  ORN A HD2  1 
HETATM 292 H HD3  . ORN A 1 20 ? -5.722  3.994   11.216  1.00 75.71  ? 20  ORN A HD3  1 
HETATM 293 H HE1  . ORN A 1 20 ? -3.975  4.210   13.300  1.00 79.79  ? 20  ORN A HE1  1 
HETATM 294 H HE2  . ORN A 1 20 ? -4.615  5.357   12.577  1.00 79.79  ? 20  ORN A HE2  1 
HETATM 295 H HN3  . ORN A 1 20 ? -5.449  4.447   13.427  1.00 79.79  ? 20  ORN A HN3  1 
ATOM   296 N N    . VAL A 1 21 ? -2.338  6.618   7.637   1.00 38.11  ? 21  VAL A N    1 
ATOM   297 C CA   . VAL A 1 21 ? -1.961  7.928   7.129   1.00 45.84  ? 21  VAL A CA   1 
ATOM   298 C C    . VAL A 1 21 ? -3.155  8.624   6.484   1.00 45.20  ? 21  VAL A C    1 
ATOM   299 O O    . VAL A 1 21 ? -3.400  8.477   5.286   1.00 48.44  ? 21  VAL A O    1 
ATOM   300 C CB   . VAL A 1 21 ? -0.802  7.819   6.122   1.00 52.52  ? 21  VAL A CB   1 
ATOM   301 C CG1  . VAL A 1 21 ? -0.308  9.207   5.726   1.00 54.31  ? 21  VAL A CG1  1 
ATOM   302 C CG2  . VAL A 1 21 ? 0.333   6.985   6.703   1.00 51.54  ? 21  VAL A CG2  1 
ATOM   303 H H    . VAL A 1 21 ? -2.785  6.142   7.076   1.00 45.87  ? 21  VAL A H    1 
ATOM   304 H HA   . VAL A 1 21 ? -1.665  8.469   7.878   1.00 55.16  ? 21  VAL A HA   1 
ATOM   305 H HB   . VAL A 1 21 ? -1.121  7.375   5.321   1.00 63.17  ? 21  VAL A HB   1 
ATOM   306 H HG11 . VAL A 1 21 ? 0.444   9.114   5.119   1.00 65.32  ? 21  VAL A HG11 1 
ATOM   307 H HG12 . VAL A 1 21 ? -1.029  9.686   5.289   1.00 65.32  ? 21  VAL A HG12 1 
ATOM   308 H HG13 . VAL A 1 21 ? -0.030  9.683   6.524   1.00 65.32  ? 21  VAL A HG13 1 
ATOM   309 H HG21 . VAL A 1 21 ? 1.067   6.966   6.068   1.00 62.00  ? 21  VAL A HG21 1 
ATOM   310 H HG22 . VAL A 1 21 ? 0.626   7.387   7.535   1.00 62.00  ? 21  VAL A HG22 1 
ATOM   311 H HG23 . VAL A 1 21 ? 0.012   6.085   6.866   1.00 62.00  ? 21  VAL A HG23 1 
HETATM 312 N N    . ORN B 1 1  ? 10.748  1.105   5.205   1.00 30.00  ? 1   ORN B N    1 
HETATM 313 C CA   . ORN B 1 1  ? 10.071  1.088   3.892   1.00 28.63  ? 1   ORN B CA   1 
HETATM 314 C CB   . ORN B 1 1  ? 10.933  0.377   2.826   1.00 30.96  ? 1   ORN B CB   1 
HETATM 315 C CG   . ORN B 1 1  ? 12.177  1.162   2.437   1.00 29.06  ? 1   ORN B CG   1 
HETATM 316 C CD   . ORN B 1 1  ? 11.843  2.375   1.558   1.00 33.50  ? 1   ORN B CD   1 
HETATM 317 N NE   . ORN B 1 1  ? 11.270  1.953   0.295   1.00 30.93  ? 1   ORN B NE   1 
HETATM 318 C C    . ORN B 1 1  ? 8.699   0.384   3.983   1.00 26.33  ? 1   ORN B C    1 
HETATM 319 O O    . ORN B 1 1  ? 8.396   -0.354  4.924   1.00 29.55  ? 1   ORN B O    1 
HETATM 320 H H1   . ORN B 1 1  ? 10.142  1.373   5.983   1.00 36.14  ? 1   ORN B H1   1 
HETATM 321 H H2   . ORN B 1 1  ? 11.139  0.200   5.483   1.00 36.14  ? 1   ORN B H2   1 
HETATM 322 H H3   . ORN B 1 1  ? 11.538  1.753   5.258   1.00 36.14  ? 1   ORN B H3   1 
HETATM 323 H HA   . ORN B 1 1  ? 9.904   2.142   3.651   1.00 34.50  ? 1   ORN B HA   1 
HETATM 324 H HB2  . ORN B 1 1  ? 10.329  0.233   1.920   1.00 37.29  ? 1   ORN B HB2  1 
HETATM 325 H HB3  . ORN B 1 1  ? 11.260  -0.594  3.225   1.00 37.29  ? 1   ORN B HB3  1 
HETATM 326 H HG2  . ORN B 1 1  ? 12.684  1.507   3.346   1.00 35.01  ? 1   ORN B HG2  1 
HETATM 327 H HG3  . ORN B 1 1  ? 12.864  0.504   1.895   1.00 35.01  ? 1   ORN B HG3  1 
HETATM 328 H HD2  . ORN B 1 1  ? 12.761  2.937   1.362   1.00 40.34  ? 1   ORN B HD2  1 
HETATM 329 H HD3  . ORN B 1 1  ? 11.122  3.008   2.083   1.00 40.34  ? 1   ORN B HD3  1 
HETATM 330 H HE1  . ORN B 1 1  ? 11.935  1.672   -0.421  1.00 37.26  ? 1   ORN B HE1  1 
ATOM   331 N N    . CYS B 1 2  ? 7.860   0.634   2.929   1.00 28.92  ? 2   CYS B N    1 
ATOM   332 C CA   . CYS B 1 2  ? 6.525   0.064   2.834   1.00 24.91  ? 2   CYS B CA   1 
ATOM   333 C C    . CYS B 1 2  ? 6.362   -0.878  1.642   1.00 25.63  ? 2   CYS B C    1 
ATOM   334 O O    . CYS B 1 2  ? 7.055   -0.749  0.629   1.00 30.22  ? 2   CYS B O    1 
ATOM   335 C CB   . CYS B 1 2  ? 5.495   1.197   2.726   1.00 29.83  ? 2   CYS B CB   1 
ATOM   336 S SG   . CYS B 1 2  ? 5.561   2.472   3.987   1.00 29.19  ? 2   CYS B SG   1 
ATOM   337 H H    . CYS B 1 2  ? 8.064   1.137   2.263   1.00 34.85  ? 2   CYS B H    1 
ATOM   338 H HA   . CYS B 1 2  ? 6.363   -0.462  3.633   1.00 30.04  ? 2   CYS B HA   1 
ATOM   339 H HB2  . CYS B 1 2  ? 5.623   1.639   1.871   1.00 35.94  ? 2   CYS B HB2  1 
ATOM   340 H HB3  . CYS B 1 2  ? 4.610   0.804   2.766   1.00 35.94  ? 2   CYS B HB3  1 
ATOM   341 N N    . VAL B 1 3  ? 5.431   -1.816  1.767   1.00 26.90  ? 3   VAL B N    1 
ATOM   342 C CA   . VAL B 1 3  ? 5.056   -2.708  0.676   1.00 27.46  ? 3   VAL B CA   1 
ATOM   343 C C    . VAL B 1 3  ? 3.980   -2.010  -0.146  1.00 30.15  ? 3   VAL B C    1 
ATOM   344 O O    . VAL B 1 3  ? 2.885   -1.741  0.354   1.00 30.02  ? 3   VAL B O    1 
ATOM   345 C CB   . VAL B 1 3  ? 4.552   -4.055  1.201   1.00 25.34  ? 3   VAL B CB   1 
ATOM   346 C CG1  . VAL B 1 3  ? 4.057   -4.919  0.052   1.00 32.28  ? 3   VAL B CG1  1 
ATOM   347 C CG2  . VAL B 1 3  ? 5.637   -4.758  1.991   1.00 36.44  ? 3   VAL B CG2  1 
ATOM   348 H H    . VAL B 1 3  ? 4.991   -1.960  2.493   1.00 32.42  ? 3   VAL B H    1 
ATOM   349 H HA   . VAL B 1 3  ? 5.829   -2.864  0.110   1.00 33.10  ? 3   VAL B HA   1 
ATOM   350 H HB   . VAL B 1 3  ? 3.806   -3.903  1.802   1.00 30.56  ? 3   VAL B HB   1 
ATOM   351 H HG11 . VAL B 1 3  ? 3.964   -5.833  0.362   1.00 38.88  ? 3   VAL B HG11 1 
ATOM   352 H HG12 . VAL B 1 3  ? 3.200   -4.583  -0.250  1.00 38.88  ? 3   VAL B HG12 1 
ATOM   353 H HG13 . VAL B 1 3  ? 4.702   -4.881  -0.673  1.00 38.88  ? 3   VAL B HG13 1 
ATOM   354 H HG21 . VAL B 1 3  ? 5.300   -5.616  2.294   1.00 43.87  ? 3   VAL B HG21 1 
ATOM   355 H HG22 . VAL B 1 3  ? 6.409   -4.889  1.419   1.00 43.87  ? 3   VAL B HG22 1 
ATOM   356 H HG23 . VAL B 1 3  ? 5.879   -4.210  2.753   1.00 43.87  ? 3   VAL B HG23 1 
ATOM   357 N N    . PHE B 1 4  ? 4.309   -1.689  -1.395  1.00 27.52  ? 4   PHE B N    1 
ATOM   358 C CA   . PHE B 1 4  ? 3.354   -1.147  -2.358  1.00 30.57  ? 4   PHE B CA   1 
ATOM   359 C C    . PHE B 1 4  ? 2.960   -2.278  -3.296  1.00 25.95  ? 4   PHE B C    1 
ATOM   360 O O    . PHE B 1 4  ? 3.757   -3.181  -3.495  1.00 27.90  ? 4   PHE B O    1 
ATOM   361 C CB   . PHE B 1 4  ? 3.961   -0.006  -3.178  1.00 31.68  ? 4   PHE B CB   1 
ATOM   362 C CG   . PHE B 1 4  ? 3.949   1.321   -2.488  1.00 40.01  ? 4   PHE B CG   1 
ATOM   363 C CD1  . PHE B 1 4  ? 4.197   1.420   -1.136  1.00 35.60  ? 4   PHE B CD1  1 
ATOM   364 C CD2  . PHE B 1 4  ? 3.695   2.476   -3.205  1.00 61.65  ? 4   PHE B CD2  1 
ATOM   365 C CE1  . PHE B 1 4  ? 4.188   2.639   -0.507  1.00 39.98  ? 4   PHE B CE1  1 
ATOM   366 C CE2  . PHE B 1 4  ? 3.685   3.702   -2.584  1.00 63.94  ? 4   PHE B CE2  1 
ATOM   367 C CZ   . PHE B 1 4  ? 3.932   3.782   -1.229  1.00 42.25  ? 4   PHE B CZ   1 
ATOM   368 H H    . PHE B 1 4  ? 5.101   -1.778  -1.718  1.00 33.16  ? 4   PHE B H    1 
ATOM   369 H HA   . PHE B 1 4  ? 2.584   -0.781  -1.897  1.00 36.83  ? 4   PHE B HA   1 
ATOM   370 H HB2  . PHE B 1 4  ? 4.884   -0.226  -3.378  1.00 38.16  ? 4   PHE B HB2  1 
ATOM   371 H HB3  . PHE B 1 4  ? 3.456   0.086   -4.001  1.00 38.16  ? 4   PHE B HB3  1 
ATOM   372 H HD1  . PHE B 1 4  ? 4.372   0.651   -0.643  1.00 42.87  ? 4   PHE B HD1  1 
ATOM   373 H HD2  . PHE B 1 4  ? 3.530   2.422   -4.119  1.00 74.13  ? 4   PHE B HD2  1 
ATOM   374 H HE1  . PHE B 1 4  ? 4.355   2.693   0.407   1.00 48.13  ? 4   PHE B HE1  1 
ATOM   375 H HE2  . PHE B 1 4  ? 3.513   4.473   -3.075  1.00 76.87  ? 4   PHE B HE2  1 
ATOM   376 H HZ   . PHE B 1 4  ? 3.926   4.610   -0.804  1.00 50.84  ? 4   PHE B HZ   1 
HETATM 377 C C1   . MEA B 1 5  ? 0.824   -1.193  -3.704  1.00 44.52  ? 5   MEA B C1   1 
HETATM 378 N N    . MEA B 1 5  ? 1.766   -2.234  -3.880  1.00 34.01  ? 5   MEA B N    1 
HETATM 379 C CA   . MEA B 1 5  ? 1.435   -3.166  -4.950  1.00 27.69  ? 5   MEA B CA   1 
HETATM 380 C C    . MEA B 1 5  ? 1.260   -2.386  -6.283  1.00 29.25  ? 5   MEA B C    1 
HETATM 381 O O    . MEA B 1 5  ? 0.294   -1.617  -6.447  1.00 31.74  ? 5   MEA B O    1 
HETATM 382 C CB   . MEA B 1 5  ? 0.228   -3.940  -4.644  1.00 36.39  ? 5   MEA B CB   1 
HETATM 383 C CG   . MEA B 1 5  ? 0.510   -4.914  -3.486  1.00 38.72  ? 5   MEA B CG   1 
HETATM 384 C CD1  . MEA B 1 5  ? 0.126   -4.587  -2.189  1.00 55.19  ? 5   MEA B CD1  1 
HETATM 385 C CE1  . MEA B 1 5  ? 0.382   -5.472  -1.140  1.00 48.46  ? 5   MEA B CE1  1 
HETATM 386 C CZ   . MEA B 1 5  ? 1.021   -6.687  -1.393  1.00 46.42  ? 5   MEA B CZ   1 
HETATM 387 C CE2  . MEA B 1 5  ? 1.408   -7.021  -2.697  1.00 45.54  ? 5   MEA B CE2  1 
HETATM 388 C CD2  . MEA B 1 5  ? 1.157   -6.148  -3.738  1.00 43.46  ? 5   MEA B CD2  1 
HETATM 389 H HC1  . MEA B 1 5  ? 0.607   -1.099  -2.735  1.00 53.57  ? 5   MEA B HC1  1 
HETATM 390 H HC2  . MEA B 1 5  ? -0.009  -1.408  -4.211  1.00 53.57  ? 5   MEA B HC2  1 
HETATM 391 H HC3  . MEA B 1 5  ? 1.206   -0.336  -4.043  1.00 53.57  ? 5   MEA B HC3  1 
HETATM 392 H HA   . MEA B 1 5  ? 2.180   -3.813  -5.040  1.00 33.38  ? 5   MEA B HA   1 
HETATM 393 H HB1  . MEA B 1 5  ? -0.043  -4.451  -5.443  1.00 43.81  ? 5   MEA B HB1  1 
HETATM 394 H HB2  . MEA B 1 5  ? -0.497  -3.325  -4.386  1.00 43.81  ? 5   MEA B HB2  1 
HETATM 395 H HD1  . MEA B 1 5  ? -0.319  -3.743  -2.013  1.00 66.37  ? 5   MEA B HD1  1 
HETATM 396 H HE1  . MEA B 1 5  ? 0.113   -5.240  -0.221  1.00 58.30  ? 5   MEA B HE1  1 
HETATM 397 H HZ   . MEA B 1 5  ? 1.202   -7.316  -0.646  1.00 55.85  ? 5   MEA B HZ   1 
HETATM 398 H HE2  . MEA B 1 5  ? 1.849   -7.860  -2.867  1.00 54.80  ? 5   MEA B HE2  1 
HETATM 399 H HD2  . MEA B 1 5  ? 1.502   -6.574  -4.551  1.00 52.30  ? 5   MEA B HD2  1 
ATOM   400 N N    . CYS B 1 6  ? 2.192   -2.575  -7.210  1.00 33.24  ? 6   CYS B N    1 
ATOM   401 C CA   . CYS B 1 6  ? 2.161   -1.826  -8.461  1.00 32.69  ? 6   CYS B CA   1 
ATOM   402 C C    . CYS B 1 6  ? 2.308   -2.701  -9.698  1.00 37.22  ? 6   CYS B C    1 
ATOM   403 O O    . CYS B 1 6  ? 2.868   -3.799  -9.644  1.00 34.59  ? 6   CYS B O    1 
ATOM   404 C CB   . CYS B 1 6  ? 3.272   -0.768  -8.475  1.00 38.50  ? 6   CYS B CB   1 
ATOM   405 S SG   . CYS B 1 6  ? 3.378   0.241   -6.992  1.00 41.03  ? 6   CYS B SG   1 
ATOM   406 H H    . CYS B 1 6  ? 2.848   -3.127  -7.140  1.00 40.03  ? 6   CYS B H    1 
ATOM   407 H HA   . CYS B 1 6  ? 1.292   -1.400  -8.513  1.00 38.51  ? 6   CYS B HA   1 
ATOM   408 H HB2  . CYS B 1 6  ? 4.123   -1.218  -8.582  1.00 46.35  ? 6   CYS B HB2  1 
ATOM   409 H HB3  . CYS B 1 6  ? 3.116   -0.170  -9.223  1.00 46.35  ? 6   CYS B HB3  1 
ATOM   410 N N    . GLU B 1 7  ? 1.802   -2.184  -10.814 1.00 37.89  ? 7   GLU B N    1 
ATOM   411 C CA   . GLU B 1 7  ? 2.029   -2.813  -12.105 1.00 40.66  ? 7   GLU B CA   1 
ATOM   412 C C    . GLU B 1 7  ? 3.518   -2.807  -12.416 1.00 43.77  ? 7   GLU B C    1 
ATOM   413 O O    . GLU B 1 7  ? 4.224   -1.835  -12.129 1.00 48.92  ? 7   GLU B O    1 
ATOM   414 C CB   . GLU B 1 7  ? 1.261   -2.079  -13.202 1.00 45.32  ? 7   GLU B CB   1 
ATOM   415 C CG   . GLU B 1 7  ? -0.245  -2.169  -13.081 1.00 51.55  ? 7   GLU B CG   1 
ATOM   416 C CD   . GLU B 1 7  ? -0.950  -1.527  -14.252 1.00 63.15  ? 7   GLU B CD   1 
ATOM   417 O OE1  . GLU B 1 7  ? -1.292  -0.332  -14.150 1.00 76.60  ? 7   GLU B OE1  1 
ATOM   418 O OE2  . GLU B 1 7  ? -1.160  -2.216  -15.273 1.00 73.89  ? 7   GLU B OE2  1 
ATOM   419 H H    . GLU B 1 7  ? 1.324   -1.470  -10.849 1.00 44.75  ? 7   GLU B H    1 
ATOM   420 H HA   . GLU B 1 7  ? 1.711   -3.729  -12.085 1.00 48.94  ? 7   GLU B HA   1 
ATOM   421 H HB2  . GLU B 1 7  ? 1.503   -1.140  -13.174 1.00 54.24  ? 7   GLU B HB2  1 
ATOM   422 H HB3  . GLU B 1 7  ? 1.509   -2.459  -14.060 1.00 54.24  ? 7   GLU B HB3  1 
ATOM   423 H HG2  . GLU B 1 7  ? -0.506  -3.102  -13.044 1.00 62.01  ? 7   GLU B HG2  1 
ATOM   424 H HG3  . GLU B 1 7  ? -0.526  -1.713  -12.271 1.00 62.01  ? 7   GLU B HG3  1 
ATOM   425 N N    . ASP B 1 8  ? 3.996   -3.908  -12.983 1.00 39.71  ? 8   ASP B N    1 
ATOM   426 C CA   . ASP B 1 8  ? 5.409   -4.063  -13.320 1.00 41.00  ? 8   ASP B CA   1 
ATOM   427 C C    . ASP B 1 8  ? 5.620   -3.494  -14.716 1.00 52.69  ? 8   ASP B C    1 
ATOM   428 O O    . ASP B 1 8  ? 5.323   -4.148  -15.719 1.00 56.98  ? 8   ASP B O    1 
ATOM   429 C CB   . ASP B 1 8  ? 5.823   -5.529  -13.243 1.00 43.65  ? 8   ASP B CB   1 
ATOM   430 C CG   . ASP B 1 8  ? 7.312   -5.734  -13.489 1.00 56.09  ? 8   ASP B CG   1 
ATOM   431 O OD1  . ASP B 1 8  ? 8.026   -4.742  -13.736 1.00 48.20  ? 8   ASP B OD1  1 
ATOM   432 O OD2  . ASP B 1 8  ? 7.764   -6.900  -13.447 1.00 52.15  ? 8   ASP B OD2  1 
ATOM   433 H H    . ASP B 1 8  ? 3.516   -4.592  -13.186 1.00 46.93  ? 8   ASP B H    1 
ATOM   434 H HA   . ASP B 1 8  ? 5.952   -3.559  -12.693 1.00 48.47  ? 8   ASP B HA   1 
ATOM   435 H HB2  . ASP B 1 8  ? 5.615   -5.869  -12.359 1.00 52.53  ? 8   ASP B HB2  1 
ATOM   436 H HB3  . ASP B 1 8  ? 5.337   -6.030  -13.915 1.00 52.53  ? 8   ASP B HB3  1 
ATOM   437 N N    . VAL B 1 9  ? 6.127   -2.261  -14.785 1.00 48.72  ? 9   VAL B N    1 
ATOM   438 C CA   . VAL B 1 9  ? 6.465   -1.684  -16.078 1.00 55.77  ? 9   VAL B CA   1 
ATOM   439 C C    . VAL B 1 9  ? 7.552   -2.532  -16.723 1.00 60.98  ? 9   VAL B C    1 
ATOM   440 O O    . VAL B 1 9  ? 8.522   -2.944  -16.071 1.00 78.06  ? 9   VAL B O    1 
ATOM   441 C CB   . VAL B 1 9  ? 6.901   -0.214  -15.937 1.00 58.01  ? 9   VAL B CB   1 
ATOM   442 C CG1  . VAL B 1 9  ? 5.980   0.541   -14.978 1.00 54.88  ? 9   VAL B CG1  1 
ATOM   443 C CG2  . VAL B 1 9  ? 8.352   -0.106  -15.465 1.00 64.60  ? 9   VAL B CG2  1 
ATOM   444 H H    . VAL B 1 9  ? 6.280   -1.751  -14.110 1.00 58.61  ? 9   VAL B H    1 
ATOM   445 H HA   . VAL B 1 9  ? 5.679   -1.691  -16.646 1.00 67.07  ? 9   VAL B HA   1 
ATOM   446 H HB   . VAL B 1 9  ? 6.838   0.198   -16.813 1.00 69.75  ? 9   VAL B HB   1 
ATOM   447 H HG11 . VAL B 1 9  ? 6.267   1.467   -14.927 1.00 66.00  ? 9   VAL B HG11 1 
ATOM   448 H HG12 . VAL B 1 9  ? 5.070   0.495   -15.312 1.00 66.00  ? 9   VAL B HG12 1 
ATOM   449 H HG13 . VAL B 1 9  ? 6.031   0.131   -14.101 1.00 66.00  ? 9   VAL B HG13 1 
ATOM   450 H HG21 . VAL B 1 9  ? 8.577   0.831   -15.352 1.00 77.66  ? 9   VAL B HG21 1 
ATOM   451 H HG22 . VAL B 1 9  ? 8.445   -0.573  -14.621 1.00 77.66  ? 9   VAL B HG22 1 
ATOM   452 H HG23 . VAL B 1 9  ? 8.932   -0.507  -16.131 1.00 77.66  ? 9   VAL B HG23 1 
ATOM   453 N N    . GLY B 1 10 ? 7.384   -2.814  -18.010 1.00 85.32  ? 10  GLY B N    1 
ATOM   454 C CA   . GLY B 1 10 ? 8.329   -3.651  -18.717 1.00 100.11 ? 10  GLY B CA   1 
ATOM   455 C C    . GLY B 1 10 ? 7.821   -5.067  -18.877 1.00 100.32 ? 10  GLY B C    1 
ATOM   456 O O    . GLY B 1 10 ? 7.923   -5.647  -19.962 1.00 104.77 ? 10  GLY B O    1 
ATOM   457 H H    . GLY B 1 10 ? 6.731   -2.528  -18.491 1.00 102.53 ? 10  GLY B H    1 
ATOM   458 H HA2  . GLY B 1 10 ? 8.491   -3.282  -19.599 1.00 120.28 ? 10  GLY B HA2  1 
ATOM   459 H HA3  . GLY B 1 10 ? 9.165   -3.678  -18.227 1.00 120.28 ? 10  GLY B HA3  1 
ATOM   460 N N    . SER B 1 11 ? 7.276   -5.637  -17.802 1.00 71.09  ? 11  SER B N    1 
ATOM   461 C CA   . SER B 1 11 ? 6.647   -6.946  -17.895 1.00 86.71  ? 11  SER B CA   1 
ATOM   462 C C    . SER B 1 11 ? 5.666   -6.967  -19.061 1.00 114.15 ? 11  SER B C    1 
ATOM   463 O O    . SER B 1 11 ? 4.903   -6.021  -19.269 1.00 106.93 ? 11  SER B O    1 
ATOM   464 C CB   . SER B 1 11 ? 5.925   -7.285  -16.591 1.00 77.80  ? 11  SER B CB   1 
ATOM   465 O OG   . SER B 1 11 ? 4.833   -8.154  -16.833 1.00 90.42  ? 11  SER B OG   1 
ATOM   466 H H    . SER B 1 11 ? 7.259   -5.288  -17.016 1.00 85.46  ? 11  SER B H    1 
ATOM   467 H HA   . SER B 1 11 ? 7.324   -7.625  -18.043 1.00 104.20 ? 11  SER B HA   1 
ATOM   468 H HB2  . SER B 1 11 ? 6.548   -7.719  -15.989 1.00 93.50  ? 11  SER B HB2  1 
ATOM   469 H HB3  . SER B 1 11 ? 5.594   -6.465  -16.190 1.00 93.50  ? 11  SER B HB3  1 
ATOM   470 H HG   . SER B 1 11 ? 4.404   -8.281  -16.122 1.00 108.65 ? 11  SER B HG   1 
ATOM   471 N N    . ASN B 1 12 ? 5.693   -8.057  -19.825 1.00 162.09 ? 12  ASN B N    1 
ATOM   472 C CA   . ASN B 1 12 ? 4.934   -8.159  -21.064 1.00 168.13 ? 12  ASN B CA   1 
ATOM   473 C C    . ASN B 1 12 ? 3.561   -8.794  -20.883 1.00 172.55 ? 12  ASN B C    1 
ATOM   474 O O    . ASN B 1 12 ? 2.827   -8.926  -21.869 1.00 169.59 ? 12  ASN B O    1 
ATOM   475 C CB   . ASN B 1 12 ? 5.729   -8.963  -22.099 1.00 168.84 ? 12  ASN B CB   1 
ATOM   476 C CG   . ASN B 1 12 ? 7.003   -8.265  -22.529 1.00 177.77 ? 12  ASN B CG   1 
ATOM   477 O OD1  . ASN B 1 12 ? 7.010   -7.060  -22.778 1.00 200.16 ? 12  ASN B OD1  1 
ATOM   478 N ND2  . ASN B 1 12 ? 8.092   -9.021  -22.618 1.00 172.70 ? 12  ASN B ND2  1 
ATOM   479 H H    . ASN B 1 12 ? 6.152   -8.762  -19.642 1.00 194.66 ? 12  ASN B H    1 
ATOM   480 H HA   . ASN B 1 12 ? 4.798   -7.262  -21.408 1.00 201.90 ? 12  ASN B HA   1 
ATOM   481 H HB2  . ASN B 1 12 ? 5.971   -9.821  -21.715 1.00 202.75 ? 12  ASN B HB2  1 
ATOM   482 H HB3  . ASN B 1 12 ? 5.179   -9.096  -22.887 1.00 202.75 ? 12  ASN B HB3  1 
ATOM   483 H HD21 . ASN B 1 12 ? 8.049   -9.860  -22.436 1.00 207.39 ? 12  ASN B HD21 1 
ATOM   484 H HD22 . ASN B 1 12 ? 8.841   -8.671  -22.857 1.00 207.39 ? 12  ASN B HD22 1 
ATOM   485 N N    . LYS B 1 13 ? 3.190   -9.184  -19.666 1.00 119.23 ? 13  LYS B N    1 
ATOM   486 C CA   . LYS B 1 13 ? 1.929   -9.874  -19.417 1.00 108.61 ? 13  LYS B CA   1 
ATOM   487 C C    . LYS B 1 13 ? 1.175   -9.233  -18.259 1.00 95.64  ? 13  LYS B C    1 
ATOM   488 O O    . LYS B 1 13 ? 0.536   -9.920  -17.454 1.00 88.04  ? 13  LYS B O    1 
ATOM   489 C CB   . LYS B 1 13 ? 2.165   -11.362 -19.146 1.00 126.70 ? 13  LYS B CB   1 
ATOM   490 C CG   . LYS B 1 13 ? 3.160   -11.679 -18.018 1.00 124.79 ? 13  LYS B CG   1 
ATOM   491 C CD   . LYS B 1 13 ? 4.241   -12.687 -18.425 1.00 121.39 ? 13  LYS B CD   1 
ATOM   492 C CE   . LYS B 1 13 ? 5.060   -13.172 -17.237 1.00 102.73 ? 13  LYS B CE   1 
ATOM   493 N NZ   . LYS B 1 13 ? 5.981   -14.269 -17.649 1.00 100.04 ? 13  LYS B NZ   1 
ATOM   494 H H    . LYS B 1 13 ? 3.661   -9.057  -18.957 1.00 143.22 ? 13  LYS B H    1 
ATOM   495 H HA   . LYS B 1 13 ? 1.377   -9.790  -20.210 1.00 130.47 ? 13  LYS B HA   1 
ATOM   496 H HB2  . LYS B 1 13 ? 1.317   -11.766 -18.906 1.00 152.18 ? 13  LYS B HB2  1 
ATOM   497 H HB3  . LYS B 1 13 ? 2.508   -11.769 -19.957 1.00 152.18 ? 13  LYS B HB3  1 
ATOM   498 H HG2  . LYS B 1 13 ? 3.603   -10.860 -17.751 1.00 149.89 ? 13  LYS B HG2  1 
ATOM   499 H HG3  . LYS B 1 13 ? 2.674   -12.053 -17.267 1.00 149.89 ? 13  LYS B HG3  1 
ATOM   500 H HD2  . LYS B 1 13 ? 3.820   -13.457 -18.834 1.00 145.81 ? 13  LYS B HD2  1 
ATOM   501 H HD3  . LYS B 1 13 ? 4.847   -12.265 -19.055 1.00 145.81 ? 13  LYS B HD3  1 
ATOM   502 H HE2  . LYS B 1 13 ? 5.591   -12.439 -16.887 1.00 123.42 ? 13  LYS B HE2  1 
ATOM   503 H HE3  . LYS B 1 13 ? 4.465   -13.510 -16.549 1.00 123.42 ? 13  LYS B HE3  1 
ATOM   504 H HZ1  . LYS B 1 13 ? 6.472   -14.531 -16.955 1.00 120.19 ? 13  LYS B HZ1  1 
ATOM   505 H HZ2  . LYS B 1 13 ? 5.513   -14.963 -17.949 1.00 120.19 ? 13  LYS B HZ2  1 
ATOM   506 H HZ3  . LYS B 1 13 ? 6.523   -13.985 -18.295 1.00 120.19 ? 13  LYS B HZ3  1 
ATOM   507 N N    . GLY B 1 14 ? 1.229   -7.907  -18.162 1.00 69.84  ? 14  GLY B N    1 
ATOM   508 C CA   . GLY B 1 14 ? 0.501   -7.181  -17.140 1.00 57.99  ? 14  GLY B CA   1 
ATOM   509 C C    . GLY B 1 14 ? 0.644   -7.776  -15.757 1.00 51.71  ? 14  GLY B C    1 
ATOM   510 O O    . GLY B 1 14 ? -0.329  -8.271  -15.182 1.00 61.79  ? 14  GLY B O    1 
ATOM   511 H H    . GLY B 1 14 ? 1.688   -7.402  -18.688 1.00 83.95  ? 14  GLY B H    1 
ATOM   512 H HA2  . GLY B 1 14 ? 0.826   -6.267  -17.110 1.00 69.73  ? 14  GLY B HA2  1 
ATOM   513 H HA3  . GLY B 1 14 ? -0.441  -7.173  -17.369 1.00 69.73  ? 14  GLY B HA3  1 
ATOM   514 N N    . ALA B 1 15 ? 1.852   -7.737  -15.210 1.00 46.82  ? 15  ALA B N    1 
ATOM   515 C CA   . ALA B 1 15 ? 2.120   -8.316  -13.904 1.00 40.54  ? 15  ALA B CA   1 
ATOM   516 C C    . ALA B 1 15 ? 1.965   -7.260  -12.822 1.00 36.76  ? 15  ALA B C    1 
ATOM   517 O O    . ALA B 1 15 ? 2.299   -6.089  -13.022 1.00 48.61  ? 15  ALA B O    1 
ATOM   518 C CB   . ALA B 1 15 ? 3.528   -8.911  -13.855 1.00 53.95  ? 15  ALA B CB   1 
ATOM   519 H H    . ALA B 1 15 ? 2.539   -7.376  -15.581 1.00 56.33  ? 15  ALA B H    1 
ATOM   520 H HA   . ALA B 1 15 ? 1.485   -9.029  -13.733 1.00 48.79  ? 15  ALA B HA   1 
ATOM   521 H HB1  . ALA B 1 15 ? 3.660   -9.336  -12.994 1.00 64.88  ? 15  ALA B HB1  1 
ATOM   522 H HB2  . ALA B 1 15 ? 3.619   -9.566  -14.564 1.00 64.88  ? 15  ALA B HB2  1 
ATOM   523 H HB3  . ALA B 1 15 ? 4.176   -8.199  -13.976 1.00 64.88  ? 15  ALA B HB3  1 
ATOM   524 N N    . ILE B 1 16 ? 1.442   -7.683  -11.678 1.00 36.11  ? 16  ILE B N    1 
ATOM   525 C CA   . ILE B 1 16 ? 1.346   -6.854  -10.486 1.00 34.91  ? 16  ILE B CA   1 
ATOM   526 C C    . ILE B 1 16 ? 2.220   -7.491  -9.423  1.00 36.73  ? 16  ILE B C    1 
ATOM   527 O O    . ILE B 1 16 ? 2.163   -8.708  -9.210  1.00 40.28  ? 16  ILE B O    1 
ATOM   528 C CB   . ILE B 1 16 ? -0.102  -6.718  -9.988  1.00 40.52  ? 16  ILE B CB   1 
ATOM   529 C CG1  . ILE B 1 16 ? -1.059  -6.538  -11.164 1.00 47.47  ? 16  ILE B CG1  1 
ATOM   530 C CG2  . ILE B 1 16 ? -0.219  -5.566  -9.008  1.00 57.95  ? 16  ILE B CG2  1 
ATOM   531 C CD1  . ILE B 1 16 ? -2.469  -6.787  -10.786 1.00 77.84  ? 16  ILE B CD1  1 
ATOM   532 H H    . ILE B 1 16 ? 1.126   -8.474  -11.566 1.00 43.48  ? 16  ILE B H    1 
ATOM   533 H HA   . ILE B 1 16 ? 1.675   -5.963  -10.681 1.00 42.03  ? 16  ILE B HA   1 
ATOM   534 H HB   . ILE B 1 16 ? -0.348  -7.535  -9.526  1.00 48.77  ? 16  ILE B HB   1 
ATOM   535 H HG12 . ILE B 1 16 ? -0.990  -5.627  -11.492 1.00 57.10  ? 16  ILE B HG12 1 
ATOM   536 H HG13 . ILE B 1 16 ? -0.820  -7.163  -11.866 1.00 57.10  ? 16  ILE B HG13 1 
ATOM   537 H HG21 . ILE B 1 16 ? -1.080  -5.613  -8.566  1.00 69.68  ? 16  ILE B HG21 1 
ATOM   538 H HG22 . ILE B 1 16 ? 0.493   -5.636  -8.353  1.00 69.68  ? 16  ILE B HG22 1 
ATOM   539 H HG23 . ILE B 1 16 ? -0.141  -4.729  -9.493  1.00 69.68  ? 16  ILE B HG23 1 
ATOM   540 H HD11 . ILE B 1 16 ? -2.984  -6.964  -11.589 1.00 93.56  ? 16  ILE B HD11 1 
ATOM   541 H HD12 . ILE B 1 16 ? -2.506  -7.553  -10.193 1.00 93.56  ? 16  ILE B HD12 1 
ATOM   542 H HD13 . ILE B 1 16 ? -2.818  -6.002  -10.336 1.00 93.56  ? 16  ILE B HD13 1 
ATOM   543 N N    . ILE B 1 17 ? 3.039   -6.676  -8.774  1.00 33.89  ? 17  ILE B N    1 
ATOM   544 C CA   . ILE B 1 17 ? 4.035   -7.186  -7.846  1.00 32.57  ? 17  ILE B CA   1 
ATOM   545 C C    . ILE B 1 17 ? 4.050   -6.297  -6.615  1.00 30.02  ? 17  ILE B C    1 
ATOM   546 O O    . ILE B 1 17 ? 3.651   -5.131  -6.659  1.00 34.07  ? 17  ILE B O    1 
ATOM   547 C CB   . ILE B 1 17 ? 5.437   -7.253  -8.492  1.00 40.63  ? 17  ILE B CB   1 
ATOM   548 C CG1  . ILE B 1 17 ? 5.945   -5.846  -8.814  1.00 43.15  ? 17  ILE B CG1  1 
ATOM   549 C CG2  . ILE B 1 17 ? 5.411   -8.111  -9.747  1.00 49.74  ? 17  ILE B CG2  1 
ATOM   550 C CD1  . ILE B 1 17 ? 7.397   -5.806  -9.207  1.00 50.60  ? 17  ILE B CD1  1 
ATOM   551 H H    . ILE B 1 17 ? 3.038   -5.820  -8.855  1.00 40.82  ? 17  ILE B H    1 
ATOM   552 H HA   . ILE B 1 17 ? 3.788   -8.082  -7.568  1.00 39.23  ? 17  ILE B HA   1 
ATOM   553 H HB   . ILE B 1 17 ? 6.044   -7.662  -7.855  1.00 48.90  ? 17  ILE B HB   1 
ATOM   554 H HG12 . ILE B 1 17 ? 5.427   -5.488  -9.552  1.00 51.93  ? 17  ILE B HG12 1 
ATOM   555 H HG13 . ILE B 1 17 ? 5.835   -5.287  -8.029  1.00 51.93  ? 17  ILE B HG13 1 
ATOM   556 H HG21 . ILE B 1 17 ? 6.304   -8.147  -10.123 1.00 59.84  ? 17  ILE B HG21 1 
ATOM   557 H HG22 . ILE B 1 17 ? 5.113   -9.004  -9.513  1.00 59.84  ? 17  ILE B HG22 1 
ATOM   558 H HG23 . ILE B 1 17 ? 4.799   -7.715  -10.387 1.00 59.84  ? 17  ILE B HG23 1 
ATOM   559 H HD11 . ILE B 1 17 ? 7.646   -4.890  -9.402  1.00 60.87  ? 17  ILE B HD11 1 
ATOM   560 H HD12 . ILE B 1 17 ? 7.932   -6.146  -8.474  1.00 60.87  ? 17  ILE B HD12 1 
ATOM   561 H HD13 . ILE B 1 17 ? 7.525   -6.360  -9.994  1.00 60.87  ? 17  ILE B HD13 1 
ATOM   562 N N    . GLY B 1 18 ? 4.480   -6.879  -5.506  1.00 34.98  ? 18  GLY B N    1 
ATOM   563 C CA   . GLY B 1 18 ? 4.897   -6.068  -4.392  1.00 26.93  ? 18  GLY B CA   1 
ATOM   564 C C    . GLY B 1 18 ? 6.112   -5.245  -4.763  1.00 32.87  ? 18  GLY B C    1 
ATOM   565 O O    . GLY B 1 18 ? 6.889   -5.611  -5.647  1.00 34.48  ? 18  GLY B O    1 
ATOM   566 H H    . GLY B 1 18 ? 4.536   -7.728  -5.379  1.00 42.12  ? 18  GLY B H    1 
ATOM   567 H HA2  . GLY B 1 18 ? 4.179   -5.467  -4.135  1.00 32.46  ? 18  GLY B HA2  1 
ATOM   568 H HA3  . GLY B 1 18 ? 5.121   -6.634  -3.637  1.00 32.46  ? 18  GLY B HA3  1 
ATOM   569 N N    . LEU B 1 19 ? 6.266   -4.121  -4.085  1.00 33.53  ? 19  LEU B N    1 
ATOM   570 C CA   . LEU B 1 19 ? 7.413   -3.256  -4.306  1.00 35.34  ? 19  LEU B CA   1 
ATOM   571 C C    . LEU B 1 19 ? 7.883   -2.620  -3.002  1.00 35.68  ? 19  LEU B C    1 
ATOM   572 O O    . LEU B 1 19 ? 7.094   -2.003  -2.300  1.00 34.64  ? 19  LEU B O    1 
ATOM   573 C CB   . LEU B 1 19 ? 7.040   -2.185  -5.322  1.00 32.69  ? 19  LEU B CB   1 
ATOM   574 C CG   . LEU B 1 19 ? 8.140   -1.292  -5.879  1.00 38.33  ? 19  LEU B CG   1 
ATOM   575 C CD1  . LEU B 1 19 ? 9.017   -2.057  -6.830  1.00 48.86  ? 19  LEU B CD1  1 
ATOM   576 C CD2  . LEU B 1 19 ? 7.517   -0.103  -6.586  1.00 44.43  ? 19  LEU B CD2  1 
ATOM   577 H H    . LEU B 1 19 ? 5.718   -3.835  -3.487  1.00 40.38  ? 19  LEU B H    1 
ATOM   578 H HA   . LEU B 1 19 ? 8.157   -3.772  -4.655  1.00 42.55  ? 19  LEU B HA   1 
ATOM   579 H HB2  . LEU B 1 19 ? 6.636   -2.631  -6.082  1.00 39.37  ? 19  LEU B HB2  1 
ATOM   580 H HB3  . LEU B 1 19 ? 6.395   -1.595  -4.901  1.00 39.37  ? 19  LEU B HB3  1 
ATOM   581 H HG   . LEU B 1 19 ? 8.697   -0.975  -5.152  1.00 46.14  ? 19  LEU B HG   1 
ATOM   582 H HD11 . LEU B 1 19 ? 9.673   -1.453  -7.210  1.00 58.78  ? 19  LEU B HD11 1 
ATOM   583 H HD12 . LEU B 1 19 ? 9.463   -2.769  -6.345  1.00 58.78  ? 19  LEU B HD12 1 
ATOM   584 H HD13 . LEU B 1 19 ? 8.465   -2.433  -7.535  1.00 58.78  ? 19  LEU B HD13 1 
ATOM   585 H HD21 . LEU B 1 19 ? 8.215   0.406   -7.025  1.00 53.46  ? 19  LEU B HD21 1 
ATOM   586 H HD22 . LEU B 1 19 ? 6.878   -0.424  -7.242  1.00 53.46  ? 19  LEU B HD22 1 
ATOM   587 H HD23 . LEU B 1 19 ? 7.065   0.452   -5.931  1.00 53.46  ? 19  LEU B HD23 1 
HETATM 588 N N    . ORN B 1 20 ? 9.168   -2.745  -2.683  1.00 29.19  ? 20  ORN B N    1 
HETATM 589 C CA   . ORN B 1 20 ? 9.614   -2.171  -1.598  1.00 31.86  ? 20  ORN B CA   1 
HETATM 590 C CB   . ORN B 1 20 ? 10.759  -2.951  -0.976  1.00 28.81  ? 20  ORN B CB   1 
HETATM 591 C CG   . ORN B 1 20 ? 11.401  -2.175  0.163   1.00 32.47  ? 20  ORN B CG   1 
HETATM 592 C CD   . ORN B 1 20 ? 12.485  -3.022  0.799   1.00 37.04  ? 20  ORN B CD   1 
HETATM 593 N NE   . ORN B 1 20 ? 13.690  -2.891  0.037   1.00 41.08  ? 20  ORN B NE   1 
HETATM 594 C C    . ORN B 1 20 ? 9.912   -0.866  -1.754  1.00 35.59  ? 20  ORN B C    1 
HETATM 595 O O    . ORN B 1 20 ? 10.888  -0.572  -2.414  1.00 31.79  ? 20  ORN B O    1 
HETATM 596 H H    . ORN B 1 20 ? 9.760   -3.213  -3.198  1.00 35.17  ? 20  ORN B H    1 
HETATM 597 H HA   . ORN B 1 20 ? 8.843   -2.228  -0.992  1.00 38.38  ? 20  ORN B HA   1 
HETATM 598 H HB2  . ORN B 1 20 ? 11.435  -3.127  -1.661  1.00 34.71  ? 20  ORN B HB2  1 
HETATM 599 H HB3  . ORN B 1 20 ? 10.417  -3.800  -0.631  1.00 34.71  ? 20  ORN B HB3  1 
HETATM 600 H HG2  . ORN B 1 20 ? 10.722  -1.958  0.833   1.00 39.11  ? 20  ORN B HG2  1 
HETATM 601 H HG3  . ORN B 1 20 ? 11.792  -1.350  -0.184  1.00 39.11  ? 20  ORN B HG3  1 
HETATM 602 H HD2  . ORN B 1 20 ? 12.204  -3.960  0.810   1.00 44.59  ? 20  ORN B HD2  1 
HETATM 603 H HD3  . ORN B 1 20 ? 12.643  -2.716  1.716   1.00 44.59  ? 20  ORN B HD3  1 
HETATM 604 H HE1  . ORN B 1 20 ? 13.545  -3.191  -0.817  1.00 49.44  ? 20  ORN B HE1  1 
HETATM 605 H HE2  . ORN B 1 20 ? 13.942  -2.009  0.014   1.00 49.44  ? 20  ORN B HE2  1 
HETATM 606 H HN3  . ORN B 1 20 ? 14.354  -3.390  0.429   1.00 49.44  ? 20  ORN B HN3  1 
ATOM   607 N N    . VAL B 1 21 ? 9.153   0.043   -1.156  1.00 23.61  ? 21  VAL B N    1 
ATOM   608 C CA   . VAL B 1 21 ? 9.447   1.472   -1.277  1.00 26.11  ? 21  VAL B CA   1 
ATOM   609 C C    . VAL B 1 21 ? 9.911   1.952   0.085   1.00 29.21  ? 21  VAL B C    1 
ATOM   610 O O    . VAL B 1 21 ? 9.095   2.278   0.947   1.00 26.55  ? 21  VAL B O    1 
ATOM   611 C CB   . VAL B 1 21 ? 8.234   2.269   -1.771  1.00 29.70  ? 21  VAL B CB   1 
ATOM   612 C CG1  . VAL B 1 21 ? 8.569   3.764   -1.871  1.00 36.18  ? 21  VAL B CG1  1 
ATOM   613 C CG2  . VAL B 1 21 ? 7.776   1.741   -3.111  1.00 34.12  ? 21  VAL B CG2  1 
ATOM   614 H H    . VAL B 1 21 ? 8.465   -0.136  -0.671  1.00 27.65  ? 21  VAL B H    1 
ATOM   615 H HA   . VAL B 1 21 ? 10.142  1.620   -1.937  1.00 31.48  ? 21  VAL B HA   1 
ATOM   616 H HB   . VAL B 1 21 ? 7.510   2.165   -1.133  1.00 35.79  ? 21  VAL B HB   1 
ATOM   617 H HG11 . VAL B 1 21 ? 7.867   4.212   -2.371  1.00 43.56  ? 21  VAL B HG11 1 
ATOM   618 H HG12 . VAL B 1 21 ? 8.626   4.135   -0.977  1.00 43.56  ? 21  VAL B HG12 1 
ATOM   619 H HG13 . VAL B 1 21 ? 9.417   3.867   -2.328  1.00 43.56  ? 21  VAL B HG13 1 
ATOM   620 H HG21 . VAL B 1 21 ? 7.019   2.266   -3.416  1.00 41.09  ? 21  VAL B HG21 1 
ATOM   621 H HG22 . VAL B 1 21 ? 8.505   1.813   -3.746  1.00 41.09  ? 21  VAL B HG22 1 
ATOM   622 H HG23 . VAL B 1 21 ? 7.514   0.812   -3.012  1.00 41.09  ? 21  VAL B HG23 1 
HETATM 623 N N    . ORN C 1 1  ? 0.650   1.581   -12.683 1.00 44.92  ? 1   ORN C N    1 
HETATM 624 C CA   . ORN C 1 1  ? 0.005   2.214   -11.497 1.00 38.53  ? 1   ORN C CA   1 
HETATM 625 C CB   . ORN C 1 1  ? -1.469  2.531   -11.786 1.00 37.40  ? 1   ORN C CB   1 
HETATM 626 C CG   . ORN C 1 1  ? -1.674  3.684   -12.778 1.00 54.66  ? 1   ORN C CG   1 
HETATM 627 C CD   . ORN C 1 1  ? -1.553  5.070   -12.125 1.00 57.90  ? 1   ORN C CD   1 
HETATM 628 N NE   . ORN C 1 1  ? -2.552  5.268   -11.083 1.00 47.48  ? 1   ORN C NE   1 
HETATM 629 C C    . ORN C 1 1  ? 0.102   1.301   -10.249 1.00 50.22  ? 1   ORN C C    1 
HETATM 630 O O    . ORN C 1 1  ? 0.421   0.110   -10.335 1.00 38.45  ? 1   ORN C O    1 
HETATM 631 H H1   . ORN C 1 1  ? 1.555   1.147   -12.482 1.00 54.05  ? 1   ORN C H1   1 
HETATM 632 H H2   . ORN C 1 1  ? 0.095   0.834   -13.109 1.00 54.05  ? 1   ORN C H2   1 
HETATM 633 H H3   . ORN C 1 1  ? 0.840   2.231   -13.450 1.00 54.05  ? 1   ORN C H3   1 
HETATM 634 H HA   . ORN C 1 1  ? 0.593   3.115   -11.297 1.00 46.38  ? 1   ORN C HA   1 
HETATM 635 H HB2  . ORN C 1 1  ? -1.943  1.637   -12.213 1.00 45.02  ? 1   ORN C HB2  1 
HETATM 636 H HB3  . ORN C 1 1  ? -1.958  2.813   -10.843 1.00 45.02  ? 1   ORN C HB3  1 
HETATM 637 H HG2  . ORN C 1 1  ? -2.667  3.590   -13.231 1.00 65.74  ? 1   ORN C HG2  1 
HETATM 638 H HG3  . ORN C 1 1  ? -0.927  3.601   -13.576 1.00 65.74  ? 1   ORN C HG3  1 
HETATM 639 H HD2  . ORN C 1 1  ? -1.693  5.835   -12.895 1.00 69.62  ? 1   ORN C HD2  1 
HETATM 640 H HD3  . ORN C 1 1  ? -0.558  5.165   -11.681 1.00 69.62  ? 1   ORN C HD3  1 
HETATM 641 H HE1  . ORN C 1 1  ? -3.471  5.577   -11.402 1.00 57.12  ? 1   ORN C HE1  1 
ATOM   642 N N    . CYS C 1 2  ? -0.190  1.918   -9.054  1.00 38.53  ? 2   CYS C N    1 
ATOM   643 C CA   . CYS C 1 2  ? -0.149  1.218   -7.778  1.00 33.86  ? 2   CYS C CA   1 
ATOM   644 C C    . CYS C 1 2  ? -1.494  1.244   -7.082  1.00 32.38  ? 2   CYS C C    1 
ATOM   645 O O    . CYS C 1 2  ? -2.340  2.089   -7.372  1.00 48.46  ? 2   CYS C O    1 
ATOM   646 C CB   . CYS C 1 2  ? 0.891   1.842   -6.852  1.00 39.96  ? 2   CYS C CB   1 
ATOM   647 S SG   . CYS C 1 2  ? 2.503   1.977   -7.542  1.00 40.97  ? 2   CYS C SG   1 
ATOM   648 H H    . CYS C 1 2  ? -0.414  2.746   -8.984  1.00 46.38  ? 2   CYS C H    1 
ATOM   649 H HA   . CYS C 1 2  ? 0.093   0.296   -7.953  1.00 40.77  ? 2   CYS C HA   1 
ATOM   650 H HB2  . CYS C 1 2  ? 0.598   2.736   -6.618  1.00 48.10  ? 2   CYS C HB2  1 
ATOM   651 H HB3  . CYS C 1 2  ? 0.960   1.295   -6.054  1.00 48.10  ? 2   CYS C HB3  1 
ATOM   652 N N    . VAL C 1 3  ? -1.681  0.325   -6.145  1.00 34.59  ? 3   VAL C N    1 
ATOM   653 C CA   . VAL C 1 3  ? -2.907  0.238   -5.367  1.00 36.34  ? 3   VAL C CA   1 
ATOM   654 C C    . VAL C 1 3  ? -2.627  0.808   -3.985  1.00 41.89  ? 3   VAL C C    1 
ATOM   655 O O    . VAL C 1 3  ? -1.731  0.330   -3.279  1.00 40.45  ? 3   VAL C O    1 
ATOM   656 C CB   . VAL C 1 3  ? -3.411  -1.209  -5.284  1.00 41.86  ? 3   VAL C CB   1 
ATOM   657 C CG1  . VAL C 1 3  ? -4.696  -1.274  -4.472  1.00 51.64  ? 3   VAL C CG1  1 
ATOM   658 C CG2  . VAL C 1 3  ? -3.577  -1.772  -6.682  1.00 47.43  ? 3   VAL C CG2  1 
ATOM   659 H H    . VAL C 1 3  ? -1.098  -0.273  -5.938  1.00 41.65  ? 3   VAL C H    1 
ATOM   660 H HA   . VAL C 1 3  ? -3.597  0.777   -5.785  1.00 43.75  ? 3   VAL C HA   1 
ATOM   661 H HB   . VAL C 1 3  ? -2.763  -1.764  -4.823  1.00 50.38  ? 3   VAL C HB   1 
ATOM   662 H HG11 . VAL C 1 3  ? -5.100  -2.148  -4.591  1.00 62.11  ? 3   VAL C HG11 1 
ATOM   663 H HG12 . VAL C 1 3  ? -4.485  -1.133  -3.536  1.00 62.11  ? 3   VAL C HG12 1 
ATOM   664 H HG13 . VAL C 1 3  ? -5.302  -0.584  -4.783  1.00 62.11  ? 3   VAL C HG13 1 
ATOM   665 H HG21 . VAL C 1 3  ? -4.153  -2.552  -6.642  1.00 57.06  ? 3   VAL C HG21 1 
ATOM   666 H HG22 . VAL C 1 3  ? -3.977  -1.095  -7.251  1.00 57.06  ? 3   VAL C HG22 1 
ATOM   667 H HG23 . VAL C 1 3  ? -2.706  -2.022  -7.028  1.00 57.06  ? 3   VAL C HG23 1 
ATOM   668 N N    . PHE C 1 4  ? -3.372  1.842   -3.610  1.00 35.91  ? 4   PHE C N    1 
ATOM   669 C CA   . PHE C 1 4  ? -3.320  2.378   -2.255  1.00 36.01  ? 4   PHE C CA   1 
ATOM   670 C C    . PHE C 1 4  ? -4.516  1.817   -1.483  1.00 34.33  ? 4   PHE C C    1 
ATOM   671 O O    . PHE C 1 4  ? -5.603  1.687   -2.046  1.00 38.98  ? 4   PHE C O    1 
ATOM   672 C CB   . PHE C 1 4  ? -3.334  3.910   -2.268  1.00 41.75  ? 4   PHE C CB   1 
ATOM   673 C CG   . PHE C 1 4  ? -2.012  4.529   -2.652  1.00 51.50  ? 4   PHE C CG   1 
ATOM   674 C CD1  . PHE C 1 4  ? -1.301  4.066   -3.748  1.00 58.51  ? 4   PHE C CD1  1 
ATOM   675 C CD2  . PHE C 1 4  ? -1.487  5.584   -1.921  1.00 41.49  ? 4   PHE C CD2  1 
ATOM   676 C CE1  . PHE C 1 4  ? -0.084  4.635   -4.098  1.00 61.81  ? 4   PHE C CE1  1 
ATOM   677 C CE2  . PHE C 1 4  ? -0.274  6.159   -2.271  1.00 43.59  ? 4   PHE C CE2  1 
ATOM   678 C CZ   . PHE C 1 4  ? 0.424   5.685   -3.361  1.00 56.92  ? 4   PHE C CZ   1 
ATOM   679 H H    . PHE C 1 4  ? -3.921  2.255   -4.127  1.00 43.23  ? 4   PHE C H    1 
ATOM   680 H HA   . PHE C 1 4  ? -2.496  2.124   -1.810  1.00 43.36  ? 4   PHE C HA   1 
ATOM   681 H HB2  . PHE C 1 4  ? -3.999  4.209   -2.908  1.00 50.25  ? 4   PHE C HB2  1 
ATOM   682 H HB3  . PHE C 1 4  ? -3.562  4.225   -1.380  1.00 50.25  ? 4   PHE C HB3  1 
ATOM   683 H HD1  . PHE C 1 4  ? -1.644  3.366   -4.255  1.00 70.36  ? 4   PHE C HD1  1 
ATOM   684 H HD2  . PHE C 1 4  ? -1.954  5.909   -1.186  1.00 49.93  ? 4   PHE C HD2  1 
ATOM   685 H HE1  . PHE C 1 4  ? 0.388   4.309   -4.830  1.00 74.32  ? 4   PHE C HE1  1 
ATOM   686 H HE2  . PHE C 1 4  ? 0.068   6.865   -1.771  1.00 52.46  ? 4   PHE C HE2  1 
ATOM   687 H HZ   . PHE C 1 4  ? 1.236   6.071   -3.599  1.00 68.45  ? 4   PHE C HZ   1 
HETATM 688 C C1   . MEA C 1 5  ? -3.169  1.726   0.561   1.00 38.76  ? 5   MEA C C1   1 
HETATM 689 N N    . MEA C 1 5  ? -4.323  1.455   -0.217  1.00 37.60  ? 5   MEA C N    1 
HETATM 690 C CA   . MEA C 1 5  ? -5.428  0.930   0.574   1.00 35.01  ? 5   MEA C CA   1 
HETATM 691 C C    . MEA C 1 5  ? -5.932  2.084   1.463   1.00 44.05  ? 5   MEA C C    1 
HETATM 692 O O    . MEA C 1 5  ? -5.314  2.386   2.510   1.00 40.88  ? 5   MEA C O    1 
HETATM 693 C CB   . MEA C 1 5  ? -5.059  -0.234  1.380   1.00 40.43  ? 5   MEA C CB   1 
HETATM 694 C CG   . MEA C 1 5  ? -4.562  -1.305  0.405   1.00 39.10  ? 5   MEA C CG   1 
HETATM 695 C CD1  . MEA C 1 5  ? -3.222  -1.681  0.379   1.00 55.36  ? 5   MEA C CD1  1 
HETATM 696 C CE1  . MEA C 1 5  ? -2.794  -2.656  -0.522  1.00 67.84  ? 5   MEA C CE1  1 
HETATM 697 C CZ   . MEA C 1 5  ? -3.709  -3.246  -1.397  1.00 57.39  ? 5   MEA C CZ   1 
HETATM 698 C CE2  . MEA C 1 5  ? -5.057  -2.865  -1.371  1.00 49.67  ? 5   MEA C CE2  1 
HETATM 699 C CD2  . MEA C 1 5  ? -5.482  -1.903  -0.482  1.00 53.70  ? 5   MEA C CD2  1 
HETATM 700 H HC1  . MEA C 1 5  ? -2.798  2.618   0.308   1.00 46.66  ? 5   MEA C HC1  1 
HETATM 701 H HC2  . MEA C 1 5  ? -2.481  1.022   0.394   1.00 46.66  ? 5   MEA C HC2  1 
HETATM 702 H HC3  . MEA C 1 5  ? -3.412  1.730   1.529   1.00 46.66  ? 5   MEA C HC3  1 
HETATM 703 H HA   . MEA C 1 5  ? -6.139  0.603   -0.033  1.00 41.70  ? 5   MEA C HA   1 
HETATM 704 H HB1  . MEA C 1 5  ? -5.843  -0.564  1.878   1.00 48.66  ? 5   MEA C HB1  1 
HETATM 705 H HB2  . MEA C 1 5  ? -4.345  0.006   2.015   1.00 48.66  ? 5   MEA C HB2  1 
HETATM 706 H HD1  . MEA C 1 5  ? -2.587  -1.267  0.986   1.00 66.58  ? 5   MEA C HD1  1 
HETATM 707 H HE1  . MEA C 1 5  ? -1.847  -2.927  -0.542  1.00 81.55  ? 5   MEA C HE1  1 
HETATM 708 H HZ   . MEA C 1 5  ? -3.401  -3.940  -2.039  1.00 69.01  ? 5   MEA C HZ   1 
HETATM 709 H HE2  . MEA C 1 5  ? -5.684  -3.276  -1.976  1.00 59.75  ? 5   MEA C HE2  1 
HETATM 710 H HD2  . MEA C 1 5  ? -6.444  -1.789  -0.630  1.00 64.58  ? 5   MEA C HD2  1 
ATOM   711 N N    . CYS C 1 6  ? -7.035  2.705   1.051   1.00 35.97  ? 6   CYS C N    1 
ATOM   712 C CA   . CYS C 1 6  ? -7.494  3.929   1.679   1.00 36.25  ? 6   CYS C CA   1 
ATOM   713 C C    . CYS C 1 6  ? -8.987  3.901   1.973   1.00 36.15  ? 6   CYS C C    1 
ATOM   714 O O    . CYS C 1 6  ? -9.752  3.219   1.289   1.00 42.17  ? 6   CYS C O    1 
ATOM   715 C CB   . CYS C 1 6  ? -7.171  5.131   0.786   1.00 43.50  ? 6   CYS C CB   1 
ATOM   716 S SG   . CYS C 1 6  ? -5.464  5.243   0.254   1.00 42.35  ? 6   CYS C SG   1 
ATOM   717 H H    . CYS C 1 6  ? -7.534  2.432   0.406   1.00 43.31  ? 6   CYS C H    1 
ATOM   718 H HA   . CYS C 1 6  ? -7.033  4.028   2.527   1.00 43.64  ? 6   CYS C HA   1 
ATOM   719 H HB2  . CYS C 1 6  ? -7.721  5.076   -0.011  1.00 52.35  ? 6   CYS C HB2  1 
ATOM   720 H HB3  . CYS C 1 6  ? -7.377  5.942   1.276   1.00 52.35  ? 6   CYS C HB3  1 
ATOM   721 N N    . GLU C 1 7  ? -9.390  4.636   3.007   1.00 37.97  ? 7   GLU C N    1 
ATOM   722 C CA   . GLU C 1 7  ? -10.804 4.817   3.284   1.00 38.86  ? 7   GLU C CA   1 
ATOM   723 C C    . GLU C 1 7  ? -11.478 5.466   2.083   1.00 46.27  ? 7   GLU C C    1 
ATOM   724 O O    . GLU C 1 7  ? -10.928 6.380   1.464   1.00 43.38  ? 7   GLU C O    1 
ATOM   725 C CB   . GLU C 1 7  ? -10.997 5.690   4.527   1.00 43.63  ? 7   GLU C CB   1 
ATOM   726 C CG   . GLU C 1 7  ? -10.460 5.087   5.815   1.00 57.30  ? 7   GLU C CG   1 
ATOM   727 C CD   . GLU C 1 7  ? -10.425 6.093   6.953   1.00 69.86  ? 7   GLU C CD   1 
ATOM   728 O OE1  . GLU C 1 7  ? -9.971  7.236   6.727   1.00 61.15  ? 7   GLU C OE1  1 
ATOM   729 O OE2  . GLU C 1 7  ? -10.864 5.744   8.069   1.00 76.69  ? 7   GLU C OE2  1 
ATOM   730 H H    . GLU C 1 7  ? -8.865  5.037   3.558   1.00 44.84  ? 7   GLU C H    1 
ATOM   731 H HA   . GLU C 1 7  ? -11.220 3.959   3.457   1.00 45.91  ? 7   GLU C HA   1 
ATOM   732 H HB2  . GLU C 1 7  ? -10.539 6.534   4.386   1.00 52.50  ? 7   GLU C HB2  1 
ATOM   733 H HB3  . GLU C 1 7  ? -11.946 5.845   4.650   1.00 52.50  ? 7   GLU C HB3  1 
ATOM   734 H HG2  . GLU C 1 7  ? -11.031 4.349   6.083   1.00 68.90  ? 7   GLU C HG2  1 
ATOM   735 H HG3  . GLU C 1 7  ? -9.556  4.769   5.666   1.00 68.90  ? 7   GLU C HG3  1 
ATOM   736 N N    . ASP C 1 8  ? -12.666 4.981   1.736   1.00 56.92  ? 8   ASP C N    1 
ATOM   737 C CA   . ASP C 1 8  ? -13.459 5.583   0.670   1.00 53.32  ? 8   ASP C CA   1 
ATOM   738 C C    . ASP C 1 8  ? -14.280 6.721   1.267   1.00 57.77  ? 8   ASP C C    1 
ATOM   739 O O    . ASP C 1 8  ? -15.155 6.491   2.106   1.00 85.47  ? 8   ASP C O    1 
ATOM   740 C CB   . ASP C 1 8  ? -14.351 4.539   0.008   1.00 58.33  ? 8   ASP C CB   1 
ATOM   741 C CG   . ASP C 1 8  ? -14.997 5.044   -1.268  1.00 59.72  ? 8   ASP C CG   1 
ATOM   742 O OD1  . ASP C 1 8  ? -14.830 6.237   -1.591  1.00 77.43  ? 8   ASP C OD1  1 
ATOM   743 O OD2  . ASP C 1 8  ? -15.675 4.245   -1.947  1.00 80.54  ? 8   ASP C OD2  1 
ATOM   744 H H    . ASP C 1 8  ? -13.036 4.298   2.106   1.00 68.45  ? 8   ASP C H    1 
ATOM   745 H HA   . ASP C 1 8  ? -12.871 5.951   -0.008  1.00 64.12  ? 8   ASP C HA   1 
ATOM   746 H HB2  . ASP C 1 8  ? -13.817 3.761   -0.214  1.00 70.14  ? 8   ASP C HB2  1 
ATOM   747 H HB3  . ASP C 1 8  ? -15.059 4.291   0.624   1.00 70.14  ? 8   ASP C HB3  1 
ATOM   748 N N    . VAL C 1 9  ? -13.993 7.953   0.842   1.00 80.21  ? 9   VAL C N    1 
ATOM   749 C CA   . VAL C 1 9  ? -14.760 9.087   1.335   1.00 98.39  ? 9   VAL C CA   1 
ATOM   750 C C    . VAL C 1 9  ? -16.143 9.137   0.697   1.00 95.59  ? 9   VAL C C    1 
ATOM   751 O O    . VAL C 1 9  ? -17.030 9.845   1.194   1.00 95.60  ? 9   VAL C O    1 
ATOM   752 C CB   . VAL C 1 9  ? -13.978 10.393  1.099   1.00 100.89 ? 9   VAL C CB   1 
ATOM   753 C CG1  . VAL C 1 9  ? -13.795 10.651  -0.388  1.00 107.01 ? 9   VAL C CG1  1 
ATOM   754 C CG2  . VAL C 1 9  ? -14.681 11.559  1.781   1.00 113.18 ? 9   VAL C CG2  1 
ATOM   755 H H    . VAL C 1 9  ? -13.372 8.150   0.280   1.00 96.40  ? 9   VAL C H    1 
ATOM   756 H HA   . VAL C 1 9  ? -14.888 8.993   2.292   1.00 118.22 ? 9   VAL C HA   1 
ATOM   757 H HB   . VAL C 1 9  ? -13.095 10.308  1.491   1.00 121.21 ? 9   VAL C HB   1 
ATOM   758 H HG11 . VAL C 1 9  ? -13.287 11.470  -0.506  1.00 128.56 ? 9   VAL C HG11 1 
ATOM   759 H HG12 . VAL C 1 9  ? -13.316 9.905   -0.782  1.00 128.56 ? 9   VAL C HG12 1 
ATOM   760 H HG13 . VAL C 1 9  ? -14.668 10.740  -0.803  1.00 128.56 ? 9   VAL C HG13 1 
ATOM   761 H HG21 . VAL C 1 9  ? -14.132 12.354  1.690   1.00 135.96 ? 9   VAL C HG21 1 
ATOM   762 H HG22 . VAL C 1 9  ? -15.542 11.701  1.355   1.00 135.96 ? 9   VAL C HG22 1 
ATOM   763 H HG23 . VAL C 1 9  ? -14.806 11.348  2.719   1.00 135.96 ? 9   VAL C HG23 1 
ATOM   764 N N    . GLY C 1 10 ? -16.353 8.396   -0.388  1.00 105.62 ? 10  GLY C N    1 
ATOM   765 C CA   . GLY C 1 10 ? -17.676 8.214   -0.952  1.00 104.62 ? 10  GLY C CA   1 
ATOM   766 C C    . GLY C 1 10 ? -18.369 7.006   -0.354  1.00 108.08 ? 10  GLY C C    1 
ATOM   767 O O    . GLY C 1 10 ? -19.107 6.289   -1.039  1.00 104.27 ? 10  GLY C O    1 
ATOM   768 H H    . GLY C 1 10 ? -15.733 7.983   -0.819  1.00 126.89 ? 10  GLY C H    1 
ATOM   769 H HA2  . GLY C 1 10 ? -18.216 9.001   -0.775  1.00 125.69 ? 10  GLY C HA2  1 
ATOM   770 H HA3  . GLY C 1 10 ? -17.606 8.089   -1.911  1.00 125.69 ? 10  GLY C HA3  1 
ATOM   771 N N    . SER C 1 11 ? -18.116 6.770   0.932   1.00 123.71 ? 11  SER C N    1 
ATOM   772 C CA   . SER C 1 11 ? -18.712 5.674   1.683   1.00 120.96 ? 11  SER C CA   1 
ATOM   773 C C    . SER C 1 11 ? -18.977 6.167   3.095   1.00 134.20 ? 11  SER C C    1 
ATOM   774 O O    . SER C 1 11 ? -18.055 6.641   3.767   1.00 115.01 ? 11  SER C O    1 
ATOM   775 C CB   . SER C 1 11 ? -17.791 4.451   1.721   1.00 91.79  ? 11  SER C CB   1 
ATOM   776 O OG   . SER C 1 11 ? -17.941 3.739   2.938   1.00 87.48  ? 11  SER C OG   1 
ATOM   777 H H    . SER C 1 11 ? -17.583 7.249   1.407   1.00 148.60 ? 11  SER C H    1 
ATOM   778 H HA   . SER C 1 11 ? -19.548 5.405   1.271   1.00 145.29 ? 11  SER C HA   1 
ATOM   779 H HB2  . SER C 1 11 ? -18.017 3.864   0.983   1.00 110.29 ? 11  SER C HB2  1 
ATOM   780 H HB3  . SER C 1 11 ? -16.871 4.747   1.641   1.00 110.29 ? 11  SER C HB3  1 
ATOM   781 H HG   . SER C 1 11 ? -17.417 3.084   2.955   1.00 105.12 ? 11  SER C HG   1 
ATOM   782 N N    . ASN C 1 12 ? -20.225 6.047   3.549   1.00 128.63 ? 12  ASN C N    1 
ATOM   783 C CA   . ASN C 1 12 ? -20.555 6.554   4.874   1.00 104.37 ? 12  ASN C CA   1 
ATOM   784 C C    . ASN C 1 12 ? -19.973 5.699   5.992   1.00 106.14 ? 12  ASN C C    1 
ATOM   785 O O    . ASN C 1 12 ? -20.239 5.995   7.161   1.00 105.75 ? 12  ASN C O    1 
ATOM   786 C CB   . ASN C 1 12 ? -22.071 6.653   5.067   1.00 91.51  ? 12  ASN C CB   1 
ATOM   787 C CG   . ASN C 1 12 ? -22.819 6.923   3.773   1.00 109.46 ? 12  ASN C CG   1 
ATOM   788 O OD1  . ASN C 1 12 ? -23.615 6.099   3.325   1.00 108.52 ? 12  ASN C OD1  1 
ATOM   789 N ND2  . ASN C 1 12 ? -22.585 8.087   3.180   1.00 113.12 ? 12  ASN C ND2  1 
ATOM   790 H H    . ASN C 1 12 ? -20.877 5.686   3.119   1.00 154.50 ? 12  ASN C H    1 
ATOM   791 H HA   . ASN C 1 12 ? -20.191 7.450   4.942   1.00 125.39 ? 12  ASN C HA   1 
ATOM   792 H HB2  . ASN C 1 12 ? -22.398 5.815   5.432   1.00 109.96 ? 12  ASN C HB2  1 
ATOM   793 H HB3  . ASN C 1 12 ? -22.264 7.380   5.681   1.00 109.96 ? 12  ASN C HB3  1 
ATOM   794 H HD21 . ASN C 1 12 ? -22.031 8.645   3.529   1.00 135.89 ? 12  ASN C HD21 1 
ATOM   795 H HD22 . ASN C 1 12 ? -22.985 8.283   2.445   1.00 135.89 ? 12  ASN C HD22 1 
ATOM   796 N N    . LYS C 1 13 ? -19.201 4.654   5.677   1.00 124.49 ? 13  LYS C N    1 
ATOM   797 C CA   . LYS C 1 13 ? -18.536 3.849   6.695   1.00 109.41 ? 13  LYS C CA   1 
ATOM   798 C C    . LYS C 1 13 ? -17.018 3.888   6.575   1.00 103.27 ? 13  LYS C C    1 
ATOM   799 O O    . LYS C 1 13 ? -16.334 3.109   7.248   1.00 108.04 ? 13  LYS C O    1 
ATOM   800 C CB   . LYS C 1 13 ? -19.021 2.397   6.648   1.00 99.64  ? 13  LYS C CB   1 
ATOM   801 C CG   . LYS C 1 13 ? -19.036 1.755   5.283   1.00 96.09  ? 13  LYS C CG   1 
ATOM   802 C CD   . LYS C 1 13 ? -19.342 0.277   5.432   1.00 91.01  ? 13  LYS C CD   1 
ATOM   803 C CE   . LYS C 1 13 ? -20.828 0.019   5.318   1.00 99.19  ? 13  LYS C CE   1 
ATOM   804 N NZ   . LYS C 1 13 ? -21.181 -1.356  5.756   1.00 114.01 ? 13  LYS C NZ   1 
ATOM   805 H H    . LYS C 1 13 ? -19.048 4.392   4.872   1.00 149.53 ? 13  LYS C H    1 
ATOM   806 H HA   . LYS C 1 13 ? -18.776 4.210   7.563   1.00 131.44 ? 13  LYS C HA   1 
ATOM   807 H HB2  . LYS C 1 13 ? -18.436 1.863   7.210   1.00 119.71 ? 13  LYS C HB2  1 
ATOM   808 H HB3  . LYS C 1 13 ? -19.928 2.367   6.990   1.00 119.71 ? 13  LYS C HB3  1 
ATOM   809 H HG2  . LYS C 1 13 ? -19.724 2.165   4.734   1.00 115.45 ? 13  LYS C HG2  1 
ATOM   810 H HG3  . LYS C 1 13 ? -18.169 1.856   4.860   1.00 115.45 ? 13  LYS C HG3  1 
ATOM   811 H HD2  . LYS C 1 13 ? -18.889 -0.218  4.732   1.00 109.35 ? 13  LYS C HD2  1 
ATOM   812 H HD3  . LYS C 1 13 ? -19.042 -0.029  6.302   1.00 109.35 ? 13  LYS C HD3  1 
ATOM   813 H HE2  . LYS C 1 13 ? -21.306 0.649   5.879   1.00 119.17 ? 13  LYS C HE2  1 
ATOM   814 H HE3  . LYS C 1 13 ? -21.102 0.123   4.393   1.00 119.17 ? 13  LYS C HE3  1 
ATOM   815 H HZ1  . LYS C 1 13 ? -21.870 -1.659  5.281   1.00 136.95 ? 13  LYS C HZ1  1 
ATOM   816 H HZ2  . LYS C 1 13 ? -20.486 -1.901  5.639   1.00 136.95 ? 13  LYS C HZ2  1 
ATOM   817 H HZ3  . LYS C 1 13 ? -21.402 -1.353  6.618   1.00 136.95 ? 13  LYS C HZ3  1 
ATOM   818 N N    . GLY C 1 14 ? -16.471 4.781   5.754   1.00 80.57  ? 14  GLY C N    1 
ATOM   819 C CA   . GLY C 1 14 ? -15.034 4.874   5.599   1.00 75.26  ? 14  GLY C CA   1 
ATOM   820 C C    . GLY C 1 14 ? -14.383 3.533   5.329   1.00 64.89  ? 14  GLY C C    1 
ATOM   821 O O    . GLY C 1 14 ? -13.251 3.287   5.755   1.00 70.05  ? 14  GLY C O    1 
ATOM   822 H H    . GLY C 1 14 ? -16.916 5.341   5.275   1.00 96.83  ? 14  GLY C H    1 
ATOM   823 H HA2  . GLY C 1 14 ? -14.830 5.466   4.859   1.00 90.46  ? 14  GLY C HA2  1 
ATOM   824 H HA3  . GLY C 1 14 ? -14.649 5.241   6.411   1.00 90.46  ? 14  GLY C HA3  1 
ATOM   825 N N    . ALA C 1 15 ? -15.100 2.650   4.634   1.00 47.94  ? 15  ALA C N    1 
ATOM   826 C CA   . ALA C 1 15 ? -14.546 1.354   4.278   1.00 44.44  ? 15  ALA C CA   1 
ATOM   827 C C    . ALA C 1 15 ? -13.220 1.537   3.558   1.00 42.85  ? 15  ALA C C    1 
ATOM   828 O O    . ALA C 1 15 ? -13.054 2.457   2.753   1.00 53.07  ? 15  ALA C O    1 
ATOM   829 C CB   . ALA C 1 15 ? -15.525 0.585   3.393   1.00 60.29  ? 15  ALA C CB   1 
ATOM   830 H H    . ALA C 1 15 ? -15.904 2.781   4.361   1.00 57.67  ? 15  ALA C H    1 
ATOM   831 H HA   . ALA C 1 15 ? -14.396 0.830   5.080   1.00 53.47  ? 15  ALA C HA   1 
ATOM   832 H HB1  . ALA C 1 15 ? -15.144 -0.280  3.177   1.00 72.49  ? 15  ALA C HB1  1 
ATOM   833 H HB2  . ALA C 1 15 ? -16.359 0.469   3.873   1.00 72.49  ? 15  ALA C HB2  1 
ATOM   834 H HB3  . ALA C 1 15 ? -15.679 1.090   2.579   1.00 72.49  ? 15  ALA C HB3  1 
ATOM   835 N N    . ILE C 1 16 ? -12.273 0.654   3.855   1.00 39.42  ? 16  ILE C N    1 
ATOM   836 C CA   . ILE C 1 16 ? -10.946 0.711   3.257   1.00 30.51  ? 16  ILE C CA   1 
ATOM   837 C C    . ILE C 1 16 ? -10.973 -0.127  1.989   1.00 40.15  ? 16  ILE C C    1 
ATOM   838 O O    . ILE C 1 16 ? -11.266 -1.326  2.033   1.00 32.20  ? 16  ILE C O    1 
ATOM   839 C CB   . ILE C 1 16 ? -9.870  0.216   4.233   1.00 34.27  ? 16  ILE C CB   1 
ATOM   840 C CG1  . ILE C 1 16 ? -9.785  1.135   5.453   1.00 47.34  ? 16  ILE C CG1  1 
ATOM   841 C CG2  . ILE C 1 16 ? -8.514  0.145   3.538   1.00 35.24  ? 16  ILE C CG2  1 
ATOM   842 C CD1  . ILE C 1 16 ? -9.280  0.447   6.702   1.00 52.70  ? 16  ILE C CD1  1 
ATOM   843 H H    . ILE C 1 16 ? -12.377 0.003   4.406   1.00 47.45  ? 16  ILE C H    1 
ATOM   844 H HA   . ILE C 1 16 ? -10.732 1.627   3.022   1.00 36.76  ? 16  ILE C HA   1 
ATOM   845 H HB   . ILE C 1 16 ? -10.119 -0.673  4.531   1.00 41.27  ? 16  ILE C HB   1 
ATOM   846 H HG12 . ILE C 1 16 ? -9.179  1.865   5.252   1.00 56.96  ? 16  ILE C HG12 1 
ATOM   847 H HG13 . ILE C 1 16 ? -10.670 1.482   5.645   1.00 56.96  ? 16  ILE C HG13 1 
ATOM   848 H HG21 . ILE C 1 16 ? -7.834  -0.082  4.193   1.00 42.44  ? 16  ILE C HG21 1 
ATOM   849 H HG22 . ILE C 1 16 ? -8.547  -0.535  2.847   1.00 42.44  ? 16  ILE C HG22 1 
ATOM   850 H HG23 . ILE C 1 16 ? -8.316  1.009   3.143   1.00 42.44  ? 16  ILE C HG23 1 
ATOM   851 H HD11 . ILE C 1 16 ? -9.236  1.094   7.424   1.00 63.39  ? 16  ILE C HD11 1 
ATOM   852 H HD12 . ILE C 1 16 ? -9.889  -0.269  6.937   1.00 63.39  ? 16  ILE C HD12 1 
ATOM   853 H HD13 . ILE C 1 16 ? -8.396  0.086   6.528   1.00 63.39  ? 16  ILE C HD13 1 
ATOM   854 N N    . ILE C 1 17 ? -10.694 0.514   0.857   1.00 36.29  ? 17  ILE C N    1 
ATOM   855 C CA   . ILE C 1 17 ? -10.708 -0.129  -0.447  1.00 37.92  ? 17  ILE C CA   1 
ATOM   856 C C    . ILE C 1 17 ? -9.354  0.095   -1.099  1.00 41.48  ? 17  ILE C C    1 
ATOM   857 O O    . ILE C 1 17 ? -8.529  0.877   -0.627  1.00 39.75  ? 17  ILE C O    1 
ATOM   858 C CB   . ILE C 1 17 ? -11.834 0.400   -1.357  1.00 42.18  ? 17  ILE C CB   1 
ATOM   859 C CG1  . ILE C 1 17 ? -11.679 1.910   -1.584  1.00 36.51  ? 17  ILE C CG1  1 
ATOM   860 C CG2  . ILE C 1 17 ? -13.183 0.086   -0.766  1.00 43.69  ? 17  ILE C CG2  1 
ATOM   861 C CD1  . ILE C 1 17 ? -12.584 2.464   -2.659  1.00 43.08  ? 17  ILE C CD1  1 
ATOM   862 H H    . ILE C 1 17 ? -10.489 1.349   0.820   1.00 43.69  ? 17  ILE C H    1 
ATOM   863 H HA   . ILE C 1 17 ? -10.844 -1.081  -0.324  1.00 45.64  ? 17  ILE C HA   1 
ATOM   864 H HB   . ILE C 1 17 ? -11.764 -0.045  -2.216  1.00 50.77  ? 17  ILE C HB   1 
ATOM   865 H HG12 . ILE C 1 17 ? -11.887 2.372   -0.756  1.00 43.95  ? 17  ILE C HG12 1 
ATOM   866 H HG13 . ILE C 1 17 ? -10.763 2.094   -1.845  1.00 43.95  ? 17  ILE C HG13 1 
ATOM   867 H HG21 . ILE C 1 17 ? -13.864 0.218   -1.444  1.00 52.58  ? 17  ILE C HG21 1 
ATOM   868 H HG22 . ILE C 1 17 ? -13.189 -0.836  -0.465  1.00 52.58  ? 17  ILE C HG22 1 
ATOM   869 H HG23 . ILE C 1 17 ? -13.345 0.680   -0.016  1.00 52.58  ? 17  ILE C HG23 1 
ATOM   870 H HD11 . ILE C 1 17 ? -12.524 3.432   -2.653  1.00 51.84  ? 17  ILE C HD11 1 
ATOM   871 H HD12 . ILE C 1 17 ? -12.300 2.118   -3.519  1.00 51.84  ? 17  ILE C HD12 1 
ATOM   872 H HD13 . ILE C 1 17 ? -13.496 2.188   -2.476  1.00 51.84  ? 17  ILE C HD13 1 
ATOM   873 N N    . GLY C 1 18 ? -9.145  -0.590  -2.221  1.00 33.06  ? 18  GLY C N    1 
ATOM   874 C CA   . GLY C 1 18 ? -7.963  -0.370  -3.027  1.00 30.93  ? 18  GLY C CA   1 
ATOM   875 C C    . GLY C 1 18 ? -8.223  0.741   -4.020  1.00 42.11  ? 18  GLY C C    1 
ATOM   876 O O    . GLY C 1 18 ? -9.206  0.706   -4.762  1.00 47.49  ? 18  GLY C O    1 
ATOM   877 H H    . GLY C 1 18 ? -9.678  -1.189  -2.532  1.00 39.81  ? 18  GLY C H    1 
ATOM   878 H HA2  . GLY C 1 18 ? -7.217  -0.120  -2.460  1.00 37.26  ? 18  GLY C HA2  1 
ATOM   879 H HA3  . GLY C 1 18 ? -7.736  -1.180  -3.510  1.00 37.26  ? 18  GLY C HA3  1 
ATOM   880 N N    . LEU C 1 19 ? -7.347  1.736   -4.017  1.00 31.97  ? 19  LEU C N    1 
ATOM   881 C CA   . LEU C 1 19 ? -7.437  2.830   -4.966  1.00 35.59  ? 19  LEU C CA   1 
ATOM   882 C C    . LEU C 1 19 ? -6.316  2.692   -5.994  1.00 36.82  ? 19  LEU C C    1 
ATOM   883 O O    . LEU C 1 19 ? -5.149  2.557   -5.630  1.00 41.59  ? 19  LEU C O    1 
ATOM   884 C CB   . LEU C 1 19 ? -7.348  4.176   -4.249  1.00 41.61  ? 19  LEU C CB   1 
ATOM   885 C CG   . LEU C 1 19 ? -8.619  4.707   -3.581  1.00 53.47  ? 19  LEU C CG   1 
ATOM   886 C CD1  . LEU C 1 19 ? -8.310  6.044   -2.936  1.00 75.59  ? 19  LEU C CD1  1 
ATOM   887 C CD2  . LEU C 1 19 ? -9.782  4.846   -4.558  1.00 68.74  ? 19  LEU C CD2  1 
ATOM   888 H H    . LEU C 1 19 ? -6.687  1.800   -3.470  1.00 38.50  ? 19  LEU C H    1 
ATOM   889 H HA   . LEU C 1 19 ? -8.292  2.810   -5.423  1.00 42.86  ? 19  LEU C HA   1 
ATOM   890 H HB2  . LEU C 1 19 ? -6.677  4.099   -3.553  1.00 50.08  ? 19  LEU C HB2  1 
ATOM   891 H HB3  . LEU C 1 19 ? -7.075  4.842   -4.900  1.00 50.08  ? 19  LEU C HB3  1 
ATOM   892 H HG   . LEU C 1 19 ? -8.907  4.069   -2.910  1.00 64.31  ? 19  LEU C HG   1 
ATOM   893 H HD11 . LEU C 1 19 ? -9.117  6.387   -2.519  1.00 90.85  ? 19  LEU C HD11 1 
ATOM   894 H HD12 . LEU C 1 19 ? -7.620  5.919   -2.265  1.00 90.85  ? 19  LEU C HD12 1 
ATOM   895 H HD13 . LEU C 1 19 ? -8.001  6.661   -3.617  1.00 90.85  ? 19  LEU C HD13 1 
ATOM   896 H HD21 . LEU C 1 19 ? -10.550 5.203   -4.086  1.00 82.63  ? 19  LEU C HD21 1 
ATOM   897 H HD22 . LEU C 1 19 ? -9.524  5.448   -5.273  1.00 82.63  ? 19  LEU C HD22 1 
ATOM   898 H HD23 . LEU C 1 19 ? -9.994  3.971   -4.922  1.00 82.63  ? 19  LEU C HD23 1 
HETATM 899 N N    . ORN C 1 20 ? -6.678  2.721   -7.273  1.00 39.70  ? 20  ORN C N    1 
HETATM 900 C CA   . ORN C 1 20 ? -5.788  2.619   -8.223  1.00 42.01  ? 20  ORN C CA   1 
HETATM 901 C CB   . ORN C 1 20 ? -6.326  1.752   -9.348  1.00 48.68  ? 20  ORN C CB   1 
HETATM 902 C CG   . ORN C 1 20 ? -5.769  2.128   -10.705 1.00 72.21  ? 20  ORN C CG   1 
HETATM 903 C CD   . ORN C 1 20 ? -5.979  0.956   -11.642 1.00 70.93  ? 20  ORN C CD   1 
HETATM 904 N NE   . ORN C 1 20 ? -5.462  1.271   -12.934 1.00 88.05  ? 20  ORN C NE   1 
HETATM 905 C C    . ORN C 1 20 ? -5.306  3.810   -8.606  1.00 38.65  ? 20  ORN C C    1 
HETATM 906 O O    . ORN C 1 20 ? -6.044  4.618   -9.138  1.00 57.20  ? 20  ORN C O    1 
HETATM 907 H H    . ORN C 1 20 ? -7.552  2.812   -7.518  1.00 47.78  ? 20  ORN C H    1 
HETATM 908 H HA   . ORN C 1 20 ? -5.029  2.136   -7.833  1.00 50.56  ? 20  ORN C HA   1 
HETATM 909 H HB2  . ORN C 1 20 ? -7.300  1.845   -9.374  1.00 58.57  ? 20  ORN C HB2  1 
HETATM 910 H HB3  . ORN C 1 20 ? -6.093  0.820   -9.163  1.00 58.57  ? 20  ORN C HB3  1 
HETATM 911 H HG2  . ORN C 1 20 ? -4.813  2.324   -10.627 1.00 86.79  ? 20  ORN C HG2  1 
HETATM 912 H HG3  . ORN C 1 20 ? -6.236  2.916   -11.049 1.00 86.79  ? 20  ORN C HG3  1 
HETATM 913 H HD2  . ORN C 1 20 ? -6.937  0.764   -11.713 1.00 85.27  ? 20  ORN C HD2  1 
HETATM 914 H HD3  . ORN C 1 20 ? -5.513  0.170   -11.289 1.00 85.27  ? 20  ORN C HD3  1 
HETATM 915 H HE1  . ORN C 1 20 ? -5.959  1.948   -13.306 1.00 105.81 ? 20  ORN C HE1  1 
HETATM 916 H HE2  . ORN C 1 20 ? -4.588  1.540   -12.857 1.00 105.81 ? 20  ORN C HE2  1 
HETATM 917 H HN3  . ORN C 1 20 ? -5.507  0.527   -13.471 1.00 105.81 ? 20  ORN C HN3  1 
ATOM   918 N N    . VAL C 1 21 ? -4.019  4.041   -8.386  1.00 40.36  ? 21  VAL C N    1 
ATOM   919 C CA   . VAL C 1 21 ? -3.382  5.301   -8.756  1.00 50.49  ? 21  VAL C CA   1 
ATOM   920 C C    . VAL C 1 21 ? -2.250  5.060   -9.755  1.00 37.48  ? 21  VAL C C    1 
ATOM   921 O O    . VAL C 1 21 ? -1.143  4.684   -9.380  1.00 38.47  ? 21  VAL C O    1 
ATOM   922 C CB   . VAL C 1 21 ? -2.883  6.054   -7.498  1.00 47.52  ? 21  VAL C CB   1 
ATOM   923 C CG1  . VAL C 1 21 ? -4.059  6.469   -6.640  1.00 59.82  ? 21  VAL C CG1  1 
ATOM   924 C CG2  . VAL C 1 21 ? -1.955  5.202   -6.656  1.00 59.20  ? 21  VAL C CG2  1 
ATOM   925 H H    . VAL C 1 21 ? -3.486  3.479   -8.014  1.00 48.58  ? 21  VAL C H    1 
ATOM   926 H HA   . VAL C 1 21 ? -4.036  5.868   -9.196  1.00 60.74  ? 21  VAL C HA   1 
ATOM   927 H HB   . VAL C 1 21 ? -2.394  6.834   -7.802  1.00 57.17  ? 21  VAL C HB   1 
ATOM   928 H HG11 . VAL C 1 21 ? -3.729  6.941   -5.859  1.00 71.93  ? 21  VAL C HG11 1 
ATOM   929 H HG12 . VAL C 1 21 ? -4.638  7.051   -7.157  1.00 71.93  ? 21  VAL C HG12 1 
ATOM   930 H HG13 . VAL C 1 21 ? -4.546  5.676   -6.367  1.00 71.93  ? 21  VAL C HG13 1 
ATOM   931 H HG21 . VAL C 1 21 ? -1.722  5.689   -5.851  1.00 71.19  ? 21  VAL C HG21 1 
ATOM   932 H HG22 . VAL C 1 21 ? -2.407  4.376   -6.423  1.00 71.19  ? 21  VAL C HG22 1 
ATOM   933 H HG23 . VAL C 1 21 ? -1.154  5.007   -7.168  1.00 71.19  ? 21  VAL C HG23 1 
HETATM 934 O O    . HOH D 2 .  ? 11.878  -1.831  5.774   1.00 37.88  ? 101 HOH A O    1 
HETATM 935 O O    . HOH D 2 .  ? 13.339  -1.639  12.258  1.00 64.62  ? 102 HOH A O    1 
HETATM 936 O O    . HOH D 2 .  ? 7.743   4.137   10.603  1.00 51.03  ? 103 HOH A O    1 
HETATM 937 O O    . HOH D 2 .  ? 12.678  -8.197  16.790  1.00 63.65  ? 104 HOH A O    1 
HETATM 938 O O    . HOH D 2 .  ? 10.941  -1.942  14.209  1.00 48.10  ? 105 HOH A O    1 
HETATM 939 O O    . HOH D 2 .  ? -8.145  11.466  5.135   1.00 53.55  ? 106 HOH A O    1 
HETATM 940 O O    . HOH E 2 .  ? 11.937  3.505   5.028   1.00 49.65  ? 101 HOH B O    1 
HETATM 941 O O    . HOH E 2 .  ? 13.531  -1.166  -2.456  1.00 48.12  ? 102 HOH B O    1 
HETATM 942 O O    . HOH E 2 .  ? 7.102   4.273   1.382   0.50 31.66  ? 103 HOH B O    1 
HETATM 943 O O    . HOH E 2 .  ? 8.672   -3.680  4.455   1.00 46.85  ? 104 HOH B O    1 
HETATM 944 O O    . HOH E 2 .  ? 14.218  -2.011  3.841   1.00 54.47  ? 105 HOH B O    1 
HETATM 945 O O    . HOH E 2 .  ? 11.726  -1.674  -13.830 1.00 72.22  ? 106 HOH B O    1 
HETATM 946 O O    . HOH E 2 .  ? 10.481  -3.830  3.771   1.00 32.66  ? 107 HOH B O    1 
HETATM 947 O O    . HOH E 2 .  ? 6.368   1.844   -10.824 1.00 63.94  ? 108 HOH B O    1 
HETATM 948 O O    . HOH E 2 .  ? 9.158   -5.673  3.273   0.50 42.97  ? 109 HOH B O    1 
HETATM 949 O O    . HOH F 2 .  ? -18.798 5.940   -3.077  0.50 134.02 ? 101 HOH C O    1 
HETATM 950 O O    . HOH F 2 .  ? -15.286 1.036   7.762   1.00 53.11  ? 102 HOH C O    1 
HETATM 951 O O    . HOH F 2 .  ? -23.261 -2.659  5.246   1.00 140.64 ? 103 HOH C O    1 
HETATM 952 O O    . HOH F 2 .  ? 3.122   0.837   -11.925 1.00 42.47  ? 104 HOH C O    1 
HETATM 953 O O    . HOH F 2 .  ? -21.437 -1.029  8.547   1.00 107.51 ? 105 HOH C O    1 
HETATM 954 O O    . HOH F 2 .  ? -8.783  8.198   2.083   1.00 44.52  ? 106 HOH C O    1 
HETATM 955 O O    . HOH F 2 .  ? 1.155   3.505   -14.931 1.00 52.25  ? 107 HOH C O    1 
HETATM 956 O O    . HOH F 2 .  ? -7.457  4.576   9.280   1.00 60.09  ? 108 HOH C O    1 
HETATM 957 O O    . HOH F 2 .  ? 4.950   2.679   -12.353 1.00 46.37  ? 109 HOH C O    1 
HETATM 958 O O    . HOH F 2 .  ? 5.214   3.512   -10.306 1.00 50.29  ? 110 HOH C O    1 
# 
loop_
_atom_site_anisotrop.id 
_atom_site_anisotrop.type_symbol 
_atom_site_anisotrop.pdbx_label_atom_id 
_atom_site_anisotrop.pdbx_label_alt_id 
_atom_site_anisotrop.pdbx_label_comp_id 
_atom_site_anisotrop.pdbx_label_asym_id 
_atom_site_anisotrop.pdbx_label_seq_id 
_atom_site_anisotrop.pdbx_PDB_ins_code 
_atom_site_anisotrop.U[1][1] 
_atom_site_anisotrop.U[2][2] 
_atom_site_anisotrop.U[3][3] 
_atom_site_anisotrop.U[1][2] 
_atom_site_anisotrop.U[1][3] 
_atom_site_anisotrop.U[2][3] 
_atom_site_anisotrop.pdbx_auth_seq_id 
_atom_site_anisotrop.pdbx_auth_comp_id 
_atom_site_anisotrop.pdbx_auth_asym_id 
_atom_site_anisotrop.pdbx_auth_atom_id 
1   N N   . ORN A 1  ? 0.5596 0.4449 0.8943 -0.0385 -0.0276 -0.0639 1  ORN A N   
2   C CA  . ORN A 1  ? 0.5194 0.4061 0.8561 -0.0417 -0.0299 -0.0586 1  ORN A CA  
3   C CB  . ORN A 1  ? 0.4988 0.3922 0.8228 -0.0461 -0.0336 -0.0858 1  ORN A CB  
4   C CG  . ORN A 1  ? 0.5316 0.4428 0.9102 -0.0463 -0.0411 -0.1012 1  ORN A CG  
5   C CD  . ORN A 1  ? 0.5918 0.5143 1.0365 -0.0471 -0.0444 -0.0865 1  ORN A CD  
6   N NE  . ORN A 1  ? 0.4633 0.3903 0.8924 -0.0492 -0.0507 -0.0968 1  ORN A NE  
7   C C   . ORN A 1  ? 0.3453 0.2283 0.6458 -0.0340 -0.0289 -0.0538 1  ORN A C   
8   O O   . ORN A 1  ? 0.4639 0.3437 0.7458 -0.0261 -0.0284 -0.0657 1  ORN A O   
20  N N   . CYS A 2  ? 0.4198 0.3169 0.7107 -0.0317 -0.0288 -0.0379 2  CYS A N   
21  C CA  . CYS A 2  ? 0.4849 0.3939 0.7357 -0.0195 -0.0279 -0.0332 2  CYS A CA  
22  C C   . CYS A 2  ? 0.4688 0.3726 0.6972 -0.0268 -0.0244 -0.0404 2  CYS A C   
23  O O   . CYS A 2  ? 0.4605 0.3664 0.6985 -0.0349 -0.0264 -0.0473 2  CYS A O   
24  C CB  . CYS A 2  ? 0.5192 0.4622 0.7714 -0.0004 -0.0278 0.0001  2  CYS A CB  
25  S SG  . CYS A 2  ? 0.4386 0.4115 0.7247 0.0215  -0.0234 0.0308  2  CYS A SG  
30  N N   . VAL A 3  ? 0.4293 0.3346 0.6388 -0.0188 -0.0202 -0.0433 3  VAL A N   
31  C CA  . VAL A 3  ? 0.3931 0.3014 0.5856 -0.0190 -0.0116 -0.0378 3  VAL A CA  
32  C C   . VAL A 3  ? 0.3274 0.2519 0.5066 -0.0108 -0.0162 -0.0255 3  VAL A C   
33  O O   . VAL A 3  ? 0.3871 0.3220 0.5742 0.0025  -0.0214 -0.0351 3  VAL A O   
34  C CB  . VAL A 3  ? 0.3879 0.2865 0.5985 -0.0146 0.0044  -0.0420 3  VAL A CB  
35  C CG1 . VAL A 3  ? 0.3812 0.2930 0.5820 -0.0080 0.0196  -0.0222 3  VAL A CG1 
36  C CG2 . VAL A 3  ? 0.5136 0.4045 0.7339 -0.0168 0.0121  -0.0485 3  VAL A CG2 
46  N N   . PHE A 4  ? 0.3422 0.2765 0.5067 -0.0146 -0.0166 -0.0114 4  PHE A N   
47  C CA  . PHE A 4  ? 0.3667 0.3180 0.5169 -0.0064 -0.0191 0.0041  4  PHE A CA  
48  C C   . PHE A 4  ? 0.3554 0.3078 0.4895 -0.0068 -0.0100 0.0079  4  PHE A C   
49  O O   . PHE A 4  ? 0.4119 0.3660 0.5400 -0.0094 -0.0027 0.0063  4  PHE A O   
50  C CB  . PHE A 4  ? 0.4303 0.3950 0.5943 -0.0079 -0.0237 0.0258  4  PHE A CB  
51  C CG  . PHE A 4  ? 0.3522 0.3266 0.5450 0.0002  -0.0247 0.0401  4  PHE A CG  
52  C CD1 . PHE A 4  ? 0.4906 0.4976 0.6689 0.0273  -0.0253 0.0537  4  PHE A CD1 
53  C CD2 . PHE A 4  ? 0.4231 0.3856 0.6635 -0.0123 -0.0251 0.0386  4  PHE A CD2 
54  C CE1 . PHE A 4  ? 0.3936 0.4255 0.5956 0.0452  -0.0216 0.0770  4  PHE A CE1 
55  C CE2 . PHE A 4  ? 0.5064 0.4809 0.7850 -0.0021 -0.0204 0.0622  4  PHE A CE2 
56  C CZ  . PHE A 4  ? 0.5335 0.5450 0.7885 0.0284  -0.0163 0.0871  4  PHE A CZ  
66  C C1  . MEA A 5  ? 0.4029 0.3868 0.5308 0.0179  -0.0208 0.0106  5  MEA A C1  
67  N N   . MEA A 5  ? 0.3684 0.3311 0.4970 0.0020  -0.0101 0.0135  5  MEA A N   
68  C CA  . MEA A 5  ? 0.3338 0.2989 0.4583 0.0034  0.0024  0.0235  5  MEA A CA  
69  C C   . MEA A 5  ? 0.3382 0.3192 0.4345 0.0021  -0.0031 0.0397  5  MEA A C   
70  O O   . MEA A 5  ? 0.3400 0.3332 0.4303 0.0094  -0.0098 0.0462  5  MEA A O   
71  C CB  . MEA A 5  ? 0.3862 0.3506 0.5478 0.0126  0.0062  0.0130  5  MEA A CB  
72  C CG  . MEA A 5  ? 0.4484 0.4123 0.6353 0.0154  0.0299  0.0339  5  MEA A CG  
73  C CD1 . MEA A 5  ? 0.6588 0.6215 0.8609 0.0183  0.0530  0.0530  5  MEA A CD1 
74  C CE1 . MEA A 5  ? 0.6786 0.6555 0.9110 0.0311  0.0827  0.0883  5  MEA A CE1 
75  C CZ  . MEA A 5  ? 0.4774 0.4592 0.7308 0.0343  0.0866  0.0983  5  MEA A CZ  
76  C CE2 . MEA A 5  ? 0.5750 0.5524 0.8105 0.0272  0.0585  0.0688  5  MEA A CE2 
77  C CD2 . MEA A 5  ? 0.6721 0.6458 0.8719 0.0212  0.0318  0.0399  5  MEA A CD2 
89  N N   . CYS A 6  ? 0.3049 0.2949 0.3892 -0.0016 -0.0019 0.0417  6  CYS A N   
90  C CA  . CYS A 6  ? 0.3022 0.3073 0.3821 -0.0044 -0.0116 0.0474  6  CYS A CA  
91  C C   . CYS A 6  ? 0.3125 0.3435 0.3710 0.0042  -0.0074 0.0468  6  CYS A C   
92  O O   . CYS A 6  ? 0.3463 0.3952 0.3923 0.0168  0.0025  0.0420  6  CYS A O   
93  C CB  . CYS A 6  ? 0.3481 0.3532 0.4668 -0.0130 -0.0247 0.0351  6  CYS A CB  
94  S SG  . CYS A 6  ? 0.3423 0.3302 0.4887 -0.0153 -0.0251 0.0411  6  CYS A SG  
99  N N   . GLU A 7  ? 0.3514 0.3944 0.4057 0.0036  -0.0133 0.0554  7  GLU A N   
100 C CA  . GLU A 7  ? 0.4109 0.4905 0.4463 0.0166  -0.0142 0.0491  7  GLU A CA  
101 C C   . GLU A 7  ? 0.5625 0.6706 0.6259 0.0211  -0.0345 0.0083  7  GLU A C   
102 O O   . GLU A 7  ? 0.4357 0.5299 0.5561 0.0062  -0.0498 -0.0063 7  GLU A O   
103 C CB  . GLU A 7  ? 0.3491 0.4329 0.3802 0.0137  -0.0173 0.0655  7  GLU A CB  
104 C CG  . GLU A 7  ? 0.3791 0.5083 0.3881 0.0315  -0.0195 0.0578  7  GLU A CG  
105 C CD  . GLU A 7  ? 0.5117 0.6408 0.5111 0.0286  -0.0178 0.0799  7  GLU A CD  
106 O OE1 . GLU A 7  ? 0.4747 0.6437 0.4592 0.0438  -0.0221 0.0724  7  GLU A OE1 
107 O OE2 . GLU A 7  ? 0.4674 0.5660 0.4726 0.0168  -0.0134 0.1017  7  GLU A OE2 
114 N N   . ASP A 8  ? 0.4158 0.3842 0.3906 -0.0364 -0.0360 -0.0468 8  ASP A N   
115 C CA  . ASP A 8  ? 0.4690 0.4100 0.4328 -0.0263 -0.0605 -0.0669 8  ASP A CA  
116 C C   . ASP A 8  ? 0.6181 0.5564 0.6205 -0.0334 -0.0917 -0.0775 8  ASP A C   
117 O O   . ASP A 8  ? 0.6405 0.5896 0.6349 -0.0301 -0.1005 -0.0774 8  ASP A O   
118 C CB  . ASP A 8  ? 0.7401 0.6720 0.6410 0.0005  -0.0597 -0.0798 8  ASP A CB  
119 C CG  . ASP A 8  ? 1.1923 1.1008 1.0778 0.0146  -0.0766 -0.1088 8  ASP A CG  
120 O OD1 . ASP A 8  ? 1.2797 1.1740 1.2137 0.0011  -0.0830 -0.1132 8  ASP A OD1 
121 O OD2 . ASP A 8  ? 1.4631 1.3730 1.2935 0.0419  -0.0820 -0.1263 8  ASP A OD2 
126 N N   . VAL A 9  ? 0.9917 0.9179 1.0493 -0.0430 -0.1080 -0.0831 9  VAL A N   
127 C CA  . VAL A 9  ? 1.0526 0.9770 1.1737 -0.0530 -0.1377 -0.0899 9  VAL A CA  
128 C C   . VAL A 9  ? 1.0188 0.9276 1.1173 -0.0356 -0.1758 -0.1344 9  VAL A C   
129 O O   . VAL A 9  ? 0.9655 0.8698 0.9927 -0.0131 -0.1753 -0.1562 9  VAL A O   
130 C CB  . VAL A 9  ? 1.2213 1.1427 1.4335 -0.0679 -0.1391 -0.0729 9  VAL A CB  
131 C CG1 . VAL A 9  ? 1.1599 1.1152 1.3795 -0.0781 -0.1013 -0.0278 9  VAL A CG1 
132 C CG2 . VAL A 9  ? 1.1389 1.0298 1.3661 -0.0584 -0.1521 -0.1010 9  VAL A CG2 
142 N N   . GLY A 10 ? 0.7511 0.6591 0.9124 -0.0433 -0.2095 -0.1483 10 GLY A N   
143 C CA  . GLY A 10 ? 0.8783 0.7820 1.0272 -0.0260 -0.2537 -0.1989 10 GLY A CA  
144 C C   . GLY A 10 ? 1.1466 1.0780 1.2377 -0.0126 -0.2650 -0.1988 10 GLY A C   
145 O O   . GLY A 10 ? 1.3295 1.2713 1.4151 0.0025  -0.3076 -0.2397 10 GLY A O   
149 N N   . SER A 11 ? 1.4325 1.3811 1.4892 -0.0160 -0.2301 -0.1560 11 SER A N   
150 C CA  . SER A 11 ? 1.3812 1.3589 1.3927 -0.0006 -0.2349 -0.1461 11 SER A CA  
151 C C   . SER A 11 ? 1.3996 1.3905 1.4564 -0.0202 -0.2153 -0.1060 11 SER A C   
152 O O   . SER A 11 ? 1.5376 1.5214 1.6492 -0.0432 -0.1959 -0.0869 11 SER A O   
153 C CB  . SER A 11 ? 1.2978 1.2902 1.2230 0.0254  -0.2070 -0.1331 11 SER A CB  
154 O OG  . SER A 11 ? 1.4225 1.4006 1.3070 0.0413  -0.2075 -0.1614 11 SER A OG  
160 N N   . ASN A 12 ? 1.4572 1.4755 1.4899 -0.0066 -0.2194 -0.0919 12 ASN A N   
161 C CA  . ASN A 12 ? 1.3704 1.4052 1.4355 -0.0168 -0.1938 -0.0538 12 ASN A CA  
162 C C   . ASN A 12 ? 1.3146 1.3554 1.3486 -0.0086 -0.1493 -0.0286 12 ASN A C   
163 O O   . ASN A 12 ? 1.2899 1.3393 1.3662 -0.0202 -0.1217 -0.0054 12 ASN A O   
164 C CB  . ASN A 12 ? 1.4821 1.5472 1.5528 -0.0044 -0.2222 -0.0465 12 ASN A CB  
165 C CG  . ASN A 12 ? 1.5288 1.6179 1.5248 0.0298  -0.2511 -0.0674 12 ASN A CG  
166 O OD1 . ASN A 12 ? 1.5638 1.6542 1.4968 0.0495  -0.2320 -0.0682 12 ASN A OD1 
167 N ND2 . ASN A 12 ? 1.4642 1.5791 1.4673 0.0395  -0.2974 -0.0857 12 ASN A ND2 
174 N N   . LYS A 13 ? 0.7490 0.7860 0.7212 0.0114  -0.1416 -0.0363 13 LYS A N   
175 C CA  . LYS A 13 ? 0.6616 0.7119 0.6121 0.0270  -0.1051 -0.0073 13 LYS A CA  
176 C C   . LYS A 13 ? 0.6005 0.6421 0.5995 0.0058  -0.0680 0.0049  13 LYS A C   
177 O O   . LYS A 13 ? 0.4362 0.4922 0.4609 0.0120  -0.0401 0.0303  13 LYS A O   
178 C CB  . LYS A 13 ? 0.8132 0.8604 0.6940 0.0519  -0.1023 -0.0187 13 LYS A CB  
179 C CG  . LYS A 13 ? 0.7237 0.7924 0.5871 0.0753  -0.0669 0.0191  13 LYS A CG  
180 C CD  . LYS A 13 ? 1.1086 1.1670 0.9176 0.0930  -0.0541 0.0088  13 LYS A CD  
181 C CE  . LYS A 13 ? 1.0976 1.1901 0.8822 0.1277  -0.0250 0.0515  13 LYS A CE  
182 N NZ  . LYS A 13 ? 1.0545 1.1778 0.7538 0.1680  -0.0428 0.0397  13 LYS A NZ  
196 N N   . GLY A 14 ? 0.4263 0.4514 0.4453 -0.0163 -0.0671 -0.0127 14 GLY A N   
197 C CA  . GLY A 14 ? 0.3845 0.4156 0.4400 -0.0316 -0.0357 -0.0091 14 GLY A CA  
198 C C   . GLY A 14 ? 0.3957 0.4224 0.4283 -0.0235 -0.0115 -0.0087 14 GLY A C   
199 O O   . GLY A 14 ? 0.3695 0.4084 0.4375 -0.0318 0.0127  -0.0101 14 GLY A O   
203 N N   . ALA A 15 ? 0.4101 0.4227 0.3886 -0.0059 -0.0183 -0.0108 15 ALA A N   
204 C CA  . ALA A 15 ? 0.4078 0.4164 0.3693 0.0039  0.0059  -0.0054 15 ALA A CA  
205 C C   . ALA A 15 ? 0.3811 0.3851 0.3532 -0.0138 0.0134  -0.0197 15 ALA A C   
206 O O   . ALA A 15 ? 0.4055 0.4006 0.3711 -0.0236 -0.0034 -0.0308 15 ALA A O   
207 C CB  . ALA A 15 ? 0.5051 0.5059 0.4033 0.0308  -0.0023 -0.0053 15 ALA A CB  
213 N N   . ILE A 16 ? 0.3997 0.4153 0.3981 -0.0167 0.0379  -0.0173 16 ILE A N   
214 C CA  . ILE A 16 ? 0.4216 0.4450 0.4242 -0.0279 0.0454  -0.0281 16 ILE A CA  
215 C C   . ILE A 16 ? 0.4183 0.4293 0.4011 -0.0136 0.0596  -0.0209 16 ILE A C   
216 O O   . ILE A 16 ? 0.4055 0.4196 0.4119 -0.0023 0.0769  -0.0087 16 ILE A O   
217 C CB  . ILE A 16 ? 0.3331 0.3916 0.3870 -0.0416 0.0576  -0.0415 16 ILE A CB  
218 C CG1 . ILE A 16 ? 0.3246 0.3979 0.4044 -0.0511 0.0495  -0.0448 16 ILE A CG1 
219 C CG2 . ILE A 16 ? 0.3853 0.4680 0.4336 -0.0498 0.0598  -0.0506 16 ILE A CG2 
220 C CD1 . ILE A 16 ? 0.3521 0.4623 0.4862 -0.0582 0.0637  -0.0649 16 ILE A CD1 
232 N N   . ILE A 17 ? 0.3766 0.3749 0.3292 -0.0131 0.0544  -0.0238 17 ILE A N   
233 C CA  . ILE A 17 ? 0.4376 0.4216 0.3683 0.0026  0.0675  -0.0159 17 ILE A CA  
234 C C   . ILE A 17 ? 0.3705 0.3609 0.3071 -0.0078 0.0695  -0.0192 17 ILE A C   
235 O O   . ILE A 17 ? 0.4199 0.4295 0.3716 -0.0237 0.0605  -0.0231 17 ILE A O   
236 C CB  . ILE A 17 ? 0.5287 0.4889 0.4068 0.0250  0.0579  -0.0154 17 ILE A CB  
237 C CG1 . ILE A 17 ? 0.5952 0.5415 0.4613 0.0172  0.0296  -0.0344 17 ILE A CG1 
238 C CG2 . ILE A 17 ? 0.5875 0.5575 0.4575 0.0430  0.0614  -0.0010 17 ILE A CG2 
239 C CD1 . ILE A 17 ? 0.7607 0.6956 0.6358 0.0094  0.0273  -0.0397 17 ILE A CD1 
251 N N   . GLY A 18 ? 0.4105 0.3917 0.3397 0.0039  0.0838  -0.0112 18 GLY A N   
252 C CA  . GLY A 18 ? 0.4069 0.3951 0.3425 -0.0030 0.0853  -0.0089 18 GLY A CA  
253 C C   . GLY A 18 ? 0.4477 0.4076 0.3585 0.0028  0.0740  -0.0099 18 GLY A C   
254 O O   . GLY A 18 ? 0.4815 0.4142 0.3609 0.0228  0.0766  -0.0137 18 GLY A O   
258 N N   . LEU A 19 ? 0.4704 0.4420 0.4030 -0.0117 0.0622  -0.0067 19 LEU A N   
259 C CA  . LEU A 19 ? 0.5205 0.4658 0.4600 -0.0083 0.0515  -0.0080 19 LEU A CA  
260 C C   . LEU A 19 ? 0.4541 0.4080 0.4165 -0.0089 0.0631  0.0105  19 LEU A C   
261 O O   . LEU A 19 ? 0.4142 0.4114 0.3986 -0.0200 0.0692  0.0292  19 LEU A O   
262 C CB  . LEU A 19 ? 0.6120 0.5646 0.5866 -0.0224 0.0328  -0.0058 19 LEU A CB  
263 C CG  . LEU A 19 ? 0.8732 0.8032 0.8340 -0.0184 0.0130  -0.0287 19 LEU A CG  
264 C CD1 . LEU A 19 ? 0.5874 0.5423 0.5871 -0.0358 0.0032  -0.0177 19 LEU A CD1 
265 C CD2 . LEU A 19 ? 0.9711 0.8634 0.9360 -0.0062 -0.0049 -0.0539 19 LEU A CD2 
296 N N   . VAL A 21 ? 0.4039 0.3342 0.7098 -0.0438 -0.0451 -0.0836 21 VAL A N   
297 C CA  . VAL A 21 ? 0.4726 0.4016 0.8676 -0.0525 -0.0522 -0.0790 21 VAL A CA  
298 C C   . VAL A 21 ? 0.4621 0.3795 0.8759 -0.0521 -0.0451 -0.0653 21 VAL A C   
299 O O   . VAL A 21 ? 0.5054 0.4142 0.9209 -0.0490 -0.0357 -0.0285 21 VAL A O   
300 C CB  . VAL A 21 ? 0.5488 0.4840 0.9627 -0.0504 -0.0454 -0.0357 21 VAL A CB  
301 C CG1 . VAL A 21 ? 0.5300 0.4734 1.0600 -0.0523 -0.0442 -0.0188 21 VAL A CG1 
302 C CG2 . VAL A 21 ? 0.5449 0.4954 0.9181 -0.0470 -0.0500 -0.0448 21 VAL A CG2 
312 N N   . ORN B 1  ? 0.4151 0.3733 0.3515 -0.0967 -0.0353 0.0443  1  ORN B N   
313 C CA  . ORN B 1  ? 0.3901 0.3521 0.3456 -0.0783 -0.0232 0.0459  1  ORN B CA  
314 C CB  . ORN B 1  ? 0.3941 0.4010 0.3810 -0.0625 -0.0340 0.0401  1  ORN B CB  
315 C CG  . ORN B 1  ? 0.3539 0.3980 0.3522 -0.0794 -0.0262 0.0284  1  ORN B CG  
316 C CD  . ORN B 1  ? 0.4266 0.4471 0.3990 -0.0949 -0.0010 0.0353  1  ORN B CD  
317 N NE  . ORN B 1  ? 0.3931 0.4158 0.3664 -0.0810 0.0003  0.0402  1  ORN B NE  
318 C C   . ORN B 1  ? 0.3713 0.3076 0.3213 -0.0686 -0.0204 0.0461  1  ORN B C   
319 O O   . ORN B 1  ? 0.4278 0.3401 0.3547 -0.0776 -0.0273 0.0456  1  ORN B O   
331 N N   . CYS B 2  ? 0.3976 0.3380 0.3633 -0.0537 -0.0109 0.0451  2  CYS B N   
332 C CA  . CYS B 2  ? 0.3462 0.2805 0.3198 -0.0450 -0.0059 0.0356  2  CYS B CA  
333 C C   . CYS B 2  ? 0.3403 0.3020 0.3315 -0.0262 -0.0128 0.0347  2  CYS B C   
334 O O   . CYS B 2  ? 0.3883 0.3732 0.3868 -0.0193 -0.0174 0.0409  2  CYS B O   
335 C CB  . CYS B 2  ? 0.4078 0.3307 0.3948 -0.0402 0.0054  0.0270  2  CYS B CB  
336 S SG  . CYS B 2  ? 0.4142 0.3049 0.3898 -0.0638 0.0215  0.0187  2  CYS B SG  
341 N N   . VAL B 3  ? 0.3560 0.3156 0.3503 -0.0254 -0.0086 0.0220  3  VAL B N   
342 C CA  . VAL B 3  ? 0.3481 0.3351 0.3601 -0.0121 -0.0101 0.0144  3  VAL B CA  
343 C C   . VAL B 3  ? 0.3678 0.3781 0.3995 0.0005  -0.0087 0.0065  3  VAL B C   
344 O O   . VAL B 3  ? 0.3620 0.3714 0.4072 -0.0013 -0.0009 -0.0120 3  VAL B O   
345 C CB  . VAL B 3  ? 0.3321 0.2991 0.3317 -0.0225 -0.0042 0.0015  3  VAL B CB  
346 C CG1 . VAL B 3  ? 0.4022 0.4012 0.4231 -0.0128 -0.0003 -0.0126 3  VAL B CG1 
347 C CG2 . VAL B 3  ? 0.4937 0.4232 0.4676 -0.0274 -0.0187 0.0146  3  VAL B CG2 
357 N N   . PHE B 4  ? 0.3270 0.3588 0.3597 0.0116  -0.0184 0.0172  4  PHE B N   
358 C CA  . PHE B 4  ? 0.3570 0.4062 0.3983 0.0277  -0.0299 0.0152  4  PHE B CA  
359 C C   . PHE B 4  ? 0.2807 0.3722 0.3329 0.0292  -0.0298 0.0008  4  PHE B C   
360 O O   . PHE B 4  ? 0.3039 0.4037 0.3524 0.0191  -0.0215 -0.0010 4  PHE B O   
361 C CB  . PHE B 4  ? 0.3883 0.4170 0.3982 0.0298  -0.0428 0.0410  4  PHE B CB  
362 C CG  . PHE B 4  ? 0.5122 0.4945 0.5137 0.0328  -0.0449 0.0514  4  PHE B CG  
363 C CD1 . PHE B 4  ? 0.4583 0.4247 0.4697 0.0208  -0.0291 0.0428  4  PHE B CD1 
364 C CD2 . PHE B 4  ? 0.8068 0.7528 0.7830 0.0453  -0.0643 0.0700  4  PHE B CD2 
365 C CE1 . PHE B 4  ? 0.5290 0.4548 0.5354 0.0194  -0.0261 0.0466  4  PHE B CE1 
366 C CE2 . PHE B 4  ? 0.8555 0.7485 0.8254 0.0487  -0.0645 0.0768  4  PHE B CE2 
367 C CZ  . PHE B 4  ? 0.5755 0.4638 0.5658 0.0349  -0.0422 0.0619  4  PHE B CZ  
377 C C1  . MEA B 5  ? 0.4945 0.6117 0.5856 0.0631  -0.0564 -0.0189 5  MEA B C1  
378 N N   . MEA B 5  ? 0.3665 0.4881 0.4376 0.0428  -0.0403 -0.0141 5  MEA B N   
379 C CA  . MEA B 5  ? 0.2697 0.4370 0.3456 0.0401  -0.0412 -0.0281 5  MEA B CA  
380 C C   . MEA B 5  ? 0.2935 0.4732 0.3446 0.0514  -0.0700 -0.0104 5  MEA B C   
381 O O   . MEA B 5  ? 0.3195 0.5031 0.3834 0.0749  -0.0962 -0.0116 5  MEA B O   
382 C CB  . MEA B 5  ? 0.3567 0.5581 0.4678 0.0388  -0.0306 -0.0650 5  MEA B CB  
383 C CG  . MEA B 5  ? 0.3981 0.5683 0.5048 0.0167  -0.0021 -0.0770 5  MEA B CG  
384 C CD1 . MEA B 5  ? 0.6154 0.7567 0.7249 0.0079  0.0090  -0.0865 5  MEA B CD1 
385 C CE1 . MEA B 5  ? 0.5539 0.6510 0.6365 -0.0181 0.0296  -0.0916 5  MEA B CE1 
386 C CZ  . MEA B 5  ? 0.5413 0.6185 0.6039 -0.0263 0.0347  -0.0869 5  MEA B CZ  
387 C CE2 . MEA B 5  ? 0.5129 0.6274 0.5902 -0.0133 0.0271  -0.0844 5  MEA B CE2 
388 C CD2 . MEA B 5  ? 0.4645 0.6278 0.5591 0.0033  0.0110  -0.0798 5  MEA B CD2 
400 N N   . CYS B 6  ? 0.3556 0.5380 0.3695 0.0335  -0.0673 0.0034  6  CYS B N   
401 C CA  . CYS B 6  ? 0.3676 0.5442 0.3305 0.0316  -0.0936 0.0255  6  CYS B CA  
402 C C   . CYS B 6  ? 0.4155 0.6399 0.3587 0.0081  -0.0873 0.0124  6  CYS B C   
403 O O   . CYS B 6  ? 0.3642 0.6175 0.3325 -0.0093 -0.0569 -0.0113 6  CYS B O   
404 C CB  . CYS B 6  ? 0.4786 0.5962 0.3881 0.0167  -0.0930 0.0573  6  CYS B CB  
405 S SG  . CYS B 6  ? 0.5230 0.5841 0.4519 0.0333  -0.0907 0.0685  6  CYS B SG  
410 N N   . GLU B 7  ? 0.4393 0.6662 0.3343 0.0079  -0.1192 0.0277  7  GLU B N   
411 C CA  . GLU B 7  ? 0.4741 0.7408 0.3300 -0.0249 -0.1136 0.0181  7  GLU B CA  
412 C C   . GLU B 7  ? 0.5322 0.7815 0.3494 -0.0661 -0.0819 0.0218  7  GLU B C   
413 O O   . GLU B 7  ? 0.6291 0.8212 0.4085 -0.0728 -0.0828 0.0478  7  GLU B O   
414 C CB  . GLU B 7  ? 0.5581 0.8154 0.3486 -0.0199 -0.1634 0.0423  7  GLU B CB  
415 C CG  . GLU B 7  ? 0.6048 0.9051 0.4488 0.0216  -0.1989 0.0254  7  GLU B CG  
416 C CD  . GLU B 7  ? 0.7754 1.0703 0.5539 0.0303  -0.2590 0.0489  7  GLU B CD  
417 O OE1 . GLU B 7  ? 0.9763 1.2063 0.7279 0.0638  -0.3062 0.0825  7  GLU B OE1 
418 O OE2 . GLU B 7  ? 0.9022 1.2518 0.6536 0.0038  -0.2614 0.0335  7  GLU B OE2 
425 N N   . ASP B 8  ? 0.4364 0.5958 0.4766 -0.0183 0.0309  0.1111  8  ASP B N   
426 C CA  . ASP B 8  ? 0.4507 0.6119 0.4950 -0.0288 0.0629  0.0602  8  ASP B CA  
427 C C   . ASP B 8  ? 0.6001 0.8072 0.5947 -0.0648 0.0871  0.0948  8  ASP B C   
428 O O   . ASP B 8  ? 0.6654 0.9114 0.5880 -0.0952 0.0828  0.0916  8  ASP B O   
429 C CB  . ASP B 8  ? 0.4931 0.6502 0.5152 -0.0311 0.0535  -0.0156 8  ASP B CB  
430 C CG  . ASP B 8  ? 0.6401 0.8023 0.6886 -0.0366 0.0860  -0.0781 8  ASP B CG  
431 O OD1 . ASP B 8  ? 0.5271 0.6990 0.6052 -0.0432 0.1185  -0.0630 8  ASP B OD1 
432 O OD2 . ASP B 8  ? 0.5938 0.7506 0.6369 -0.0348 0.0792  -0.1443 8  ASP B OD2 
437 N N   . VAL B 9  ? 0.5427 0.7404 0.5680 -0.0662 0.1127  0.1286  9  VAL B N   
438 C CA  . VAL B 9  ? 0.6396 0.8701 0.6094 -0.1071 0.1385  0.1591  9  VAL B CA  
439 C C   . VAL B 9  ? 0.7056 0.9646 0.6468 -0.1356 0.1707  0.0846  9  VAL B C   
440 O O   . VAL B 9  ? 0.9070 1.1520 0.9068 -0.1178 0.1867  0.0169  9  VAL B O   
441 C CB  . VAL B 9  ? 0.6636 0.8679 0.6725 -0.1044 0.1617  0.2039  9  VAL B CB  
442 C CG1 . VAL B 9  ? 0.6173 0.7842 0.6835 -0.0657 0.1347  0.2569  9  VAL B CG1 
443 C CG2 . VAL B 9  ? 0.7331 0.9234 0.7981 -0.1007 0.2012  0.1417  9  VAL B CG2 
453 N N   . GLY B 10 ? 1.0299 1.3292 0.8828 -0.1814 0.1788  0.0949  10 GLY B N   
454 C CA  . GLY B 10 ? 1.2167 1.5475 1.0393 -0.2133 0.2141  0.0205  10 GLY B CA  
455 C C   . GLY B 10 ? 1.2278 1.5741 1.0096 -0.2153 0.1907  -0.0216 10 GLY B C   
456 O O   . GLY B 10 ? 1.2976 1.6798 1.0035 -0.2597 0.2083  -0.0450 10 GLY B O   
460 N N   . SER B 11 ? 0.8532 1.1691 0.6789 -0.1720 0.1527  -0.0334 11 SER B N   
461 C CA  . SER B 11 ? 1.0638 1.3862 0.8447 -0.1748 0.1254  -0.0652 11 SER B CA  
462 C C   . SER B 11 ? 1.4319 1.7937 1.1117 -0.2179 0.1122  -0.0125 11 SER B C   
463 O O   . SER B 11 ? 1.3437 1.7115 1.0077 -0.2225 0.0946  0.0680  11 SER B O   
464 C CB  . SER B 11 ? 0.9500 1.2292 0.7767 -0.1303 0.0824  -0.0610 11 SER B CB  
465 O OG  . SER B 11 ? 1.1268 1.4175 0.8913 -0.1418 0.0492  -0.0528 11 SER B OG  
471 N N   . ASN B 12 ? 2.0531 2.4398 1.6659 -0.2499 0.1185  -0.0590 12 ASN B N   
472 C CA  . ASN B 12 ? 2.1519 2.5773 1.6589 -0.3006 0.1096  -0.0184 12 ASN B CA  
473 C C   . ASN B 12 ? 2.2142 2.6313 1.7105 -0.2862 0.0550  0.0096  12 ASN B C   
474 O O   . ASN B 12 ? 2.1861 2.6146 1.6430 -0.3112 0.0365  0.0410  12 ASN B O   
475 C CB  . ASN B 12 ? 2.1672 2.6020 1.6458 -0.3353 0.1422  -0.0844 12 ASN B CB  
476 C CG  . ASN B 12 ? 2.2718 2.7172 1.7654 -0.3571 0.1967  -0.1084 12 ASN B CG  
477 O OD1 . ASN B 12 ? 2.5587 3.0046 2.0420 -0.3695 0.2038  -0.0478 12 ASN B OD1 
478 N ND2 . ASN B 12 ? 2.1944 2.6421 1.7255 -0.3588 0.2319  -0.1963 12 ASN B ND2 
485 N N   . LYS B 13 ? 1.5330 1.9284 1.0687 -0.2481 0.0303  -0.0048 13 LYS B N   
486 C CA  . LYS B 13 ? 1.4014 1.7819 0.9433 -0.2338 -0.0134 0.0113  13 LYS B CA  
487 C C   . LYS B 13 ? 1.2246 1.5933 0.8159 -0.1987 -0.0433 0.0563  13 LYS B C   
488 O O   . LYS B 13 ? 1.1296 1.4686 0.7470 -0.1764 -0.0673 0.0382  13 LYS B O   
489 C CB  . LYS B 13 ? 1.6404 1.9857 1.1880 -0.2237 -0.0137 -0.0625 13 LYS B CB  
490 C CG  . LYS B 13 ? 1.6131 1.9193 1.2089 -0.1922 -0.0045 -0.1268 13 LYS B CG  
491 C CD  . LYS B 13 ? 1.5722 1.8601 1.1801 -0.1945 0.0221  -0.2003 13 LYS B CD  
492 C CE  . LYS B 13 ? 1.3309 1.5598 1.0125 -0.1507 0.0162  -0.2531 13 LYS B CE  
493 N NZ  . LYS B 13 ? 1.2959 1.5042 1.0009 -0.1462 0.0324  -0.3066 13 LYS B NZ  
507 N N   . GLY B 14 ? 0.8840 1.2596 0.5099 -0.1888 -0.0378 0.1147  14 GLY B N   
508 C CA  . GLY B 14 ? 0.7159 1.0712 0.4162 -0.1504 -0.0604 0.1586  14 GLY B CA  
509 C C   . GLY B 14 ? 0.6353 0.9393 0.3900 -0.1155 -0.0657 0.1065  14 GLY B C   
510 O O   . GLY B 14 ? 0.7639 1.0631 0.5210 -0.1078 -0.0947 0.1087  14 GLY B O   
514 N N   . ALA B 15 ? 0.5726 0.8373 0.3691 -0.0980 -0.0393 0.0590  15 ALA B N   
515 C CA  . ALA B 15 ? 0.4980 0.7044 0.3377 -0.0689 -0.0486 0.0088  15 ALA B CA  
516 C C   . ALA B 15 ? 0.4361 0.6085 0.3522 -0.0377 -0.0485 0.0420  15 ALA B C   
517 O O   . ALA B 15 ? 0.5714 0.7525 0.5230 -0.0325 -0.0280 0.0807  15 ALA B O   
518 C CB  . ALA B 15 ? 0.6722 0.8537 0.5238 -0.0653 -0.0267 -0.0645 15 ALA B CB  
524 N N   . ILE B 16 ? 0.4357 0.5654 0.3709 -0.0214 -0.0701 0.0256  16 ILE B N   
525 C CA  . ILE B 16 ? 0.4122 0.4989 0.4151 0.0044  -0.0674 0.0420  16 ILE B CA  
526 C C   . ILE B 16 ? 0.4535 0.4707 0.4712 0.0175  -0.0715 -0.0206 16 ILE B C   
527 O O   . ILE B 16 ? 0.5213 0.5131 0.4962 0.0099  -0.0933 -0.0650 16 ILE B O   
528 C CB  . ILE B 16 ? 0.4774 0.5718 0.4904 0.0062  -0.0879 0.0775  16 ILE B CB  
529 C CG1 . ILE B 16 ? 0.5504 0.7186 0.5347 -0.0112 -0.0993 0.1295  16 ILE B CG1 
530 C CG2 . ILE B 16 ? 0.6836 0.7460 0.7722 0.0295  -0.0747 0.1035  16 ILE B CG2 
531 C CD1 . ILE B 16 ? 0.9270 1.1142 0.9166 -0.0143 -0.1235 0.1477  16 ILE B CD1 
543 N N   . ILE B 17 ? 0.4096 0.3927 0.4855 0.0355  -0.0538 -0.0233 17 ILE B N   
544 C CA  . ILE B 17 ? 0.4077 0.3270 0.5030 0.0476  -0.0613 -0.0802 17 ILE B CA  
545 C C   . ILE B 17 ? 0.3748 0.2509 0.5150 0.0590  -0.0539 -0.0619 17 ILE B C   
546 O O   . ILE B 17 ? 0.4085 0.2974 0.5885 0.0665  -0.0359 -0.0160 17 ILE B O   
547 C CB  . ILE B 17 ? 0.4972 0.4345 0.6120 0.0489  -0.0410 -0.1169 17 ILE B CB  
548 C CG1 . ILE B 17 ? 0.5045 0.4676 0.6676 0.0522  -0.0051 -0.0797 17 ILE B CG1 
549 C CG2 . ILE B 17 ? 0.6141 0.6025 0.6734 0.0286  -0.0390 -0.1355 17 ILE B CG2 
550 C CD1 . ILE B 17 ? 0.5834 0.5596 0.7797 0.0520  0.0191  -0.1219 17 ILE B CD1 
562 N N   . GLY B 18 ? 0.4514 0.3269 0.5507 0.0431  -0.0527 -0.0697 18 GLY B N   
563 C CA  . GLY B 18 ? 0.3390 0.2217 0.4626 0.0392  -0.0467 -0.0587 18 GLY B CA  
564 C C   . GLY B 18 ? 0.4013 0.2909 0.5568 0.0438  -0.0291 -0.0604 18 GLY B C   
565 O O   . GLY B 18 ? 0.4204 0.3132 0.5766 0.0492  -0.0235 -0.0780 18 GLY B O   
569 N N   . LEU B 19 ? 0.3981 0.2933 0.5826 0.0398  -0.0182 -0.0457 19 LEU B N   
570 C CA  . LEU B 19 ? 0.4057 0.3102 0.6268 0.0399  -0.0013 -0.0463 19 LEU B CA  
571 C C   . LEU B 19 ? 0.3951 0.3110 0.6494 0.0297  -0.0026 -0.0464 19 LEU B C   
572 O O   . LEU B 19 ? 0.3811 0.2970 0.6382 0.0258  0.0031  -0.0308 19 LEU B O   
573 C CB  . LEU B 19 ? 0.3707 0.2735 0.5979 0.0493  0.0232  -0.0172 19 LEU B CB  
574 C CG  . LEU B 19 ? 0.4264 0.3378 0.6921 0.0497  0.0475  -0.0146 19 LEU B CG  
575 C CD1 . LEU B 19 ? 0.5472 0.4689 0.8405 0.0540  0.0566  -0.0475 19 LEU B CD1 
576 C CD2 . LEU B 19 ? 0.4864 0.4056 0.7959 0.0537  0.0768  0.0332  19 LEU B CD2 
607 N N   . VAL B 21 ? 0.2908 0.3212 0.2849 -0.0347 -0.0136 0.0448  21 VAL B N   
608 C CA  . VAL B 21 ? 0.3426 0.3451 0.3042 -0.0527 -0.0047 0.0559  21 VAL B CA  
609 C C   . VAL B 21 ? 0.3864 0.3747 0.3487 -0.0635 -0.0021 0.0536  21 VAL B C   
610 O O   . VAL B 21 ? 0.3649 0.3211 0.3228 -0.0592 -0.0018 0.0574  21 VAL B O   
611 C CB  . VAL B 21 ? 0.4109 0.3704 0.3472 -0.0413 -0.0092 0.0720  21 VAL B CB  
612 C CG1 . VAL B 21 ? 0.5248 0.4320 0.4179 -0.0593 -0.0023 0.0863  21 VAL B CG1 
613 C CG2 . VAL B 21 ? 0.4627 0.4419 0.3917 -0.0333 -0.0173 0.0742  21 VAL B CG2 
642 N N   . CYS C 2  ? 0.4086 0.5324 0.5229 -0.1019 0.0085  0.1565  2  CYS C N   
643 C CA  . CYS C 2  ? 0.3924 0.4731 0.4211 -0.0491 0.0238  0.1350  2  CYS C CA  
644 C C   . CYS C 2  ? 0.3939 0.4081 0.4282 -0.0674 0.0383  0.1411  2  CYS C C   
645 O O   . CYS C 2  ? 0.5667 0.5878 0.6866 -0.1132 0.0319  0.1481  2  CYS C O   
646 C CB  . CYS C 2  ? 0.4306 0.5963 0.4913 -0.0127 0.0109  0.0992  2  CYS C CB  
647 S SG  . CYS C 2  ? 0.4046 0.6758 0.4761 0.0064  -0.0077 0.0927  2  CYS C SG  
652 N N   . VAL C 3  ? 0.4748 0.4276 0.4118 -0.0253 0.0576  0.1346  3  VAL C N   
653 C CA  . VAL C 3  ? 0.5170 0.4146 0.4490 -0.0358 0.0741  0.1427  3  VAL C CA  
654 C C   . VAL C 3  ? 0.5643 0.5086 0.5187 0.0039  0.0728  0.1092  3  VAL C C   
655 O O   . VAL C 3  ? 0.5639 0.5213 0.4515 0.0609  0.0759  0.0869  3  VAL C O   
656 C CB  . VAL C 3  ? 0.6597 0.4584 0.4725 -0.0218 0.0932  0.1603  3  VAL C CB  
657 C CG1 . VAL C 3  ? 0.7806 0.5659 0.6156 -0.0358 0.0953  0.1588  3  VAL C CG1 
658 C CG2 . VAL C 3  ? 0.7187 0.5300 0.5536 -0.0527 0.0671  0.1655  3  VAL C CG2 
668 N N   . PHE C 4  ? 0.4488 0.4207 0.4948 -0.0225 0.0670  0.1041  4  PHE C N   
669 C CA  . PHE C 4  ? 0.4329 0.4392 0.4962 0.0151  0.0659  0.0719  4  PHE C CA  
670 C C   . PHE C 4  ? 0.4475 0.3944 0.4626 0.0229  0.0920  0.0891  4  PHE C C   
671 O O   . PHE C 4  ? 0.5149 0.4210 0.5453 -0.0218 0.1015  0.1223  4  PHE C O   
672 C CB  . PHE C 4  ? 0.4418 0.5139 0.6308 -0.0124 0.0405  0.0520  4  PHE C CB  
673 C CG  . PHE C 4  ? 0.5254 0.6699 0.7614 -0.0116 0.0135  0.0292  4  PHE C CG  
674 C CD1 . PHE C 4  ? 0.6177 0.7720 0.8334 -0.0247 0.0097  0.0467  4  PHE C CD1 
675 C CD2 . PHE C 4  ? 0.3566 0.5626 0.6571 0.0016  -0.0093 -0.0094 4  PHE C CD2 
676 C CE1 . PHE C 4  ? 0.6177 0.8513 0.8797 -0.0254 -0.0142 0.0302  4  PHE C CE1 
677 C CE2 . PHE C 4  ? 0.3436 0.6214 0.6913 -0.0042 -0.0355 -0.0274 4  PHE C CE2 
678 C CZ  . PHE C 4  ? 0.5119 0.8085 0.8425 -0.0184 -0.0369 -0.0054 4  PHE C CZ  
688 C C1  . MEA C 5  ? 0.5070 0.5118 0.4540 0.1316  0.0916  0.0281  5  MEA C C1  
689 N N   . MEA C 5  ? 0.5085 0.4556 0.4646 0.0790  0.1039  0.0694  5  MEA C N   
690 C CA  . MEA C 5  ? 0.5061 0.4069 0.4172 0.0883  0.1298  0.0891  5  MEA C CA  
691 C C   . MEA C 5  ? 0.5755 0.5323 0.5659 0.0977  0.1224  0.0653  5  MEA C C   
692 O O   . MEA C 5  ? 0.5243 0.5235 0.5055 0.1501  0.1165  0.0280  5  MEA C O   
693 C CB  . MEA C 5  ? 0.6280 0.4879 0.4203 0.1433  0.1504  0.0896  5  MEA C CB  
694 C CG  . MEA C 5  ? 0.6582 0.4557 0.3716 0.1349  0.1540  0.1107  5  MEA C CG  
695 C CD1 . MEA C 5  ? 0.8762 0.6916 0.5356 0.1804  0.1461  0.0882  5  MEA C CD1 
696 C CE1 . MEA C 5  ? 1.0797 0.8365 0.6614 0.1790  0.1488  0.1065  5  MEA C CE1 
697 C CZ  . MEA C 5  ? 0.9600 0.6605 0.5600 0.1205  0.1448  0.1287  5  MEA C CZ  
698 C CE2 . MEA C 5  ? 0.8415 0.5408 0.5050 0.0706  0.1465  0.1456  5  MEA C CE2 
699 C CD2 . MEA C 5  ? 0.8729 0.5986 0.5687 0.0819  0.1632  0.1515  5  MEA C CD2 
711 N N   . CYS C 6  ? 0.4490 0.4061 0.5117 0.0509  0.1217  0.0856  6  CYS C N   
712 C CA  . CYS C 6  ? 0.4082 0.4160 0.5531 0.0573  0.1097  0.0621  6  CYS C CA  
713 C C   . CYS C 6  ? 0.4084 0.4020 0.5632 0.0417  0.1304  0.0929  6  CYS C C   
714 O O   . CYS C 6  ? 0.5061 0.4569 0.6394 0.0009  0.1466  0.1363  6  CYS C O   
715 C CB  . CYS C 6  ? 0.4531 0.4966 0.7032 0.0170  0.0786  0.0489  6  CYS C CB  
716 S SG  . CYS C 6  ? 0.4262 0.5027 0.6803 0.0229  0.0529  0.0213  6  CYS C SG  
721 N N   . GLU C 7  ? 0.4078 0.4417 0.5932 0.0761  0.1288  0.0697  7  GLU C N   
722 C CA  . GLU C 7  ? 0.4089 0.4495 0.6181 0.0646  0.1456  0.0968  7  GLU C CA  
723 C C   . GLU C 7  ? 0.4752 0.5158 0.7672 0.0014  0.1345  0.1204  7  GLU C C   
724 O O   . GLU C 7  ? 0.4101 0.4673 0.7708 -0.0171 0.1069  0.0989  7  GLU C O   
725 C CB  . GLU C 7  ? 0.4437 0.5351 0.6788 0.1183  0.1397  0.0601  7  GLU C CB  
726 C CG  . GLU C 7  ? 0.6408 0.7418 0.7944 0.1861  0.1526  0.0378  7  GLU C CG  
727 C CD  . GLU C 7  ? 0.7717 0.9265 0.9560 0.2415  0.1380  -0.0098 7  GLU C CD  
728 O OE1 . GLU C 7  ? 0.6305 0.8061 0.8868 0.2355  0.1049  -0.0477 7  GLU C OE1 
729 O OE2 . GLU C 7  ? 0.8681 1.0429 1.0030 0.2910  0.1589  -0.0085 7  GLU C OE2 
736 N N   . ASP C 8  ? 0.6011 0.6345 0.9271 0.2185  0.1229  0.1090  8  ASP C N   
737 C CA  . ASP C 8  ? 0.5297 0.6059 0.8901 0.2541  0.0964  0.1439  8  ASP C CA  
738 C C   . ASP C 8  ? 0.5722 0.6520 0.9709 0.2938  0.1065  0.1282  8  ASP C C   
739 O O   . ASP C 8  ? 0.8847 1.0324 1.3303 0.3028  0.1241  0.1062  8  ASP C O   
740 C CB  . ASP C 8  ? 0.5378 0.7329 0.9455 0.2480  0.0694  0.1663  8  ASP C CB  
741 C CG  . ASP C 8  ? 0.5419 0.7645 0.9627 0.2740  0.0321  0.2017  8  ASP C CG  
742 O OD1 . ASP C 8  ? 0.7936 0.9499 1.1987 0.3004  0.0302  0.2117  8  ASP C OD1 
743 O OD2 . ASP C 8  ? 0.7704 1.0771 1.2125 0.2625  -0.0001 0.2159  8  ASP C OD2 
748 N N   . VAL C 9  ? 0.8851 0.8968 1.2658 0.3154  0.0931  0.1368  9  VAL C N   
749 C CA  . VAL C 9  ? 1.1001 1.1143 1.5241 0.3575  0.0931  0.1193  9  VAL C CA  
750 C C   . VAL C 9  ? 1.0094 1.1141 1.5085 0.3929  0.0724  0.1392  9  VAL C C   
751 O O   . VAL C 9  ? 0.9811 1.1160 1.5353 0.4306  0.0742  0.1177  9  VAL C O   
752 C CB  . VAL C 9  ? 1.1779 1.0923 1.5632 0.3660  0.0765  0.1208  9  VAL C CB  
753 C CG1 . VAL C 9  ? 1.2668 1.1625 1.6367 0.3675  0.0447  0.1682  9  VAL C CG1 
754 C CG2 . VAL C 9  ? 1.3202 1.2314 1.7488 0.4114  0.0725  0.0934  9  VAL C CG2 
764 N N   . GLY C 10 ? 1.1199 1.2718 1.6214 0.3806  0.0478  0.1756  10 GLY C N   
765 C CA  . GLY C 10 ? 1.0530 1.3001 1.6220 0.4030  0.0223  0.1904  10 GLY C CA  
766 C C   . GLY C 10 ? 1.0480 1.3994 1.6591 0.3815  0.0369  0.1734  10 GLY C C   
767 O O   . GLY C 10 ? 0.9639 1.3931 1.6049 0.3726  0.0087  0.1907  10 GLY C O   
771 N N   . SER C 11 ? 1.2483 1.5974 1.8548 0.3678  0.0776  0.1377  11 SER C N   
772 C CA  . SER C 11 ? 1.1710 1.6139 1.8110 0.3399  0.0960  0.1188  11 SER C CA  
773 C C   . SER C 11 ? 1.3318 1.7786 1.9887 0.3539  0.1380  0.0746  11 SER C C   
774 O O   . SER C 11 ? 1.1367 1.4955 1.7376 0.3518  0.1590  0.0542  11 SER C O   
775 C CB  . SER C 11 ? 0.8229 1.2549 1.4098 0.2862  0.0971  0.1239  11 SER C CB  
776 O OG  . SER C 11 ? 0.7523 1.2264 1.3451 0.2556  0.1285  0.0939  11 SER C OG  
782 N N   . ASN C 12 ? 1.2027 1.7515 1.9329 0.3655  0.1479  0.0569  12 ASN C N   
783 C CA  . ASN C 12 ? 0.8845 1.4503 1.6308 0.3815  0.1874  0.0107  12 ASN C CA  
784 C C   . ASN C 12 ? 0.9257 1.4892 1.6178 0.3338  0.2219  -0.0105 12 ASN C C   
785 O O   . ASN C 12 ? 0.9126 1.4989 1.6063 0.3407  0.2553  -0.0497 12 ASN C O   
786 C CB  . ASN C 12 ? 0.6486 1.3329 1.4954 0.4054  0.1921  -0.0063 12 ASN C CB  
787 C CG  . ASN C 12 ? 0.8463 1.5605 1.7521 0.4341  0.1466  0.0248  12 ASN C CG  
788 O OD1 . ASN C 12 ? 0.7907 1.5885 1.7440 0.4149  0.1296  0.0411  12 ASN C OD1 
789 N ND2 . ASN C 12 ? 0.9189 1.5604 1.8185 0.4782  0.1222  0.0327  12 ASN C ND2 
796 N N   . LYS C 13 ? 1.1821 1.7222 1.8256 0.2855  0.2113  0.0118  13 LYS C N   
797 C CA  . LYS C 13 ? 1.0164 1.5395 1.6014 0.2371  0.2361  -0.0067 13 LYS C CA  
798 C C   . LYS C 13 ? 1.0090 1.4049 1.5100 0.2209  0.2307  -0.0022 13 LYS C C   
799 O O   . LYS C 13 ? 1.0961 1.4644 1.5447 0.1754  0.2415  -0.0129 13 LYS C O   
800 C CB  . LYS C 13 ? 0.8553 1.4669 1.4637 0.1814  0.2255  0.0062  13 LYS C CB  
801 C CG  . LYS C 13 ? 0.7995 1.4269 1.4246 0.1679  0.1770  0.0441  13 LYS C CG  
802 C CD  . LYS C 13 ? 0.7158 1.3977 1.3443 0.1048  0.1592  0.0489  13 LYS C CD  
803 C CE  . LYS C 13 ? 0.7596 1.5409 1.4682 0.1103  0.1522  0.0550  13 LYS C CE  
804 N NZ  . LYS C 13 ? 0.9370 1.7505 1.6443 0.0505  0.1417  0.0578  13 LYS C NZ  
818 N N   . GLY C 14 ? 0.7539 1.0675 1.2401 0.2522  0.2121  0.0127  14 GLY C N   
819 C CA  . GLY C 14 ? 0.7528 0.9433 1.1636 0.2327  0.2061  0.0145  14 GLY C CA  
820 C C   . GLY C 14 ? 0.6275 0.8220 1.0159 0.1803  0.1982  0.0247  14 GLY C C   
821 O O   . GLY C 14 ? 0.7443 0.8479 1.0695 0.1482  0.2035  0.0077  14 GLY C O   
825 N N   . ALA C 15 ? 0.3606 0.6604 0.8004 0.1658  0.1763  0.0488  15 ALA C N   
826 C CA  . ALA C 15 ? 0.3148 0.6324 0.7413 0.1099  0.1531  0.0570  15 ALA C CA  
827 C C   . ALA C 15 ? 0.3574 0.5582 0.7124 0.0994  0.1327  0.0579  15 ALA C C   
828 O O   . ALA C 15 ? 0.5001 0.6613 0.8551 0.1412  0.1274  0.0791  15 ALA C O   
829 C CB  . ALA C 15 ? 0.4629 0.8920 0.9358 0.0979  0.1091  0.0825  15 ALA C CB  
835 N N   . ILE C 16 ? 0.3509 0.4985 0.6484 0.0418  0.1202  0.0357  16 ILE C N   
836 C CA  . ILE C 16 ? 0.2937 0.3373 0.5283 0.0255  0.1041  0.0299  16 ILE C CA  
837 C C   . ILE C 16 ? 0.3975 0.4963 0.6317 0.0029  0.0549  0.0478  16 ILE C C   
838 O O   . ILE C 16 ? 0.2715 0.4335 0.5184 -0.0400 0.0252  0.0401  16 ILE C O   
839 C CB  . ILE C 16 ? 0.3896 0.3434 0.5690 -0.0220 0.1121  -0.0087 16 ILE C CB  
840 C CG1 . ILE C 16 ? 0.5797 0.4695 0.7496 0.0053  0.1589  -0.0292 16 ILE C CG1 
841 C CG2 . ILE C 16 ? 0.4463 0.3346 0.5582 -0.0341 0.0818  -0.0157 16 ILE C CG2 
842 C CD1 . ILE C 16 ? 0.6670 0.5507 0.7847 -0.0373 0.1523  -0.0547 16 ILE C CD1 
854 N N   . ILE C 17 ? 0.3613 0.4371 0.5805 0.0320  0.0440  0.0726  17 ILE C N   
855 C CA  . ILE C 17 ? 0.3687 0.4948 0.5772 0.0186  -0.0009 0.0891  17 ILE C CA  
856 C C   . ILE C 17 ? 0.4657 0.5023 0.6082 0.0067  -0.0025 0.0834  17 ILE C C   
857 O O   . ILE C 17 ? 0.4849 0.4241 0.6013 0.0148  0.0294  0.0750  17 ILE C O   
858 C CB  . ILE C 17 ? 0.3815 0.5866 0.6346 0.0656  -0.0172 0.1318  17 ILE C CB  
859 C CG1 . ILE C 17 ? 0.3335 0.4725 0.5811 0.1182  0.0088  0.1581  17 ILE C CG1 
860 C CG2 . ILE C 17 ? 0.3409 0.6480 0.6712 0.0744  -0.0169 0.1353  17 ILE C CG2 
861 C CD1 . ILE C 17 ? 0.3866 0.5842 0.6661 0.1617  -0.0168 0.2036  17 ILE C CD1 
873 N N   . GLY C 18 ? 0.3541 0.4292 0.4727 -0.0117 -0.0406 0.0871  18 GLY C N   
874 C CA  . GLY C 18 ? 0.3676 0.3808 0.4267 -0.0205 -0.0404 0.0855  18 GLY C CA  
875 C C   . GLY C 18 ? 0.5129 0.5266 0.5604 0.0244  -0.0354 0.1357  18 GLY C C   
876 O O   . GLY C 18 ? 0.5478 0.6407 0.6158 0.0469  -0.0626 0.1656  18 GLY C O   
880 N N   . LEU C 19 ? 0.4249 0.3470 0.4425 0.0359  -0.0047 0.1470  19 LEU C N   
881 C CA  . LEU C 19 ? 0.4812 0.3893 0.4819 0.0720  -0.0025 0.1995  19 LEU C CA  
882 C C   . LEU C 19 ? 0.5270 0.4117 0.4601 0.0462  -0.0057 0.2034  19 LEU C C   
883 O O   . LEU C 19 ? 0.6164 0.4378 0.5261 0.0155  0.0134  0.1681  19 LEU C O   
884 C CB  . LEU C 19 ? 0.5745 0.4128 0.5938 0.0954  0.0262  0.1936  19 LEU C CB  
885 C CG  . LEU C 19 ? 0.6927 0.5634 0.7755 0.1357  0.0310  0.2036  19 LEU C CG  
886 C CD1 . LEU C 19 ? 0.9932 0.8008 1.0781 0.1460  0.0487  0.1852  19 LEU C CD1 
887 C CD2 . LEU C 19 ? 0.8519 0.7997 0.9601 0.1674  0.0012  0.2471  19 LEU C CD2 
899 N N   . ORN C 20 ? 0.5547 0.4961 0.4575 0.0564  -0.0313 0.2357  20 ORN C N   
900 C CA  . ORN C 20 ? 0.6071 0.5404 0.4487 0.0353  -0.0308 0.2344  20 ORN C CA  
901 C CB  . ORN C 20 ? 0.6689 0.6965 0.4844 0.0308  -0.0713 0.2321  20 ORN C CB  
902 C CG  . ORN C 20 ? 0.9909 1.0126 0.7401 0.0282  -0.0686 0.2483  20 ORN C CG  
903 C CD  . ORN C 20 ? 0.9571 1.0552 0.6829 0.0159  -0.1021 0.2166  20 ORN C CD  
904 N NE  . ORN C 20 ? 1.1966 1.2922 0.8568 0.0144  -0.0975 0.2321  20 ORN C NE  
905 C C   . ORN C 20 ? 0.5920 0.4633 0.4131 0.0436  -0.0116 0.2546  20 ORN C C   
906 O O   . ORN C 20 ? 0.8216 0.7027 0.6492 0.0708  -0.0238 0.2900  20 ORN C O   
# 
